data_2HJJ
#
_entry.id   2HJJ
#
_entity_poly.entity_id   1
_entity_poly.type   'polypeptide(L)'
_entity_poly.pdbx_seq_one_letter_code
;MTQSVLLPPGPFTRRQAQAVTTTYSNITLEDDQGSHFRLVVRDTEGRMVWRAWNFEPDAGEGLNRYIRTSGIRTDTATRL
EHHHHHH
;
_entity_poly.pdbx_strand_id   A
#
# COMPACT_ATOMS: atom_id res chain seq x y z
N GLY A 10 4.41 8.68 8.55
CA GLY A 10 5.24 8.82 7.37
C GLY A 10 5.43 7.50 6.63
N PRO A 11 6.65 6.94 6.64
CA PRO A 11 6.93 5.65 6.02
C PRO A 11 6.41 4.49 6.86
N PHE A 12 6.53 3.29 6.32
CA PHE A 12 6.03 2.10 6.99
C PHE A 12 7.11 1.04 7.11
N THR A 13 6.72 -0.12 7.61
CA THR A 13 7.64 -1.24 7.77
C THR A 13 7.11 -2.44 7.01
N ARG A 14 7.93 -3.48 6.89
CA ARG A 14 7.51 -4.73 6.27
C ARG A 14 6.32 -5.32 7.02
N ARG A 15 6.38 -5.22 8.34
CA ARG A 15 5.30 -5.70 9.19
C ARG A 15 4.03 -4.87 8.97
N GLN A 16 4.16 -3.54 9.08
CA GLN A 16 3.02 -2.64 8.90
C GLN A 16 2.37 -2.87 7.54
N ALA A 17 3.20 -2.91 6.49
CA ALA A 17 2.71 -3.16 5.14
C ALA A 17 1.79 -4.38 5.11
N GLN A 18 2.25 -5.48 5.67
CA GLN A 18 1.48 -6.72 5.73
C GLN A 18 0.12 -6.48 6.37
N ALA A 19 0.08 -5.67 7.42
CA ALA A 19 -1.14 -5.42 8.17
C ALA A 19 -2.14 -4.59 7.36
N VAL A 20 -1.63 -3.79 6.43
CA VAL A 20 -2.48 -2.87 5.70
C VAL A 20 -3.00 -3.58 4.49
N THR A 21 -2.30 -4.65 4.16
CA THR A 21 -2.59 -5.42 2.97
C THR A 21 -3.45 -6.61 3.36
N THR A 22 -3.26 -7.02 4.61
CA THR A 22 -4.16 -7.96 5.24
C THR A 22 -5.54 -7.33 5.35
N THR A 23 -5.56 -6.04 5.64
CA THR A 23 -6.79 -5.29 5.68
C THR A 23 -7.29 -5.00 4.27
N TYR A 24 -6.48 -4.35 3.45
CA TYR A 24 -6.89 -4.02 2.11
C TYR A 24 -6.19 -4.94 1.13
N SER A 25 -6.89 -5.96 0.67
CA SER A 25 -6.35 -6.95 -0.25
C SER A 25 -6.13 -6.34 -1.63
N ASN A 26 -6.55 -5.10 -1.79
CA ASN A 26 -6.33 -4.37 -3.02
C ASN A 26 -4.93 -3.79 -3.03
N ILE A 27 -4.23 -3.90 -1.91
CA ILE A 27 -2.83 -3.51 -1.84
C ILE A 27 -1.97 -4.72 -2.19
N THR A 28 -0.73 -4.49 -2.59
CA THR A 28 0.16 -5.60 -2.92
C THR A 28 1.62 -5.20 -2.74
N LEU A 29 2.39 -6.09 -2.12
CA LEU A 29 3.80 -5.83 -1.87
C LEU A 29 4.62 -6.35 -3.05
N GLU A 30 5.18 -5.44 -3.83
CA GLU A 30 6.01 -5.81 -4.97
C GLU A 30 7.32 -5.04 -4.95
N ASP A 31 8.19 -5.35 -5.91
CA ASP A 31 9.51 -4.71 -6.03
C ASP A 31 10.35 -5.00 -4.79
N ASP A 32 10.12 -6.16 -4.20
CA ASP A 32 10.78 -6.55 -2.95
C ASP A 32 12.26 -6.85 -3.17
N GLN A 33 13.09 -6.12 -2.44
CA GLN A 33 14.53 -6.28 -2.49
C GLN A 33 15.07 -6.32 -1.07
N GLY A 34 14.18 -6.58 -0.11
CA GLY A 34 14.57 -6.59 1.29
C GLY A 34 13.92 -5.46 2.06
N SER A 35 14.61 -4.33 2.14
CA SER A 35 14.04 -3.14 2.74
C SER A 35 13.57 -2.20 1.64
N HIS A 36 14.03 -2.48 0.44
CA HIS A 36 13.58 -1.73 -0.74
C HIS A 36 12.43 -2.46 -1.39
N PHE A 37 11.24 -1.90 -1.24
CA PHE A 37 10.03 -2.48 -1.83
C PHE A 37 8.94 -1.43 -1.84
N ARG A 38 7.91 -1.64 -2.64
CA ARG A 38 6.82 -0.68 -2.70
C ARG A 38 5.47 -1.37 -2.76
N LEU A 39 4.48 -0.73 -2.14
CA LEU A 39 3.14 -1.27 -2.12
C LEU A 39 2.34 -0.73 -3.29
N VAL A 40 1.78 -1.64 -4.04
CA VAL A 40 0.96 -1.27 -5.18
C VAL A 40 -0.50 -1.28 -4.78
N VAL A 41 -1.09 -0.09 -4.72
CA VAL A 41 -2.50 0.05 -4.45
C VAL A 41 -3.29 -0.19 -5.73
N ARG A 42 -4.08 -1.25 -5.73
CA ARG A 42 -4.93 -1.58 -6.86
C ARG A 42 -6.38 -1.27 -6.53
N ASP A 43 -7.24 -1.40 -7.52
CA ASP A 43 -8.67 -1.18 -7.33
C ASP A 43 -9.37 -2.51 -7.07
N THR A 44 -10.70 -2.49 -7.14
CA THR A 44 -11.50 -3.67 -6.89
C THR A 44 -11.20 -4.77 -7.90
N GLU A 45 -10.74 -4.38 -9.08
CA GLU A 45 -10.42 -5.33 -10.13
C GLU A 45 -8.96 -5.74 -10.05
N GLY A 46 -8.13 -4.85 -9.51
CA GLY A 46 -6.72 -5.13 -9.41
C GLY A 46 -5.89 -4.31 -10.37
N ARG A 47 -6.45 -3.21 -10.87
CA ARG A 47 -5.71 -2.31 -11.73
C ARG A 47 -4.79 -1.42 -10.91
N MET A 48 -3.62 -1.13 -11.44
CA MET A 48 -2.66 -0.27 -10.75
C MET A 48 -3.21 1.14 -10.61
N VAL A 49 -3.46 1.58 -9.39
CA VAL A 49 -3.94 2.92 -9.15
C VAL A 49 -2.82 3.81 -8.63
N TRP A 50 -1.94 3.23 -7.83
CA TRP A 50 -0.88 3.99 -7.17
C TRP A 50 0.10 3.07 -6.46
N ARG A 51 1.38 3.19 -6.78
CA ARG A 51 2.41 2.43 -6.09
C ARG A 51 3.40 3.36 -5.40
N ALA A 52 3.58 3.18 -4.10
CA ALA A 52 4.48 4.02 -3.33
C ALA A 52 5.51 3.17 -2.59
N TRP A 53 6.73 3.69 -2.50
CA TRP A 53 7.81 2.96 -1.86
C TRP A 53 7.66 2.90 -0.36
N ASN A 54 8.68 2.36 0.26
CA ASN A 54 8.70 2.13 1.70
C ASN A 54 9.52 3.20 2.40
N PHE A 55 10.68 3.51 1.82
CA PHE A 55 11.65 4.41 2.44
C PHE A 55 11.31 5.87 2.15
N GLU A 56 10.12 6.12 1.62
CA GLU A 56 9.69 7.48 1.33
C GLU A 56 9.27 8.17 2.63
N PRO A 57 9.78 9.41 2.84
CA PRO A 57 9.58 10.17 4.08
C PRO A 57 8.13 10.19 4.54
N ASP A 58 7.20 10.25 3.60
CA ASP A 58 5.79 10.15 3.91
C ASP A 58 5.06 9.31 2.88
N ALA A 59 5.43 8.05 2.79
CA ALA A 59 4.78 7.13 1.85
C ALA A 59 3.30 6.99 2.19
N GLY A 60 3.01 6.96 3.49
CA GLY A 60 1.64 6.82 3.96
C GLY A 60 0.75 7.95 3.55
N GLU A 61 1.35 9.11 3.27
CA GLU A 61 0.59 10.30 2.89
C GLU A 61 -0.25 10.01 1.65
N GLY A 62 0.40 9.49 0.61
CA GLY A 62 -0.31 9.19 -0.63
C GLY A 62 -1.21 7.98 -0.48
N LEU A 63 -0.72 6.99 0.26
CA LEU A 63 -1.48 5.77 0.49
C LEU A 63 -2.78 6.07 1.25
N ASN A 64 -2.67 6.87 2.30
CA ASN A 64 -3.83 7.23 3.11
C ASN A 64 -4.83 8.05 2.31
N ARG A 65 -4.33 8.82 1.35
CA ARG A 65 -5.20 9.58 0.47
C ARG A 65 -6.05 8.67 -0.40
N TYR A 66 -5.51 7.53 -0.79
CA TYR A 66 -6.32 6.54 -1.48
C TYR A 66 -7.27 5.87 -0.50
N ILE A 67 -6.73 5.48 0.65
CA ILE A 67 -7.51 4.79 1.68
C ILE A 67 -8.74 5.61 2.08
N ARG A 68 -8.52 6.85 2.50
CA ARG A 68 -9.62 7.76 2.86
C ARG A 68 -10.52 7.14 3.92
N THR A 69 -9.93 6.27 4.72
CA THR A 69 -10.56 5.60 5.86
C THR A 69 -11.74 4.75 5.42
N SER A 70 -11.78 4.48 4.12
CA SER A 70 -12.78 3.62 3.53
C SER A 70 -12.11 2.37 2.99
N GLY A 71 -11.29 2.57 1.97
CA GLY A 71 -10.57 1.48 1.36
C GLY A 71 -11.48 0.48 0.67
N ILE A 72 -10.87 -0.54 0.09
CA ILE A 72 -11.62 -1.57 -0.62
C ILE A 72 -11.96 -2.72 0.32
N ARG A 73 -11.64 -2.53 1.60
CA ARG A 73 -11.94 -3.51 2.64
C ARG A 73 -13.44 -3.76 2.74
N THR A 74 -14.12 -2.91 3.50
CA THR A 74 -15.55 -3.03 3.69
C THR A 74 -16.25 -2.21 2.63
N ASP A 75 -15.61 -1.09 2.27
CA ASP A 75 -16.12 -0.17 1.24
C ASP A 75 -17.44 0.50 1.65
N GLY A 10 5.36 8.75 7.53
CA GLY A 10 5.51 8.70 6.10
C GLY A 10 6.10 7.37 5.66
N PRO A 11 7.38 7.09 5.97
CA PRO A 11 7.96 5.79 5.69
C PRO A 11 7.42 4.74 6.63
N PHE A 12 7.03 3.61 6.08
CA PHE A 12 6.36 2.59 6.87
C PHE A 12 7.27 1.41 7.15
N THR A 13 6.69 0.38 7.71
CA THR A 13 7.41 -0.84 8.05
C THR A 13 6.73 -2.02 7.37
N ARG A 14 7.48 -3.10 7.16
CA ARG A 14 6.93 -4.27 6.49
C ARG A 14 5.78 -4.85 7.31
N ARG A 15 6.02 -5.03 8.59
CA ARG A 15 5.00 -5.48 9.52
C ARG A 15 3.75 -4.61 9.43
N GLN A 16 3.95 -3.29 9.45
CA GLN A 16 2.84 -2.35 9.30
C GLN A 16 2.12 -2.58 7.99
N ALA A 17 2.88 -2.70 6.91
CA ALA A 17 2.33 -2.91 5.57
C ALA A 17 1.43 -4.15 5.53
N GLN A 18 1.92 -5.23 6.12
CA GLN A 18 1.21 -6.50 6.15
C GLN A 18 -0.17 -6.35 6.79
N ALA A 19 -0.23 -5.58 7.87
CA ALA A 19 -1.48 -5.33 8.58
C ALA A 19 -2.47 -4.55 7.71
N VAL A 20 -1.96 -3.82 6.74
CA VAL A 20 -2.80 -2.96 5.92
C VAL A 20 -3.26 -3.78 4.74
N THR A 21 -2.50 -4.82 4.48
CA THR A 21 -2.79 -5.73 3.40
C THR A 21 -3.81 -6.77 3.84
N THR A 22 -3.77 -7.12 5.12
CA THR A 22 -4.79 -7.99 5.69
C THR A 22 -6.11 -7.24 5.77
N THR A 23 -6.02 -5.94 5.99
CA THR A 23 -7.20 -5.09 6.01
C THR A 23 -7.67 -4.74 4.59
N TYR A 24 -6.76 -4.28 3.74
CA TYR A 24 -7.09 -4.03 2.36
C TYR A 24 -6.28 -4.98 1.49
N SER A 25 -6.90 -6.09 1.09
CA SER A 25 -6.18 -7.12 0.37
C SER A 25 -6.10 -6.82 -1.12
N ASN A 26 -6.36 -5.56 -1.46
CA ASN A 26 -6.10 -5.04 -2.79
C ASN A 26 -4.70 -4.46 -2.84
N ILE A 27 -4.16 -4.20 -1.65
CA ILE A 27 -2.79 -3.72 -1.52
C ILE A 27 -1.85 -4.88 -1.82
N THR A 28 -0.69 -4.60 -2.39
CA THR A 28 0.23 -5.65 -2.80
C THR A 28 1.67 -5.24 -2.53
N LEU A 29 2.49 -6.20 -2.15
CA LEU A 29 3.90 -5.93 -1.89
C LEU A 29 4.72 -6.39 -3.08
N GLU A 30 5.25 -5.43 -3.83
CA GLU A 30 6.06 -5.74 -4.99
C GLU A 30 7.50 -5.28 -4.77
N ASP A 31 8.39 -5.82 -5.58
CA ASP A 31 9.81 -5.51 -5.51
C ASP A 31 10.39 -5.79 -4.15
N ASP A 32 10.52 -7.07 -3.82
CA ASP A 32 11.18 -7.48 -2.59
C ASP A 32 12.69 -7.39 -2.75
N GLN A 33 13.22 -6.17 -2.70
CA GLN A 33 14.64 -5.93 -2.85
C GLN A 33 15.27 -5.63 -1.50
N GLY A 34 14.58 -6.05 -0.44
CA GLY A 34 15.08 -5.84 0.91
C GLY A 34 14.77 -4.46 1.43
N SER A 35 15.70 -3.54 1.24
CA SER A 35 15.52 -2.15 1.66
C SER A 35 14.57 -1.44 0.70
N HIS A 36 14.58 -1.89 -0.55
CA HIS A 36 13.70 -1.33 -1.57
C HIS A 36 12.54 -2.28 -1.80
N PHE A 37 11.37 -1.89 -1.33
CA PHE A 37 10.15 -2.64 -1.61
C PHE A 37 8.97 -1.69 -1.67
N ARG A 38 8.00 -1.99 -2.52
CA ARG A 38 6.91 -1.06 -2.74
C ARG A 38 5.55 -1.73 -2.58
N LEU A 39 4.56 -0.93 -2.20
CA LEU A 39 3.20 -1.40 -2.08
C LEU A 39 2.36 -0.82 -3.20
N VAL A 40 1.58 -1.66 -3.84
CA VAL A 40 0.74 -1.24 -4.94
C VAL A 40 -0.73 -1.40 -4.59
N VAL A 41 -1.44 -0.29 -4.58
CA VAL A 41 -2.88 -0.30 -4.33
C VAL A 41 -3.63 -0.47 -5.64
N ARG A 42 -4.32 -1.59 -5.78
CA ARG A 42 -5.12 -1.85 -6.97
C ARG A 42 -6.59 -1.65 -6.65
N ASP A 43 -7.40 -1.53 -7.68
CA ASP A 43 -8.84 -1.33 -7.50
C ASP A 43 -9.59 -2.64 -7.74
N THR A 44 -10.92 -2.54 -7.89
CA THR A 44 -11.75 -3.71 -8.15
C THR A 44 -11.46 -4.33 -9.52
N GLU A 45 -10.92 -3.53 -10.43
CA GLU A 45 -10.57 -4.02 -11.75
C GLU A 45 -9.17 -4.60 -11.72
N GLY A 46 -8.39 -4.19 -10.73
CA GLY A 46 -7.05 -4.68 -10.59
C GLY A 46 -6.02 -3.69 -11.10
N ARG A 47 -6.48 -2.51 -11.49
CA ARG A 47 -5.62 -1.49 -12.02
C ARG A 47 -4.78 -0.89 -10.91
N MET A 48 -3.57 -0.49 -11.23
CA MET A 48 -2.70 0.17 -10.27
C MET A 48 -3.19 1.59 -10.05
N VAL A 49 -3.86 1.80 -8.92
CA VAL A 49 -4.38 3.11 -8.57
C VAL A 49 -3.26 3.99 -8.03
N TRP A 50 -2.39 3.38 -7.23
CA TRP A 50 -1.27 4.09 -6.64
C TRP A 50 -0.25 3.09 -6.10
N ARG A 51 1.02 3.41 -6.26
CA ARG A 51 2.08 2.56 -5.75
C ARG A 51 3.20 3.42 -5.20
N ALA A 52 3.75 3.03 -4.06
CA ALA A 52 4.79 3.80 -3.40
C ALA A 52 5.80 2.87 -2.75
N TRP A 53 7.01 3.36 -2.55
CA TRP A 53 8.07 2.57 -1.94
C TRP A 53 8.03 2.71 -0.43
N ASN A 54 9.14 2.36 0.19
CA ASN A 54 9.23 2.35 1.64
C ASN A 54 10.07 3.53 2.15
N PHE A 55 11.08 3.91 1.37
CA PHE A 55 12.03 4.93 1.81
C PHE A 55 11.49 6.34 1.60
N GLU A 56 10.26 6.44 1.13
CA GLU A 56 9.67 7.73 0.86
C GLU A 56 9.15 8.36 2.16
N PRO A 57 9.53 9.63 2.43
CA PRO A 57 9.25 10.31 3.70
C PRO A 57 7.76 10.47 3.99
N ASP A 58 6.91 10.20 3.01
CA ASP A 58 5.46 10.29 3.21
C ASP A 58 4.74 9.17 2.45
N ALA A 59 5.39 8.01 2.37
CA ALA A 59 4.85 6.87 1.65
C ALA A 59 3.46 6.50 2.18
N GLY A 60 3.32 6.55 3.50
CA GLY A 60 2.06 6.23 4.13
C GLY A 60 0.96 7.18 3.73
N GLU A 61 1.28 8.46 3.61
CA GLU A 61 0.28 9.46 3.27
C GLU A 61 -0.26 9.27 1.87
N GLY A 62 0.50 8.59 1.01
CA GLY A 62 0.00 8.27 -0.32
C GLY A 62 -1.00 7.13 -0.25
N LEU A 63 -0.60 6.06 0.43
CA LEU A 63 -1.48 4.92 0.60
C LEU A 63 -2.72 5.32 1.40
N ASN A 64 -2.49 6.11 2.45
CA ASN A 64 -3.55 6.61 3.30
C ASN A 64 -4.41 7.62 2.58
N ARG A 65 -3.87 8.20 1.51
CA ARG A 65 -4.66 9.08 0.66
C ARG A 65 -5.75 8.26 -0.02
N TYR A 66 -5.38 7.07 -0.47
CA TYR A 66 -6.35 6.14 -1.04
C TYR A 66 -7.33 5.65 0.04
N ILE A 67 -6.79 5.33 1.21
CA ILE A 67 -7.59 4.82 2.32
C ILE A 67 -8.53 5.90 2.85
N ARG A 68 -8.13 7.15 2.69
CA ARG A 68 -8.91 8.28 3.19
C ARG A 68 -10.28 8.29 2.55
N THR A 69 -10.36 7.84 1.31
CA THR A 69 -11.61 7.77 0.60
C THR A 69 -12.11 6.33 0.59
N SER A 70 -12.46 5.87 1.79
CA SER A 70 -13.12 4.58 1.99
C SER A 70 -12.16 3.40 1.96
N GLY A 71 -11.36 3.34 0.90
CA GLY A 71 -10.55 2.15 0.66
C GLY A 71 -11.38 1.04 0.05
N ILE A 72 -10.78 -0.13 -0.10
CA ILE A 72 -11.48 -1.29 -0.69
C ILE A 72 -11.94 -2.26 0.41
N ARG A 73 -11.76 -1.82 1.66
CA ARG A 73 -12.12 -2.61 2.85
C ARG A 73 -13.57 -3.06 2.85
N THR A 74 -14.37 -2.52 1.95
CA THR A 74 -15.76 -2.92 1.78
C THR A 74 -15.85 -4.39 1.41
N ASP A 75 -14.70 -4.99 1.10
CA ASP A 75 -14.67 -6.40 0.70
C ASP A 75 -13.25 -6.93 0.85
N GLY A 10 4.35 8.37 8.33
CA GLY A 10 4.96 8.59 7.02
C GLY A 10 5.46 7.33 6.34
N PRO A 11 6.79 7.14 6.28
CA PRO A 11 7.39 5.93 5.71
C PRO A 11 7.14 4.72 6.62
N PHE A 12 6.84 3.60 6.02
CA PHE A 12 6.45 2.41 6.78
C PHE A 12 7.56 1.39 6.83
N THR A 13 7.22 0.27 7.42
CA THR A 13 8.14 -0.83 7.57
C THR A 13 7.52 -2.11 6.99
N ARG A 14 8.34 -3.13 6.76
CA ARG A 14 7.89 -4.40 6.20
C ARG A 14 6.70 -4.96 6.97
N ARG A 15 6.89 -5.13 8.27
CA ARG A 15 5.83 -5.60 9.15
C ARG A 15 4.59 -4.70 9.07
N GLN A 16 4.82 -3.40 9.11
CA GLN A 16 3.73 -2.43 9.05
C GLN A 16 2.92 -2.59 7.76
N ALA A 17 3.63 -2.69 6.65
CA ALA A 17 2.98 -2.86 5.34
C ALA A 17 2.08 -4.08 5.32
N GLN A 18 2.60 -5.18 5.87
CA GLN A 18 1.86 -6.44 5.92
C GLN A 18 0.51 -6.25 6.59
N ALA A 19 0.49 -5.48 7.68
CA ALA A 19 -0.73 -5.23 8.42
C ALA A 19 -1.74 -4.43 7.61
N VAL A 20 -1.26 -3.68 6.63
CA VAL A 20 -2.13 -2.76 5.90
C VAL A 20 -2.69 -3.49 4.71
N THR A 21 -2.00 -4.57 4.38
CA THR A 21 -2.32 -5.36 3.22
C THR A 21 -3.18 -6.52 3.66
N THR A 22 -2.97 -6.91 4.90
CA THR A 22 -3.85 -7.81 5.59
C THR A 22 -5.22 -7.13 5.74
N THR A 23 -5.18 -5.83 5.98
CA THR A 23 -6.38 -5.02 6.06
C THR A 23 -6.97 -4.76 4.67
N TYR A 24 -6.17 -4.21 3.76
CA TYR A 24 -6.64 -3.94 2.42
C TYR A 24 -5.96 -4.88 1.43
N SER A 25 -6.68 -5.90 1.01
CA SER A 25 -6.14 -6.91 0.11
C SER A 25 -6.04 -6.38 -1.32
N ASN A 26 -6.40 -5.11 -1.50
CA ASN A 26 -6.23 -4.44 -2.78
C ASN A 26 -4.84 -3.81 -2.84
N ILE A 27 -4.14 -3.85 -1.72
CA ILE A 27 -2.75 -3.44 -1.68
C ILE A 27 -1.90 -4.62 -2.13
N THR A 28 -0.75 -4.35 -2.74
CA THR A 28 0.10 -5.42 -3.23
C THR A 28 1.55 -5.08 -3.00
N LEU A 29 2.31 -6.06 -2.54
CA LEU A 29 3.71 -5.86 -2.23
C LEU A 29 4.55 -6.28 -3.45
N GLU A 30 5.10 -5.30 -4.13
CA GLU A 30 5.92 -5.57 -5.30
C GLU A 30 7.33 -5.04 -5.09
N ASP A 31 8.25 -5.50 -5.95
CA ASP A 31 9.67 -5.16 -5.83
C ASP A 31 10.20 -5.57 -4.47
N ASP A 32 9.79 -6.75 -4.03
CA ASP A 32 10.16 -7.26 -2.72
C ASP A 32 11.60 -7.73 -2.71
N GLN A 33 12.47 -6.92 -2.12
CA GLN A 33 13.85 -7.32 -1.91
C GLN A 33 14.06 -7.71 -0.45
N GLY A 34 13.15 -7.25 0.39
CA GLY A 34 13.26 -7.49 1.82
C GLY A 34 13.19 -6.20 2.60
N SER A 35 14.31 -5.51 2.66
CA SER A 35 14.37 -4.20 3.29
C SER A 35 13.67 -3.17 2.39
N HIS A 36 13.81 -3.36 1.09
CA HIS A 36 13.17 -2.48 0.12
C HIS A 36 12.04 -3.19 -0.60
N PHE A 37 10.95 -2.47 -0.81
CA PHE A 37 9.79 -2.97 -1.54
C PHE A 37 8.80 -1.83 -1.70
N ARG A 38 7.84 -1.99 -2.60
CA ARG A 38 6.81 -0.98 -2.79
C ARG A 38 5.42 -1.59 -2.74
N LEU A 39 4.48 -0.85 -2.19
CA LEU A 39 3.10 -1.27 -2.15
C LEU A 39 2.32 -0.62 -3.27
N VAL A 40 1.65 -1.43 -4.04
CA VAL A 40 0.81 -0.96 -5.11
C VAL A 40 -0.65 -1.05 -4.69
N VAL A 41 -1.32 0.09 -4.67
CA VAL A 41 -2.72 0.13 -4.30
C VAL A 41 -3.57 -0.01 -5.55
N ARG A 42 -4.21 -1.16 -5.69
CA ARG A 42 -5.02 -1.45 -6.87
C ARG A 42 -6.50 -1.35 -6.52
N ASP A 43 -7.32 -1.35 -7.55
CA ASP A 43 -8.77 -1.28 -7.35
C ASP A 43 -9.41 -2.64 -7.57
N THR A 44 -10.73 -2.65 -7.74
CA THR A 44 -11.49 -3.87 -7.94
C THR A 44 -11.15 -4.55 -9.28
N GLU A 45 -10.53 -3.81 -10.18
CA GLU A 45 -10.14 -4.36 -11.48
C GLU A 45 -8.72 -4.90 -11.41
N GLY A 46 -7.95 -4.38 -10.46
CA GLY A 46 -6.57 -4.80 -10.32
C GLY A 46 -5.62 -3.82 -10.97
N ARG A 47 -6.15 -2.69 -11.41
CA ARG A 47 -5.33 -1.66 -12.01
C ARG A 47 -4.63 -0.88 -10.92
N MET A 48 -3.46 -0.35 -11.23
CA MET A 48 -2.72 0.44 -10.27
C MET A 48 -3.30 1.85 -10.20
N VAL A 49 -3.81 2.21 -9.04
CA VAL A 49 -4.32 3.55 -8.83
C VAL A 49 -3.26 4.39 -8.12
N TRP A 50 -2.48 3.72 -7.29
CA TRP A 50 -1.42 4.37 -6.53
C TRP A 50 -0.35 3.35 -6.18
N ARG A 51 0.87 3.82 -5.93
CA ARG A 51 1.96 2.97 -5.50
C ARG A 51 3.03 3.79 -4.82
N ALA A 52 3.62 3.25 -3.77
CA ALA A 52 4.66 3.96 -3.03
C ALA A 52 5.63 2.97 -2.42
N TRP A 53 6.89 3.37 -2.31
CA TRP A 53 7.90 2.52 -1.69
C TRP A 53 7.83 2.59 -0.19
N ASN A 54 8.76 1.89 0.40
CA ASN A 54 8.87 1.79 1.85
C ASN A 54 9.60 3.01 2.40
N PHE A 55 10.53 3.53 1.60
CA PHE A 55 11.41 4.60 2.04
C PHE A 55 10.92 5.98 1.61
N GLU A 56 9.71 6.05 1.07
CA GLU A 56 9.14 7.32 0.64
C GLU A 56 8.79 8.17 1.86
N PRO A 57 9.28 9.43 1.89
CA PRO A 57 9.15 10.34 3.04
C PRO A 57 7.74 10.43 3.61
N ASP A 58 6.74 10.41 2.74
CA ASP A 58 5.35 10.46 3.18
C ASP A 58 4.54 9.37 2.50
N ALA A 59 5.12 8.17 2.45
CA ALA A 59 4.50 7.03 1.77
C ALA A 59 3.06 6.81 2.25
N GLY A 60 2.88 6.88 3.57
CA GLY A 60 1.58 6.70 4.15
C GLY A 60 0.55 7.69 3.66
N GLU A 61 0.98 8.93 3.48
CA GLU A 61 0.05 10.01 3.11
C GLU A 61 -0.62 9.70 1.77
N GLY A 62 0.12 9.13 0.84
CA GLY A 62 -0.45 8.76 -0.43
C GLY A 62 -1.42 7.61 -0.27
N LEU A 63 -1.01 6.62 0.52
CA LEU A 63 -1.86 5.48 0.82
C LEU A 63 -3.15 5.97 1.47
N ASN A 64 -3.02 6.84 2.47
CA ASN A 64 -4.17 7.40 3.17
C ASN A 64 -5.10 8.12 2.21
N ARG A 65 -4.51 8.74 1.20
CA ARG A 65 -5.25 9.56 0.25
C ARG A 65 -6.14 8.69 -0.63
N TYR A 66 -5.74 7.46 -0.88
CA TYR A 66 -6.61 6.52 -1.58
C TYR A 66 -7.52 5.79 -0.59
N ILE A 67 -6.94 5.37 0.54
CA ILE A 67 -7.69 4.65 1.57
C ILE A 67 -8.89 5.47 2.04
N ARG A 68 -8.61 6.67 2.58
CA ARG A 68 -9.66 7.58 3.03
C ARG A 68 -10.65 6.89 3.96
N THR A 69 -10.10 5.92 4.67
CA THR A 69 -10.76 5.15 5.73
C THR A 69 -11.96 4.38 5.21
N SER A 70 -11.98 4.15 3.91
CA SER A 70 -12.95 3.29 3.29
C SER A 70 -12.25 2.05 2.75
N GLY A 71 -11.35 2.28 1.81
CA GLY A 71 -10.56 1.21 1.24
C GLY A 71 -11.38 0.21 0.48
N ILE A 72 -10.73 -0.85 0.00
CA ILE A 72 -11.42 -1.91 -0.72
C ILE A 72 -11.63 -3.10 0.21
N ARG A 73 -11.28 -2.89 1.47
CA ARG A 73 -11.43 -3.94 2.50
C ARG A 73 -12.87 -4.39 2.63
N THR A 74 -13.72 -3.51 3.16
CA THR A 74 -15.13 -3.82 3.32
C THR A 74 -15.88 -3.21 2.15
N ASP A 75 -15.10 -2.63 1.23
CA ASP A 75 -15.63 -1.93 0.05
C ASP A 75 -16.47 -0.73 0.45
N GLY A 10 4.96 9.19 8.33
CA GLY A 10 6.02 9.09 7.35
C GLY A 10 6.05 7.76 6.62
N PRO A 11 7.21 7.07 6.63
CA PRO A 11 7.37 5.76 6.02
C PRO A 11 6.86 4.64 6.93
N PHE A 12 6.80 3.42 6.39
CA PHE A 12 6.26 2.29 7.14
C PHE A 12 7.29 1.17 7.24
N THR A 13 6.85 0.03 7.79
CA THR A 13 7.68 -1.15 7.93
C THR A 13 6.99 -2.35 7.28
N ARG A 14 7.65 -3.50 7.32
CA ARG A 14 7.03 -4.73 6.84
C ARG A 14 5.82 -5.05 7.70
N ARG A 15 6.00 -4.86 9.00
CA ARG A 15 4.93 -5.09 9.97
C ARG A 15 3.72 -4.20 9.65
N GLN A 16 3.96 -2.90 9.51
CA GLN A 16 2.89 -1.97 9.17
C GLN A 16 2.29 -2.31 7.82
N ALA A 17 3.16 -2.52 6.83
CA ALA A 17 2.72 -2.88 5.48
C ALA A 17 1.73 -4.04 5.49
N GLN A 18 2.14 -5.14 6.12
CA GLN A 18 1.30 -6.34 6.20
C GLN A 18 -0.04 -6.05 6.87
N ALA A 19 -0.04 -5.19 7.86
CA ALA A 19 -1.25 -4.84 8.59
C ALA A 19 -2.26 -4.12 7.69
N VAL A 20 -1.77 -3.38 6.72
CA VAL A 20 -2.64 -2.56 5.91
C VAL A 20 -3.12 -3.40 4.76
N THR A 21 -2.32 -4.39 4.45
CA THR A 21 -2.60 -5.31 3.38
C THR A 21 -3.55 -6.41 3.83
N THR A 22 -3.42 -6.81 5.10
CA THR A 22 -4.37 -7.75 5.66
C THR A 22 -5.71 -7.05 5.84
N THR A 23 -5.66 -5.72 5.97
CA THR A 23 -6.86 -4.91 5.91
C THR A 23 -7.36 -4.76 4.47
N TYR A 24 -6.51 -4.24 3.59
CA TYR A 24 -6.87 -4.08 2.20
C TYR A 24 -6.03 -5.01 1.35
N SER A 25 -6.63 -6.08 0.85
CA SER A 25 -5.88 -7.06 0.09
C SER A 25 -5.83 -6.65 -1.38
N ASN A 26 -6.24 -5.42 -1.63
CA ASN A 26 -6.08 -4.79 -2.93
C ASN A 26 -4.72 -4.10 -2.97
N ILE A 27 -4.06 -4.08 -1.81
CA ILE A 27 -2.69 -3.60 -1.72
C ILE A 27 -1.76 -4.73 -2.13
N THR A 28 -0.68 -4.42 -2.82
CA THR A 28 0.19 -5.46 -3.34
C THR A 28 1.66 -5.10 -3.12
N LEU A 29 2.41 -6.04 -2.56
CA LEU A 29 3.82 -5.82 -2.32
C LEU A 29 4.60 -6.17 -3.57
N GLU A 30 5.27 -5.18 -4.12
CA GLU A 30 6.06 -5.36 -5.34
C GLU A 30 7.51 -4.96 -5.14
N ASP A 31 8.31 -5.24 -6.15
CA ASP A 31 9.71 -4.87 -6.18
C ASP A 31 10.46 -5.41 -4.97
N ASP A 32 10.51 -6.73 -4.89
CA ASP A 32 11.17 -7.41 -3.79
C ASP A 32 12.67 -7.46 -4.00
N GLN A 33 13.40 -6.54 -3.38
CA GLN A 33 14.85 -6.63 -3.36
C GLN A 33 15.31 -7.03 -1.97
N GLY A 34 14.38 -7.01 -1.03
CA GLY A 34 14.72 -7.31 0.35
C GLY A 34 14.60 -6.09 1.23
N SER A 35 15.63 -5.26 1.24
CA SER A 35 15.62 -4.02 2.00
C SER A 35 14.77 -2.97 1.28
N HIS A 36 14.54 -3.20 0.00
CA HIS A 36 13.69 -2.33 -0.79
C HIS A 36 12.46 -3.09 -1.26
N PHE A 37 11.32 -2.43 -1.19
CA PHE A 37 10.05 -2.97 -1.70
C PHE A 37 9.01 -1.86 -1.75
N ARG A 38 8.01 -2.04 -2.59
CA ARG A 38 6.95 -1.04 -2.71
C ARG A 38 5.57 -1.68 -2.58
N LEU A 39 4.57 -0.88 -2.23
CA LEU A 39 3.20 -1.36 -2.19
C LEU A 39 2.39 -0.65 -3.26
N VAL A 40 1.76 -1.42 -4.10
CA VAL A 40 0.89 -0.90 -5.14
C VAL A 40 -0.56 -1.11 -4.74
N VAL A 41 -1.31 -0.03 -4.70
CA VAL A 41 -2.71 -0.08 -4.34
C VAL A 41 -3.56 -0.22 -5.60
N ARG A 42 -4.17 -1.37 -5.77
CA ARG A 42 -4.97 -1.65 -6.95
C ARG A 42 -6.45 -1.59 -6.59
N ASP A 43 -7.31 -1.57 -7.60
CA ASP A 43 -8.75 -1.50 -7.37
C ASP A 43 -9.36 -2.90 -7.43
N THR A 44 -10.68 -2.98 -7.52
CA THR A 44 -11.39 -4.25 -7.51
C THR A 44 -11.16 -5.05 -8.78
N GLU A 45 -10.68 -4.37 -9.83
CA GLU A 45 -10.41 -5.03 -11.10
C GLU A 45 -8.95 -5.47 -11.15
N GLY A 46 -8.12 -4.81 -10.34
CA GLY A 46 -6.71 -5.11 -10.34
C GLY A 46 -5.90 -4.03 -11.02
N ARG A 47 -6.55 -2.89 -11.26
CA ARG A 47 -5.90 -1.76 -11.89
C ARG A 47 -5.00 -1.06 -10.88
N MET A 48 -3.73 -0.90 -11.21
CA MET A 48 -2.81 -0.17 -10.35
C MET A 48 -3.16 1.30 -10.35
N VAL A 49 -3.74 1.76 -9.24
CA VAL A 49 -4.17 3.13 -9.13
C VAL A 49 -3.07 3.98 -8.49
N TRP A 50 -2.30 3.37 -7.60
CA TRP A 50 -1.27 4.09 -6.86
C TRP A 50 -0.21 3.12 -6.39
N ARG A 51 1.03 3.58 -6.27
CA ARG A 51 2.09 2.77 -5.68
C ARG A 51 3.08 3.67 -4.94
N ALA A 52 3.57 3.18 -3.83
CA ALA A 52 4.54 3.94 -3.03
C ALA A 52 5.56 2.99 -2.44
N TRP A 53 6.78 3.46 -2.27
CA TRP A 53 7.83 2.65 -1.70
C TRP A 53 7.75 2.68 -0.19
N ASN A 54 8.77 2.12 0.42
CA ASN A 54 8.84 1.98 1.87
C ASN A 54 9.69 3.09 2.47
N PHE A 55 10.47 3.74 1.61
CA PHE A 55 11.38 4.79 2.07
C PHE A 55 10.85 6.17 1.72
N GLU A 56 9.65 6.23 1.16
CA GLU A 56 9.05 7.52 0.80
C GLU A 56 8.85 8.38 2.06
N PRO A 57 9.27 9.66 1.97
CA PRO A 57 9.24 10.61 3.10
C PRO A 57 7.98 10.49 3.95
N ASP A 58 6.83 10.45 3.30
CA ASP A 58 5.59 10.16 3.99
C ASP A 58 4.74 9.26 3.13
N ALA A 59 5.17 8.01 2.99
CA ALA A 59 4.44 7.02 2.21
C ALA A 59 3.01 6.88 2.72
N GLY A 60 2.86 7.00 4.03
CA GLY A 60 1.56 6.92 4.65
C GLY A 60 0.60 7.96 4.12
N GLU A 61 1.09 9.18 3.95
CA GLU A 61 0.24 10.28 3.49
C GLU A 61 -0.37 9.97 2.12
N GLY A 62 0.40 9.35 1.24
CA GLY A 62 -0.09 9.03 -0.09
C GLY A 62 -1.02 7.84 -0.09
N LEU A 63 -0.67 6.82 0.70
CA LEU A 63 -1.51 5.65 0.84
C LEU A 63 -2.82 6.01 1.52
N ASN A 64 -2.73 6.87 2.53
CA ASN A 64 -3.92 7.36 3.23
C ASN A 64 -4.78 8.21 2.30
N ARG A 65 -4.16 8.83 1.30
CA ARG A 65 -4.90 9.51 0.25
C ARG A 65 -5.85 8.53 -0.44
N TYR A 66 -5.31 7.37 -0.81
CA TYR A 66 -6.10 6.35 -1.45
C TYR A 66 -7.10 5.76 -0.47
N ILE A 67 -6.60 5.38 0.71
CA ILE A 67 -7.42 4.76 1.74
C ILE A 67 -8.61 5.65 2.10
N ARG A 68 -8.32 6.88 2.53
CA ARG A 68 -9.36 7.85 2.87
C ARG A 68 -10.29 7.28 3.94
N THR A 69 -9.72 6.40 4.74
CA THR A 69 -10.39 5.67 5.82
C THR A 69 -11.66 4.95 5.33
N SER A 70 -11.70 4.69 4.03
CA SER A 70 -12.75 3.87 3.44
C SER A 70 -12.16 2.53 3.04
N GLY A 71 -11.25 2.57 2.08
CA GLY A 71 -10.55 1.38 1.65
C GLY A 71 -11.40 0.48 0.79
N ILE A 72 -10.75 -0.48 0.14
CA ILE A 72 -11.44 -1.42 -0.73
C ILE A 72 -11.97 -2.62 0.05
N ARG A 73 -11.53 -2.76 1.31
CA ARG A 73 -11.92 -3.89 2.16
C ARG A 73 -13.43 -4.11 2.16
N THR A 74 -14.14 -3.23 2.86
CA THR A 74 -15.59 -3.33 3.00
C THR A 74 -16.27 -2.72 1.78
N ASP A 75 -15.44 -2.27 0.85
CA ASP A 75 -15.95 -1.63 -0.36
C ASP A 75 -16.42 -2.67 -1.36
N GLY A 10 3.96 8.67 8.13
CA GLY A 10 4.73 8.80 6.90
C GLY A 10 5.23 7.47 6.37
N PRO A 11 6.55 7.24 6.40
CA PRO A 11 7.15 5.98 5.95
C PRO A 11 6.73 4.81 6.84
N PHE A 12 6.72 3.63 6.28
CA PHE A 12 6.27 2.45 7.01
C PHE A 12 7.38 1.41 7.10
N THR A 13 7.02 0.23 7.58
CA THR A 13 7.96 -0.87 7.72
C THR A 13 7.43 -2.09 6.99
N ARG A 14 8.27 -3.12 6.89
CA ARG A 14 7.84 -4.40 6.32
C ARG A 14 6.64 -4.91 7.09
N ARG A 15 6.75 -4.84 8.41
CA ARG A 15 5.68 -5.29 9.31
C ARG A 15 4.41 -4.46 9.13
N GLN A 16 4.55 -3.15 9.16
CA GLN A 16 3.41 -2.25 8.99
C GLN A 16 2.73 -2.49 7.65
N ALA A 17 3.54 -2.62 6.60
CA ALA A 17 3.03 -2.89 5.25
C ALA A 17 2.10 -4.11 5.25
N GLN A 18 2.57 -5.19 5.86
CA GLN A 18 1.81 -6.43 5.92
C GLN A 18 0.44 -6.21 6.54
N ALA A 19 0.40 -5.46 7.64
CA ALA A 19 -0.84 -5.22 8.37
C ALA A 19 -1.88 -4.50 7.53
N VAL A 20 -1.44 -3.67 6.60
CA VAL A 20 -2.36 -2.80 5.87
C VAL A 20 -2.86 -3.58 4.69
N THR A 21 -2.05 -4.53 4.30
CA THR A 21 -2.33 -5.36 3.16
C THR A 21 -3.20 -6.55 3.56
N THR A 22 -3.04 -7.02 4.80
CA THR A 22 -3.95 -8.02 5.32
C THR A 22 -5.32 -7.38 5.53
N THR A 23 -5.31 -6.08 5.76
CA THR A 23 -6.55 -5.31 5.81
C THR A 23 -7.09 -5.04 4.40
N TYR A 24 -6.28 -4.41 3.54
CA TYR A 24 -6.70 -4.12 2.19
C TYR A 24 -5.94 -5.00 1.20
N SER A 25 -6.61 -6.02 0.71
CA SER A 25 -6.04 -6.96 -0.22
C SER A 25 -5.81 -6.35 -1.60
N ASN A 26 -6.26 -5.11 -1.79
CA ASN A 26 -5.99 -4.40 -3.03
C ASN A 26 -4.57 -3.85 -3.00
N ILE A 27 -3.98 -3.79 -1.81
CA ILE A 27 -2.59 -3.41 -1.67
C ILE A 27 -1.72 -4.60 -2.08
N THR A 28 -0.57 -4.34 -2.66
CA THR A 28 0.29 -5.42 -3.12
C THR A 28 1.75 -5.10 -2.87
N LEU A 29 2.43 -5.97 -2.14
CA LEU A 29 3.83 -5.79 -1.85
C LEU A 29 4.65 -6.25 -3.05
N GLU A 30 5.09 -5.30 -3.85
CA GLU A 30 5.83 -5.59 -5.07
C GLU A 30 7.21 -4.97 -5.00
N ASP A 31 8.07 -5.40 -5.92
CA ASP A 31 9.46 -4.97 -5.95
C ASP A 31 10.15 -5.35 -4.65
N ASP A 32 9.74 -6.49 -4.11
CA ASP A 32 10.26 -7.00 -2.85
C ASP A 32 11.72 -7.41 -2.97
N GLN A 33 12.60 -6.52 -2.53
CA GLN A 33 14.02 -6.78 -2.50
C GLN A 33 14.46 -7.06 -1.05
N GLY A 34 13.46 -7.21 -0.19
CA GLY A 34 13.72 -7.43 1.23
C GLY A 34 13.02 -6.39 2.08
N SER A 35 13.73 -5.34 2.43
CA SER A 35 13.12 -4.22 3.12
C SER A 35 12.86 -3.09 2.12
N HIS A 36 13.46 -3.23 0.95
CA HIS A 36 13.21 -2.30 -0.15
C HIS A 36 12.12 -2.86 -1.04
N PHE A 37 10.97 -2.22 -1.04
CA PHE A 37 9.82 -2.65 -1.82
C PHE A 37 8.81 -1.52 -1.93
N ARG A 38 7.80 -1.69 -2.75
CA ARG A 38 6.73 -0.70 -2.84
C ARG A 38 5.38 -1.38 -2.74
N LEU A 39 4.44 -0.71 -2.10
CA LEU A 39 3.09 -1.20 -2.01
C LEU A 39 2.25 -0.60 -3.12
N VAL A 40 1.76 -1.45 -3.97
CA VAL A 40 0.92 -1.03 -5.08
C VAL A 40 -0.53 -1.09 -4.66
N VAL A 41 -1.21 0.03 -4.70
CA VAL A 41 -2.62 0.08 -4.35
C VAL A 41 -3.45 -0.11 -5.62
N ARG A 42 -4.21 -1.20 -5.67
CA ARG A 42 -5.04 -1.51 -6.82
C ARG A 42 -6.48 -1.09 -6.56
N ASP A 43 -7.28 -1.07 -7.61
CA ASP A 43 -8.68 -0.71 -7.50
C ASP A 43 -9.55 -1.95 -7.48
N THR A 44 -10.86 -1.76 -7.65
CA THR A 44 -11.81 -2.86 -7.65
C THR A 44 -11.60 -3.80 -8.84
N GLU A 45 -10.89 -3.32 -9.85
CA GLU A 45 -10.64 -4.11 -11.04
C GLU A 45 -9.36 -4.91 -10.86
N GLY A 46 -8.47 -4.36 -10.05
CA GLY A 46 -7.19 -5.00 -9.80
C GLY A 46 -6.06 -4.37 -10.58
N ARG A 47 -6.30 -3.16 -11.08
CA ARG A 47 -5.28 -2.44 -11.82
C ARG A 47 -4.53 -1.51 -10.89
N MET A 48 -3.27 -1.21 -11.22
CA MET A 48 -2.44 -0.36 -10.40
C MET A 48 -2.89 1.09 -10.49
N VAL A 49 -3.40 1.62 -9.39
CA VAL A 49 -3.82 3.02 -9.36
C VAL A 49 -2.73 3.88 -8.74
N TRP A 50 -2.00 3.32 -7.79
CA TRP A 50 -0.96 4.05 -7.09
C TRP A 50 0.07 3.08 -6.51
N ARG A 51 1.29 3.55 -6.31
CA ARG A 51 2.32 2.75 -5.65
C ARG A 51 3.30 3.67 -4.93
N ALA A 52 3.72 3.26 -3.75
CA ALA A 52 4.70 4.01 -2.98
C ALA A 52 5.65 3.05 -2.28
N TRP A 53 6.93 3.43 -2.19
CA TRP A 53 7.92 2.57 -1.56
C TRP A 53 7.85 2.68 -0.06
N ASN A 54 8.81 2.03 0.56
CA ASN A 54 8.87 1.93 2.02
C ASN A 54 9.66 3.09 2.59
N PHE A 55 10.59 3.59 1.79
CA PHE A 55 11.54 4.62 2.23
C PHE A 55 11.14 6.01 1.74
N GLU A 56 9.90 6.16 1.29
CA GLU A 56 9.43 7.43 0.78
C GLU A 56 9.10 8.38 1.94
N PRO A 57 9.54 9.66 1.81
CA PRO A 57 9.44 10.68 2.88
C PRO A 57 8.15 10.63 3.67
N ASP A 58 7.03 10.53 2.96
CA ASP A 58 5.75 10.33 3.62
C ASP A 58 4.88 9.44 2.74
N ALA A 59 5.29 8.18 2.62
CA ALA A 59 4.58 7.20 1.81
C ALA A 59 3.12 7.08 2.27
N GLY A 60 2.91 7.19 3.57
CA GLY A 60 1.60 7.06 4.15
C GLY A 60 0.59 8.03 3.59
N GLU A 61 1.03 9.25 3.29
CA GLU A 61 0.12 10.29 2.81
C GLU A 61 -0.63 9.82 1.56
N GLY A 62 0.11 9.30 0.59
CA GLY A 62 -0.51 8.87 -0.65
C GLY A 62 -1.36 7.63 -0.47
N LEU A 63 -0.85 6.67 0.28
CA LEU A 63 -1.54 5.41 0.51
C LEU A 63 -2.81 5.64 1.32
N ASN A 64 -2.69 6.32 2.45
CA ASN A 64 -3.83 6.60 3.32
C ASN A 64 -4.89 7.37 2.58
N ARG A 65 -4.46 8.34 1.77
CA ARG A 65 -5.36 9.15 0.97
C ARG A 65 -6.31 8.26 0.17
N TYR A 66 -5.73 7.29 -0.54
CA TYR A 66 -6.52 6.37 -1.34
C TYR A 66 -7.42 5.52 -0.43
N ILE A 67 -6.86 5.07 0.68
CA ILE A 67 -7.57 4.21 1.63
C ILE A 67 -8.86 4.85 2.15
N ARG A 68 -8.86 6.17 2.27
CA ARG A 68 -10.00 6.89 2.85
C ARG A 68 -11.23 6.73 1.98
N THR A 69 -11.14 7.23 0.77
CA THR A 69 -12.26 7.20 -0.14
C THR A 69 -12.40 5.85 -0.81
N SER A 70 -11.29 5.14 -0.94
CA SER A 70 -11.26 3.94 -1.75
C SER A 70 -10.77 2.70 -0.99
N GLY A 71 -11.02 2.65 0.31
CA GLY A 71 -10.76 1.45 1.07
C GLY A 71 -11.55 0.26 0.55
N ILE A 72 -10.85 -0.76 0.06
CA ILE A 72 -11.51 -1.88 -0.62
C ILE A 72 -11.79 -3.04 0.35
N ARG A 73 -11.46 -2.84 1.62
CA ARG A 73 -11.61 -3.93 2.60
C ARG A 73 -13.07 -4.26 2.87
N THR A 74 -13.90 -3.23 2.93
CA THR A 74 -15.33 -3.43 3.14
C THR A 74 -15.99 -3.71 1.81
N ASP A 75 -15.18 -3.66 0.75
CA ASP A 75 -15.58 -3.87 -0.64
C ASP A 75 -16.71 -2.94 -1.09
N GLY A 10 5.13 8.40 7.95
CA GLY A 10 5.21 8.48 6.51
C GLY A 10 5.75 7.20 5.92
N PRO A 11 7.05 6.90 6.10
CA PRO A 11 7.60 5.62 5.70
C PRO A 11 7.22 4.53 6.67
N PHE A 12 6.76 3.43 6.13
CA PHE A 12 6.22 2.34 6.93
C PHE A 12 7.23 1.24 7.14
N THR A 13 6.75 0.14 7.68
CA THR A 13 7.57 -1.01 7.94
C THR A 13 7.00 -2.22 7.20
N ARG A 14 7.84 -3.21 6.93
CA ARG A 14 7.41 -4.43 6.25
C ARG A 14 6.27 -5.08 7.03
N ARG A 15 6.46 -5.18 8.34
CA ARG A 15 5.45 -5.71 9.24
C ARG A 15 4.12 -4.97 9.05
N GLN A 16 4.15 -3.66 9.26
CA GLN A 16 2.96 -2.83 9.15
C GLN A 16 2.33 -2.95 7.76
N ALA A 17 3.16 -2.92 6.71
CA ALA A 17 2.68 -3.03 5.33
C ALA A 17 1.82 -4.28 5.15
N GLN A 18 2.30 -5.39 5.69
CA GLN A 18 1.59 -6.66 5.62
C GLN A 18 0.23 -6.55 6.30
N ALA A 19 0.17 -5.79 7.39
CA ALA A 19 -1.07 -5.57 8.10
C ALA A 19 -2.03 -4.70 7.28
N VAL A 20 -1.47 -3.92 6.36
CA VAL A 20 -2.30 -3.04 5.54
C VAL A 20 -2.83 -3.84 4.36
N THR A 21 -2.19 -4.97 4.08
CA THR A 21 -2.62 -5.85 3.01
C THR A 21 -3.58 -6.85 3.59
N THR A 22 -3.31 -7.18 4.84
CA THR A 22 -4.22 -7.93 5.66
C THR A 22 -5.56 -7.20 5.71
N THR A 23 -5.50 -5.88 5.70
CA THR A 23 -6.69 -5.05 5.71
C THR A 23 -7.20 -4.80 4.29
N TYR A 24 -6.34 -4.38 3.38
CA TYR A 24 -6.74 -4.09 2.01
C TYR A 24 -6.02 -5.01 1.04
N SER A 25 -6.76 -5.93 0.45
CA SER A 25 -6.20 -6.91 -0.48
C SER A 25 -5.97 -6.31 -1.86
N ASN A 26 -6.29 -5.03 -2.00
CA ASN A 26 -6.02 -4.33 -3.25
C ASN A 26 -4.59 -3.84 -3.27
N ILE A 27 -3.98 -3.78 -2.08
CA ILE A 27 -2.59 -3.40 -1.97
C ILE A 27 -1.71 -4.58 -2.34
N THR A 28 -0.52 -4.33 -2.85
CA THR A 28 0.38 -5.42 -3.23
C THR A 28 1.81 -5.12 -2.82
N LEU A 29 2.42 -6.06 -2.12
CA LEU A 29 3.81 -5.93 -1.74
C LEU A 29 4.67 -6.48 -2.88
N GLU A 30 5.25 -5.59 -3.65
CA GLU A 30 6.02 -5.97 -4.82
C GLU A 30 7.45 -5.46 -4.71
N ASP A 31 8.27 -5.87 -5.67
CA ASP A 31 9.71 -5.55 -5.74
C ASP A 31 10.48 -6.42 -4.76
N ASP A 32 10.16 -6.25 -3.49
CA ASP A 32 10.80 -6.93 -2.36
C ASP A 32 12.31 -7.10 -2.55
N GLN A 33 13.02 -6.03 -2.29
CA GLN A 33 14.48 -6.07 -2.22
C GLN A 33 14.88 -5.98 -0.76
N GLY A 34 14.08 -6.63 0.09
CA GLY A 34 14.35 -6.65 1.51
C GLY A 34 13.74 -5.46 2.22
N SER A 35 14.58 -4.47 2.54
CA SER A 35 14.10 -3.26 3.18
C SER A 35 13.55 -2.28 2.14
N HIS A 36 13.87 -2.55 0.87
CA HIS A 36 13.38 -1.73 -0.21
C HIS A 36 12.33 -2.49 -1.01
N PHE A 37 11.09 -2.07 -0.89
CA PHE A 37 9.99 -2.68 -1.64
C PHE A 37 8.90 -1.65 -1.83
N ARG A 38 7.92 -1.95 -2.67
CA ARG A 38 6.84 -1.00 -2.90
C ARG A 38 5.47 -1.66 -2.72
N LEU A 39 4.52 -0.87 -2.26
CA LEU A 39 3.14 -1.29 -2.16
C LEU A 39 2.32 -0.62 -3.24
N VAL A 40 1.76 -1.42 -4.11
CA VAL A 40 0.92 -0.91 -5.17
C VAL A 40 -0.54 -0.96 -4.76
N VAL A 41 -1.18 0.19 -4.71
CA VAL A 41 -2.59 0.26 -4.38
C VAL A 41 -3.43 0.13 -5.64
N ARG A 42 -4.12 -0.98 -5.76
CA ARG A 42 -4.98 -1.24 -6.90
C ARG A 42 -6.42 -0.92 -6.56
N ASP A 43 -7.30 -1.04 -7.54
CA ASP A 43 -8.73 -0.89 -7.28
C ASP A 43 -9.35 -2.25 -7.04
N THR A 44 -10.68 -2.27 -6.98
CA THR A 44 -11.42 -3.50 -6.68
C THR A 44 -11.15 -4.59 -7.73
N GLU A 45 -10.77 -4.17 -8.93
CA GLU A 45 -10.50 -5.10 -10.01
C GLU A 45 -9.02 -5.50 -10.02
N GLY A 46 -8.16 -4.59 -9.60
CA GLY A 46 -6.74 -4.85 -9.62
C GLY A 46 -5.97 -3.86 -10.47
N ARG A 47 -6.63 -2.79 -10.90
CA ARG A 47 -5.99 -1.75 -11.67
C ARG A 47 -5.12 -0.91 -10.75
N MET A 48 -3.89 -0.64 -11.16
CA MET A 48 -2.93 0.05 -10.30
C MET A 48 -3.21 1.55 -10.31
N VAL A 49 -3.81 2.03 -9.23
CA VAL A 49 -4.18 3.43 -9.11
C VAL A 49 -3.04 4.23 -8.47
N TRP A 50 -2.30 3.55 -7.59
CA TRP A 50 -1.22 4.19 -6.85
C TRP A 50 -0.16 3.16 -6.50
N ARG A 51 1.04 3.63 -6.17
CA ARG A 51 2.14 2.78 -5.76
C ARG A 51 3.15 3.59 -4.98
N ALA A 52 3.58 3.08 -3.85
CA ALA A 52 4.53 3.79 -3.00
C ALA A 52 5.58 2.84 -2.44
N TRP A 53 6.82 3.30 -2.37
CA TRP A 53 7.88 2.49 -1.82
C TRP A 53 7.91 2.60 -0.31
N ASN A 54 8.99 2.15 0.28
CA ASN A 54 9.16 2.14 1.72
C ASN A 54 9.99 3.35 2.15
N PHE A 55 10.93 3.74 1.31
CA PHE A 55 11.89 4.78 1.65
C PHE A 55 11.37 6.17 1.29
N GLU A 56 10.10 6.26 0.93
CA GLU A 56 9.54 7.54 0.52
C GLU A 56 9.13 8.37 1.73
N PRO A 57 9.54 9.66 1.74
CA PRO A 57 9.38 10.59 2.86
C PRO A 57 8.07 10.41 3.63
N ASP A 58 6.94 10.44 2.92
CA ASP A 58 5.67 10.16 3.56
C ASP A 58 4.83 9.26 2.66
N ALA A 59 5.29 8.03 2.49
CA ALA A 59 4.56 7.03 1.72
C ALA A 59 3.15 6.83 2.27
N GLY A 60 3.01 6.96 3.59
CA GLY A 60 1.72 6.77 4.23
C GLY A 60 0.67 7.74 3.76
N GLU A 61 1.08 8.96 3.45
CA GLU A 61 0.16 9.99 3.00
C GLU A 61 -0.49 9.61 1.67
N GLY A 62 0.27 8.95 0.81
CA GLY A 62 -0.27 8.51 -0.46
C GLY A 62 -1.29 7.40 -0.28
N LEU A 63 -0.93 6.43 0.55
CA LEU A 63 -1.82 5.34 0.87
C LEU A 63 -3.08 5.86 1.56
N ASN A 64 -2.88 6.80 2.49
CA ASN A 64 -3.98 7.45 3.20
C ASN A 64 -4.89 8.20 2.24
N ARG A 65 -4.28 8.83 1.24
CA ARG A 65 -5.03 9.54 0.21
C ARG A 65 -6.03 8.61 -0.46
N TYR A 66 -5.62 7.37 -0.67
CA TYR A 66 -6.50 6.37 -1.27
C TYR A 66 -7.48 5.80 -0.23
N ILE A 67 -6.96 5.38 0.93
CA ILE A 67 -7.78 4.77 1.98
C ILE A 67 -8.92 5.70 2.42
N ARG A 68 -8.71 7.01 2.34
CA ARG A 68 -9.71 7.98 2.73
C ARG A 68 -11.00 7.81 1.92
N THR A 69 -10.89 7.34 0.69
CA THR A 69 -12.08 7.14 -0.12
C THR A 69 -12.59 5.71 0.05
N SER A 70 -12.96 5.40 1.30
CA SER A 70 -13.71 4.19 1.63
C SER A 70 -12.81 2.97 1.84
N GLY A 71 -11.76 2.85 1.03
CA GLY A 71 -10.93 1.66 1.09
C GLY A 71 -11.58 0.47 0.40
N ILE A 72 -10.80 -0.55 0.10
CA ILE A 72 -11.29 -1.71 -0.64
C ILE A 72 -11.60 -2.88 0.30
N ARG A 73 -11.50 -2.65 1.60
CA ARG A 73 -11.80 -3.71 2.58
C ARG A 73 -13.29 -3.98 2.63
N THR A 74 -14.06 -2.95 2.36
CA THR A 74 -15.51 -3.07 2.34
C THR A 74 -15.97 -3.71 1.02
N ASP A 75 -15.01 -4.25 0.27
CA ASP A 75 -15.32 -4.90 -1.00
C ASP A 75 -15.59 -6.38 -0.73
N GLY A 10 4.83 8.96 8.08
CA GLY A 10 5.55 9.03 6.81
C GLY A 10 5.93 7.67 6.26
N PRO A 11 7.22 7.29 6.32
CA PRO A 11 7.68 5.97 5.91
C PRO A 11 7.14 4.86 6.82
N PHE A 12 6.80 3.74 6.23
CA PHE A 12 6.15 2.65 6.97
C PHE A 12 7.05 1.44 7.09
N THR A 13 6.83 0.70 8.16
CA THR A 13 7.56 -0.51 8.43
C THR A 13 7.04 -1.67 7.56
N ARG A 14 7.88 -2.67 7.35
CA ARG A 14 7.52 -3.82 6.51
C ARG A 14 6.32 -4.56 7.11
N ARG A 15 6.38 -4.81 8.42
CA ARG A 15 5.27 -5.44 9.12
C ARG A 15 4.00 -4.60 9.05
N GLN A 16 4.17 -3.29 9.10
CA GLN A 16 3.04 -2.38 9.00
C GLN A 16 2.35 -2.56 7.66
N ALA A 17 3.15 -2.54 6.60
CA ALA A 17 2.64 -2.72 5.23
C ALA A 17 1.81 -4.00 5.13
N GLN A 18 2.32 -5.07 5.72
CA GLN A 18 1.66 -6.36 5.72
C GLN A 18 0.27 -6.28 6.35
N ALA A 19 0.16 -5.49 7.41
CA ALA A 19 -1.09 -5.35 8.13
C ALA A 19 -2.11 -4.54 7.33
N VAL A 20 -1.64 -3.68 6.44
CA VAL A 20 -2.53 -2.77 5.75
C VAL A 20 -3.04 -3.49 4.54
N THR A 21 -2.19 -4.37 4.05
CA THR A 21 -2.49 -5.18 2.90
C THR A 21 -3.38 -6.36 3.27
N THR A 22 -3.23 -6.86 4.48
CA THR A 22 -4.13 -7.91 4.96
C THR A 22 -5.48 -7.29 5.27
N THR A 23 -5.49 -5.98 5.54
CA THR A 23 -6.72 -5.24 5.67
C THR A 23 -7.30 -4.92 4.30
N TYR A 24 -6.53 -4.24 3.45
CA TYR A 24 -6.99 -3.90 2.12
C TYR A 24 -6.23 -4.75 1.10
N SER A 25 -6.85 -5.85 0.70
CA SER A 25 -6.28 -6.79 -0.25
C SER A 25 -6.08 -6.18 -1.64
N ASN A 26 -6.56 -4.95 -1.82
CA ASN A 26 -6.31 -4.23 -3.06
C ASN A 26 -4.91 -3.65 -3.05
N ILE A 27 -4.31 -3.59 -1.86
CA ILE A 27 -2.91 -3.23 -1.73
C ILE A 27 -2.08 -4.48 -2.03
N THR A 28 -0.87 -4.29 -2.54
CA THR A 28 -0.01 -5.43 -2.83
C THR A 28 1.44 -5.10 -2.54
N LEU A 29 2.07 -5.92 -1.72
CA LEU A 29 3.49 -5.75 -1.42
C LEU A 29 4.30 -6.39 -2.53
N GLU A 30 4.74 -5.55 -3.45
CA GLU A 30 5.43 -6.01 -4.64
C GLU A 30 6.83 -5.42 -4.68
N ASP A 31 7.66 -5.91 -5.59
CA ASP A 31 9.02 -5.39 -5.79
C ASP A 31 9.84 -5.60 -4.52
N ASP A 32 9.45 -6.61 -3.74
CA ASP A 32 10.02 -6.87 -2.43
C ASP A 32 11.47 -7.33 -2.51
N GLN A 33 12.35 -6.55 -1.90
CA GLN A 33 13.76 -6.87 -1.83
C GLN A 33 14.34 -6.38 -0.50
N GLY A 34 13.69 -6.77 0.59
CA GLY A 34 14.16 -6.42 1.91
C GLY A 34 13.74 -5.03 2.33
N SER A 35 14.66 -4.07 2.23
CA SER A 35 14.36 -2.69 2.58
C SER A 35 13.88 -1.93 1.35
N HIS A 36 13.86 -2.60 0.21
CA HIS A 36 13.37 -2.01 -1.02
C HIS A 36 12.15 -2.76 -1.50
N PHE A 37 10.99 -2.13 -1.37
CA PHE A 37 9.74 -2.73 -1.81
C PHE A 37 8.68 -1.65 -1.98
N ARG A 38 7.64 -1.97 -2.73
CA ARG A 38 6.59 -1.02 -3.00
C ARG A 38 5.21 -1.64 -2.83
N LEU A 39 4.33 -0.87 -2.22
CA LEU A 39 2.94 -1.29 -2.10
C LEU A 39 2.15 -0.73 -3.27
N VAL A 40 1.66 -1.63 -4.09
CA VAL A 40 0.89 -1.24 -5.24
C VAL A 40 -0.60 -1.30 -4.91
N VAL A 41 -1.23 -0.14 -4.86
CA VAL A 41 -2.64 -0.05 -4.59
C VAL A 41 -3.42 -0.23 -5.89
N ARG A 42 -4.21 -1.27 -5.95
CA ARG A 42 -4.96 -1.59 -7.15
C ARG A 42 -6.45 -1.35 -6.92
N ASP A 43 -7.19 -1.23 -8.00
CA ASP A 43 -8.62 -0.95 -7.94
C ASP A 43 -9.40 -2.26 -7.96
N THR A 44 -10.72 -2.19 -7.86
CA THR A 44 -11.58 -3.36 -7.81
C THR A 44 -11.45 -4.20 -9.07
N GLU A 45 -11.00 -3.58 -10.15
CA GLU A 45 -10.80 -4.29 -11.41
C GLU A 45 -9.38 -4.87 -11.47
N GLY A 46 -8.56 -4.47 -10.49
CA GLY A 46 -7.21 -4.98 -10.41
C GLY A 46 -6.19 -4.11 -11.10
N ARG A 47 -6.64 -2.97 -11.60
CA ARG A 47 -5.77 -2.02 -12.26
C ARG A 47 -4.91 -1.28 -11.22
N MET A 48 -3.64 -1.05 -11.55
CA MET A 48 -2.76 -0.31 -10.64
C MET A 48 -3.15 1.15 -10.61
N VAL A 49 -3.46 1.66 -9.43
CA VAL A 49 -3.86 3.03 -9.26
C VAL A 49 -2.76 3.85 -8.60
N TRP A 50 -1.97 3.19 -7.77
CA TRP A 50 -0.93 3.86 -7.00
C TRP A 50 0.15 2.88 -6.56
N ARG A 51 1.37 3.36 -6.39
CA ARG A 51 2.46 2.56 -5.84
C ARG A 51 3.48 3.46 -5.15
N ALA A 52 3.87 3.08 -3.93
CA ALA A 52 4.82 3.88 -3.16
C ALA A 52 5.89 3.00 -2.55
N TRP A 53 7.09 3.56 -2.38
CA TRP A 53 8.20 2.85 -1.76
C TRP A 53 8.02 2.75 -0.26
N ASN A 54 9.08 2.31 0.38
CA ASN A 54 9.13 2.18 1.83
C ASN A 54 9.90 3.34 2.45
N PHE A 55 10.97 3.75 1.77
CA PHE A 55 11.87 4.76 2.31
C PHE A 55 11.43 6.18 1.98
N GLU A 56 10.28 6.30 1.33
CA GLU A 56 9.75 7.61 1.00
C GLU A 56 9.19 8.29 2.25
N PRO A 57 9.62 9.53 2.52
CA PRO A 57 9.25 10.26 3.74
C PRO A 57 7.74 10.46 3.91
N ASP A 58 6.99 10.23 2.85
CA ASP A 58 5.54 10.42 2.88
C ASP A 58 4.81 9.24 2.26
N ALA A 59 5.45 8.07 2.26
CA ALA A 59 4.90 6.90 1.60
C ALA A 59 3.52 6.54 2.16
N GLY A 60 3.44 6.50 3.48
CA GLY A 60 2.19 6.15 4.12
C GLY A 60 1.10 7.17 3.88
N GLU A 61 1.48 8.42 3.67
CA GLU A 61 0.51 9.49 3.48
C GLU A 61 -0.23 9.31 2.15
N GLY A 62 0.50 8.91 1.13
CA GLY A 62 -0.11 8.68 -0.17
C GLY A 62 -1.05 7.48 -0.12
N LEU A 63 -0.61 6.46 0.59
CA LEU A 63 -1.41 5.25 0.76
C LEU A 63 -2.70 5.57 1.54
N ASN A 64 -2.57 6.28 2.66
CA ASN A 64 -3.72 6.66 3.47
C ASN A 64 -4.66 7.56 2.66
N ARG A 65 -4.08 8.42 1.83
CA ARG A 65 -4.84 9.28 0.95
C ARG A 65 -5.83 8.48 0.11
N TYR A 66 -5.36 7.34 -0.39
CA TYR A 66 -6.24 6.43 -1.13
C TYR A 66 -7.21 5.73 -0.16
N ILE A 67 -6.65 5.16 0.90
CA ILE A 67 -7.41 4.37 1.88
C ILE A 67 -8.67 5.08 2.37
N ARG A 68 -8.54 6.35 2.72
CA ARG A 68 -9.64 7.09 3.32
C ARG A 68 -10.88 7.11 2.45
N THR A 69 -10.73 7.54 1.21
CA THR A 69 -11.87 7.70 0.33
C THR A 69 -12.13 6.43 -0.46
N SER A 70 -11.47 5.35 -0.07
CA SER A 70 -11.71 4.07 -0.74
C SER A 70 -12.19 3.02 0.25
N GLY A 71 -11.35 2.73 1.23
CA GLY A 71 -11.59 1.66 2.18
C GLY A 71 -12.11 0.39 1.54
N ILE A 72 -11.24 -0.35 0.86
CA ILE A 72 -11.66 -1.54 0.10
C ILE A 72 -11.63 -2.79 0.98
N ARG A 73 -11.38 -2.61 2.27
CA ARG A 73 -11.23 -3.74 3.19
C ARG A 73 -12.52 -4.55 3.31
N THR A 74 -13.65 -3.86 3.26
CA THR A 74 -14.95 -4.53 3.30
C THR A 74 -15.25 -5.14 1.95
N ASP A 75 -14.37 -4.86 0.99
CA ASP A 75 -14.56 -5.22 -0.42
C ASP A 75 -15.76 -4.53 -1.02
N GLY A 10 4.41 8.82 7.85
CA GLY A 10 5.32 8.92 6.72
C GLY A 10 5.65 7.58 6.09
N PRO A 11 6.91 7.11 6.20
CA PRO A 11 7.32 5.82 5.66
C PRO A 11 6.77 4.68 6.50
N PHE A 12 6.75 3.49 5.94
CA PHE A 12 6.17 2.36 6.63
C PHE A 12 7.14 1.22 6.79
N THR A 13 6.92 0.47 7.84
CA THR A 13 7.69 -0.71 8.13
C THR A 13 7.02 -1.93 7.51
N ARG A 14 7.74 -3.05 7.42
CA ARG A 14 7.18 -4.25 6.80
C ARG A 14 5.96 -4.73 7.54
N ARG A 15 6.12 -4.88 8.86
CA ARG A 15 5.01 -5.30 9.72
C ARG A 15 3.80 -4.38 9.54
N GLN A 16 4.06 -3.09 9.41
CA GLN A 16 3.01 -2.10 9.18
C GLN A 16 2.32 -2.38 7.84
N ALA A 17 3.14 -2.58 6.80
CA ALA A 17 2.62 -2.85 5.46
C ALA A 17 1.73 -4.08 5.45
N GLN A 18 2.16 -5.13 6.15
CA GLN A 18 1.43 -6.40 6.22
C GLN A 18 0.04 -6.23 6.82
N ALA A 19 -0.04 -5.47 7.90
CA ALA A 19 -1.30 -5.24 8.59
C ALA A 19 -2.29 -4.51 7.67
N VAL A 20 -1.78 -3.59 6.88
CA VAL A 20 -2.65 -2.78 6.04
C VAL A 20 -3.10 -3.57 4.81
N THR A 21 -2.33 -4.59 4.43
CA THR A 21 -2.73 -5.46 3.32
C THR A 21 -3.71 -6.53 3.77
N THR A 22 -3.54 -6.99 5.00
CA THR A 22 -4.51 -7.92 5.56
C THR A 22 -5.84 -7.22 5.78
N THR A 23 -5.78 -5.88 5.83
CA THR A 23 -6.99 -5.07 5.86
C THR A 23 -7.45 -4.71 4.43
N TYR A 24 -6.56 -4.14 3.61
CA TYR A 24 -6.90 -3.82 2.24
C TYR A 24 -6.07 -4.68 1.30
N SER A 25 -6.68 -5.71 0.76
CA SER A 25 -6.00 -6.64 -0.12
C SER A 25 -5.89 -6.09 -1.54
N ASN A 26 -6.34 -4.86 -1.73
CA ASN A 26 -6.12 -4.16 -2.99
C ASN A 26 -4.72 -3.56 -2.99
N ILE A 27 -4.18 -3.39 -1.79
CA ILE A 27 -2.79 -3.00 -1.64
C ILE A 27 -1.96 -4.24 -1.93
N THR A 28 -0.77 -4.06 -2.49
CA THR A 28 0.05 -5.21 -2.86
C THR A 28 1.51 -4.93 -2.59
N LEU A 29 2.19 -5.89 -1.98
CA LEU A 29 3.59 -5.73 -1.65
C LEU A 29 4.43 -6.23 -2.81
N GLU A 30 4.84 -5.29 -3.63
CA GLU A 30 5.56 -5.58 -4.86
C GLU A 30 7.04 -5.27 -4.67
N ASP A 31 7.88 -5.81 -5.55
CA ASP A 31 9.32 -5.58 -5.49
C ASP A 31 9.91 -5.98 -4.14
N ASP A 32 9.28 -6.97 -3.52
CA ASP A 32 9.69 -7.41 -2.20
C ASP A 32 11.01 -8.14 -2.24
N GLN A 33 12.07 -7.38 -2.07
CA GLN A 33 13.43 -7.91 -2.04
C GLN A 33 14.00 -7.75 -0.63
N GLY A 34 13.34 -6.93 0.16
CA GLY A 34 13.84 -6.63 1.49
C GLY A 34 14.27 -5.18 1.60
N SER A 35 15.45 -4.88 1.09
CA SER A 35 15.95 -3.52 1.05
C SER A 35 15.04 -2.66 0.18
N HIS A 36 14.48 -3.29 -0.85
CA HIS A 36 13.49 -2.64 -1.70
C HIS A 36 12.16 -3.37 -1.57
N PHE A 37 11.08 -2.58 -1.57
CA PHE A 37 9.73 -3.10 -1.67
C PHE A 37 8.75 -1.95 -1.74
N ARG A 38 7.68 -2.12 -2.49
CA ARG A 38 6.68 -1.07 -2.67
C ARG A 38 5.28 -1.61 -2.48
N LEU A 39 4.37 -0.76 -2.02
CA LEU A 39 2.97 -1.12 -1.92
C LEU A 39 2.20 -0.47 -3.05
N VAL A 40 1.65 -1.30 -3.90
CA VAL A 40 0.85 -0.81 -5.00
C VAL A 40 -0.63 -0.93 -4.66
N VAL A 41 -1.29 0.21 -4.56
CA VAL A 41 -2.72 0.22 -4.33
C VAL A 41 -3.44 0.04 -5.64
N ARG A 42 -3.97 -1.15 -5.86
CA ARG A 42 -4.64 -1.46 -7.11
C ARG A 42 -6.14 -1.40 -6.96
N ASP A 43 -6.79 -1.33 -8.09
CA ASP A 43 -8.24 -1.32 -8.16
C ASP A 43 -8.76 -2.76 -8.25
N THR A 44 -10.07 -2.91 -8.23
CA THR A 44 -10.67 -4.24 -8.20
C THR A 44 -10.40 -5.00 -9.51
N GLU A 45 -10.06 -4.26 -10.56
CA GLU A 45 -9.68 -4.88 -11.83
C GLU A 45 -8.17 -5.07 -11.90
N GLY A 46 -7.49 -4.65 -10.84
CA GLY A 46 -6.04 -4.78 -10.78
C GLY A 46 -5.33 -3.57 -11.36
N ARG A 47 -6.10 -2.53 -11.66
CA ARG A 47 -5.56 -1.28 -12.18
C ARG A 47 -4.60 -0.66 -11.18
N MET A 48 -3.44 -0.23 -11.66
CA MET A 48 -2.45 0.42 -10.80
C MET A 48 -2.90 1.84 -10.51
N VAL A 49 -3.54 2.03 -9.36
CA VAL A 49 -4.09 3.33 -9.01
C VAL A 49 -3.02 4.23 -8.40
N TRP A 50 -2.17 3.63 -7.57
CA TRP A 50 -1.12 4.35 -6.89
C TRP A 50 -0.12 3.36 -6.30
N ARG A 51 1.13 3.79 -6.13
CA ARG A 51 2.15 2.95 -5.52
C ARG A 51 3.20 3.80 -4.82
N ALA A 52 3.75 3.26 -3.74
CA ALA A 52 4.79 3.94 -2.98
C ALA A 52 5.73 2.92 -2.36
N TRP A 53 7.01 3.27 -2.31
CA TRP A 53 8.02 2.38 -1.77
C TRP A 53 8.18 2.56 -0.27
N ASN A 54 9.20 1.91 0.23
CA ASN A 54 9.56 1.95 1.63
C ASN A 54 10.38 3.21 1.92
N PHE A 55 11.21 3.58 0.95
CA PHE A 55 12.08 4.75 1.10
C PHE A 55 11.38 6.04 0.67
N GLU A 56 10.07 6.00 0.60
CA GLU A 56 9.28 7.18 0.28
C GLU A 56 9.00 7.97 1.56
N PRO A 57 9.53 9.21 1.64
CA PRO A 57 9.51 10.06 2.84
C PRO A 57 8.15 10.11 3.55
N ASP A 58 7.07 10.17 2.78
CA ASP A 58 5.74 10.18 3.37
C ASP A 58 4.81 9.29 2.56
N ALA A 59 5.20 8.03 2.42
CA ALA A 59 4.41 7.06 1.66
C ALA A 59 3.01 6.95 2.22
N GLY A 60 2.91 6.98 3.54
CA GLY A 60 1.63 6.82 4.22
C GLY A 60 0.60 7.87 3.85
N GLU A 61 1.04 9.08 3.56
CA GLU A 61 0.11 10.17 3.27
C GLU A 61 -0.72 9.86 2.02
N GLY A 62 -0.06 9.35 0.99
CA GLY A 62 -0.75 9.02 -0.24
C GLY A 62 -1.61 7.79 -0.09
N LEU A 63 -1.07 6.79 0.60
CA LEU A 63 -1.77 5.54 0.82
C LEU A 63 -3.01 5.75 1.67
N ASN A 64 -2.86 6.41 2.82
CA ASN A 64 -3.98 6.68 3.72
C ASN A 64 -5.04 7.52 3.03
N ARG A 65 -4.61 8.40 2.14
CA ARG A 65 -5.52 9.21 1.35
C ARG A 65 -6.52 8.34 0.60
N TYR A 66 -6.00 7.34 -0.10
CA TYR A 66 -6.83 6.42 -0.85
C TYR A 66 -7.57 5.48 0.10
N ILE A 67 -6.84 4.98 1.10
CA ILE A 67 -7.37 4.03 2.09
C ILE A 67 -8.69 4.51 2.68
N ARG A 68 -8.75 5.78 3.05
CA ARG A 68 -9.93 6.32 3.72
C ARG A 68 -11.14 6.38 2.80
N THR A 69 -10.98 7.01 1.64
CA THR A 69 -12.13 7.30 0.79
C THR A 69 -12.63 6.07 0.04
N SER A 70 -11.72 5.21 -0.37
CA SER A 70 -12.10 4.02 -1.13
C SER A 70 -12.40 2.86 -0.20
N GLY A 71 -11.46 2.59 0.70
CA GLY A 71 -11.60 1.51 1.68
C GLY A 71 -12.02 0.18 1.08
N ILE A 72 -11.06 -0.60 0.59
CA ILE A 72 -11.37 -1.93 0.04
C ILE A 72 -11.51 -2.95 1.18
N ARG A 73 -11.46 -2.43 2.41
CA ARG A 73 -11.60 -3.22 3.64
C ARG A 73 -12.92 -3.97 3.68
N THR A 74 -13.86 -3.56 2.85
CA THR A 74 -15.15 -4.23 2.74
C THR A 74 -14.98 -5.55 1.97
N ASP A 75 -13.71 -5.90 1.72
CA ASP A 75 -13.33 -7.22 1.20
C ASP A 75 -13.82 -7.46 -0.22
N GLY A 10 4.82 8.59 7.49
CA GLY A 10 5.16 8.70 6.09
C GLY A 10 5.81 7.43 5.59
N PRO A 11 7.09 7.19 5.93
CA PRO A 11 7.73 5.92 5.61
C PRO A 11 7.26 4.84 6.56
N PHE A 12 6.88 3.73 5.99
CA PHE A 12 6.25 2.65 6.75
C PHE A 12 7.22 1.50 7.02
N THR A 13 6.70 0.50 7.68
CA THR A 13 7.44 -0.71 7.97
C THR A 13 6.81 -1.87 7.21
N ARG A 14 7.60 -2.87 6.86
CA ARG A 14 7.08 -4.02 6.11
C ARG A 14 5.96 -4.69 6.89
N ARG A 15 6.24 -4.95 8.16
CA ARG A 15 5.27 -5.56 9.07
C ARG A 15 4.00 -4.72 9.15
N GLN A 16 4.17 -3.40 9.29
CA GLN A 16 3.04 -2.49 9.36
C GLN A 16 2.25 -2.53 8.06
N ALA A 17 2.95 -2.59 6.95
CA ALA A 17 2.33 -2.69 5.64
C ALA A 17 1.50 -3.97 5.53
N GLN A 18 2.07 -5.07 6.01
CA GLN A 18 1.41 -6.37 5.99
C GLN A 18 0.02 -6.28 6.61
N ALA A 19 -0.08 -5.58 7.73
CA ALA A 19 -1.35 -5.43 8.43
C ALA A 19 -2.38 -4.65 7.60
N VAL A 20 -1.90 -3.79 6.71
CA VAL A 20 -2.80 -2.90 5.99
C VAL A 20 -3.19 -3.57 4.69
N THR A 21 -2.42 -4.57 4.36
CA THR A 21 -2.59 -5.29 3.13
C THR A 21 -3.48 -6.47 3.42
N THR A 22 -3.36 -6.96 4.64
CA THR A 22 -4.29 -7.88 5.20
C THR A 22 -5.67 -7.23 5.27
N THR A 23 -5.68 -5.94 5.60
CA THR A 23 -6.91 -5.18 5.64
C THR A 23 -7.41 -4.86 4.23
N TYR A 24 -6.57 -4.25 3.39
CA TYR A 24 -6.95 -3.95 2.04
C TYR A 24 -6.05 -4.71 1.08
N SER A 25 -6.52 -5.85 0.61
CA SER A 25 -5.72 -6.67 -0.28
C SER A 25 -5.68 -6.09 -1.69
N ASN A 26 -6.26 -4.91 -1.86
CA ASN A 26 -6.06 -4.14 -3.08
C ASN A 26 -4.68 -3.48 -3.02
N ILE A 27 -4.12 -3.44 -1.82
CA ILE A 27 -2.74 -3.02 -1.63
C ILE A 27 -1.88 -4.25 -1.87
N THR A 28 -0.65 -4.07 -2.32
CA THR A 28 0.22 -5.20 -2.52
C THR A 28 1.62 -4.91 -2.05
N LEU A 29 2.06 -5.67 -1.05
CA LEU A 29 3.43 -5.56 -0.59
C LEU A 29 4.29 -6.41 -1.50
N GLU A 30 4.93 -5.76 -2.44
CA GLU A 30 5.68 -6.45 -3.47
C GLU A 30 7.05 -5.82 -3.62
N ASP A 31 7.79 -6.28 -4.63
CA ASP A 31 9.11 -5.74 -4.97
C ASP A 31 10.12 -6.11 -3.88
N ASP A 32 9.77 -7.11 -3.07
CA ASP A 32 10.63 -7.59 -1.99
C ASP A 32 11.97 -8.05 -2.56
N GLN A 33 12.96 -7.17 -2.53
CA GLN A 33 14.27 -7.48 -3.08
C GLN A 33 15.33 -7.32 -2.00
N GLY A 34 14.89 -7.13 -0.78
CA GLY A 34 15.82 -6.99 0.32
C GLY A 34 15.69 -5.65 1.02
N SER A 35 16.42 -4.66 0.54
CA SER A 35 16.43 -3.34 1.16
C SER A 35 15.33 -2.47 0.58
N HIS A 36 14.81 -2.85 -0.58
CA HIS A 36 13.73 -2.09 -1.19
C HIS A 36 12.52 -2.97 -1.46
N PHE A 37 11.35 -2.35 -1.33
CA PHE A 37 10.07 -2.96 -1.64
C PHE A 37 9.03 -1.84 -1.68
N ARG A 38 7.84 -2.12 -2.18
CA ARG A 38 6.83 -1.07 -2.33
C ARG A 38 5.42 -1.63 -2.28
N LEU A 39 4.48 -0.77 -1.93
CA LEU A 39 3.07 -1.12 -1.87
C LEU A 39 2.35 -0.58 -3.08
N VAL A 40 1.80 -1.49 -3.88
CA VAL A 40 1.05 -1.11 -5.06
C VAL A 40 -0.44 -1.18 -4.78
N VAL A 41 -1.11 -0.03 -4.80
CA VAL A 41 -2.55 0.01 -4.58
C VAL A 41 -3.28 -0.12 -5.91
N ARG A 42 -4.12 -1.13 -6.01
CA ARG A 42 -4.87 -1.39 -7.23
C ARG A 42 -6.32 -0.95 -7.04
N ASP A 43 -7.05 -0.81 -8.14
CA ASP A 43 -8.46 -0.45 -8.05
C ASP A 43 -9.32 -1.71 -7.93
N THR A 44 -10.63 -1.52 -8.01
CA THR A 44 -11.57 -2.61 -7.83
C THR A 44 -11.41 -3.69 -8.90
N GLU A 45 -10.81 -3.32 -10.03
CA GLU A 45 -10.57 -4.27 -11.10
C GLU A 45 -9.19 -4.91 -10.96
N GLY A 46 -8.25 -4.17 -10.40
CA GLY A 46 -6.91 -4.68 -10.26
C GLY A 46 -5.89 -3.83 -11.01
N ARG A 47 -6.31 -2.68 -11.49
CA ARG A 47 -5.42 -1.77 -12.17
C ARG A 47 -4.67 -0.94 -11.14
N MET A 48 -3.35 -0.91 -11.24
CA MET A 48 -2.54 -0.14 -10.30
C MET A 48 -2.80 1.35 -10.45
N VAL A 49 -3.30 1.95 -9.38
CA VAL A 49 -3.61 3.36 -9.39
C VAL A 49 -2.47 4.16 -8.77
N TRP A 50 -1.84 3.57 -7.76
CA TRP A 50 -0.75 4.25 -7.06
C TRP A 50 0.14 3.24 -6.35
N ARG A 51 1.41 3.22 -6.72
CA ARG A 51 2.39 2.40 -6.04
C ARG A 51 3.40 3.29 -5.32
N ALA A 52 3.61 3.03 -4.06
CA ALA A 52 4.50 3.84 -3.24
C ALA A 52 5.60 2.99 -2.64
N TRP A 53 6.80 3.55 -2.58
CA TRP A 53 7.94 2.85 -2.04
C TRP A 53 7.92 2.86 -0.53
N ASN A 54 9.03 2.45 0.05
CA ASN A 54 9.15 2.33 1.49
C ASN A 54 9.92 3.51 2.07
N PHE A 55 10.84 4.05 1.28
CA PHE A 55 11.73 5.12 1.75
C PHE A 55 11.13 6.50 1.50
N GLU A 56 9.91 6.54 0.98
CA GLU A 56 9.23 7.80 0.71
C GLU A 56 8.74 8.42 2.02
N PRO A 57 9.01 9.72 2.20
CA PRO A 57 8.71 10.43 3.45
C PRO A 57 7.22 10.56 3.74
N ASP A 58 6.40 10.25 2.74
CA ASP A 58 4.95 10.32 2.91
C ASP A 58 4.28 9.11 2.27
N ALA A 59 5.01 7.99 2.22
CA ALA A 59 4.51 6.79 1.58
C ALA A 59 3.13 6.40 2.12
N GLY A 60 3.02 6.37 3.44
CA GLY A 60 1.78 5.99 4.06
C GLY A 60 0.70 7.02 3.89
N GLU A 61 1.09 8.28 3.80
CA GLU A 61 0.12 9.37 3.71
C GLU A 61 -0.58 9.34 2.35
N GLY A 62 0.14 8.95 1.32
CA GLY A 62 -0.45 8.83 0.00
C GLY A 62 -1.34 7.61 -0.11
N LEU A 63 -0.90 6.53 0.51
CA LEU A 63 -1.66 5.29 0.53
C LEU A 63 -2.93 5.45 1.35
N ASN A 64 -2.79 6.06 2.53
CA ASN A 64 -3.95 6.35 3.38
C ASN A 64 -4.93 7.27 2.67
N ARG A 65 -4.40 8.16 1.83
CA ARG A 65 -5.23 9.04 1.01
C ARG A 65 -6.17 8.21 0.14
N TYR A 66 -5.64 7.15 -0.47
CA TYR A 66 -6.45 6.24 -1.26
C TYR A 66 -7.41 5.48 -0.35
N ILE A 67 -6.86 4.85 0.69
CA ILE A 67 -7.63 4.04 1.64
C ILE A 67 -8.83 4.81 2.19
N ARG A 68 -8.57 6.01 2.67
CA ARG A 68 -9.56 6.83 3.36
C ARG A 68 -10.81 7.07 2.50
N THR A 69 -10.63 7.14 1.20
CA THR A 69 -11.73 7.48 0.32
C THR A 69 -12.16 6.29 -0.54
N SER A 70 -11.72 5.10 -0.18
CA SER A 70 -12.05 3.91 -0.95
C SER A 70 -12.47 2.76 -0.02
N GLY A 71 -11.59 2.44 0.92
CA GLY A 71 -11.83 1.33 1.85
C GLY A 71 -12.29 0.05 1.17
N ILE A 72 -11.37 -0.67 0.52
CA ILE A 72 -11.72 -1.86 -0.25
C ILE A 72 -12.08 -3.06 0.65
N ARG A 73 -11.64 -3.01 1.90
CA ARG A 73 -11.89 -4.09 2.85
C ARG A 73 -13.38 -4.36 3.02
N THR A 74 -14.09 -3.36 3.58
CA THR A 74 -15.52 -3.45 3.81
C THR A 74 -16.25 -3.33 2.48
N ASP A 75 -15.43 -3.17 1.43
CA ASP A 75 -15.89 -3.16 0.04
C ASP A 75 -16.85 -2.01 -0.26
N GLY A 10 4.00 8.93 7.53
CA GLY A 10 5.09 8.88 6.57
C GLY A 10 5.51 7.47 6.14
N PRO A 11 6.80 7.13 6.32
CA PRO A 11 7.35 5.84 5.91
C PRO A 11 6.88 4.69 6.81
N PHE A 12 6.65 3.53 6.21
CA PHE A 12 6.18 2.37 6.94
C PHE A 12 7.25 1.28 7.01
N THR A 13 6.87 0.13 7.53
CA THR A 13 7.74 -1.02 7.58
C THR A 13 7.05 -2.20 6.92
N ARG A 14 7.75 -3.32 6.81
CA ARG A 14 7.14 -4.53 6.27
C ARG A 14 5.98 -4.96 7.16
N ARG A 15 6.25 -4.96 8.46
CA ARG A 15 5.26 -5.29 9.47
C ARG A 15 4.02 -4.42 9.31
N GLN A 16 4.23 -3.12 9.20
CA GLN A 16 3.14 -2.18 9.01
C GLN A 16 2.41 -2.47 7.70
N ALA A 17 3.20 -2.60 6.63
CA ALA A 17 2.65 -2.89 5.30
C ALA A 17 1.74 -4.12 5.32
N GLN A 18 2.23 -5.21 5.92
CA GLN A 18 1.48 -6.45 6.00
C GLN A 18 0.12 -6.23 6.66
N ALA A 19 0.09 -5.43 7.72
CA ALA A 19 -1.14 -5.15 8.44
C ALA A 19 -2.16 -4.43 7.57
N VAL A 20 -1.69 -3.65 6.60
CA VAL A 20 -2.59 -2.79 5.85
C VAL A 20 -3.05 -3.56 4.65
N THR A 21 -2.22 -4.49 4.25
CA THR A 21 -2.48 -5.34 3.12
C THR A 21 -3.45 -6.46 3.50
N THR A 22 -3.35 -6.92 4.75
CA THR A 22 -4.31 -7.86 5.26
C THR A 22 -5.64 -7.16 5.53
N THR A 23 -5.56 -5.86 5.79
CA THR A 23 -6.75 -5.03 5.90
C THR A 23 -7.35 -4.73 4.52
N TYR A 24 -6.55 -4.18 3.61
CA TYR A 24 -6.98 -3.94 2.26
C TYR A 24 -6.13 -4.79 1.32
N SER A 25 -6.66 -5.90 0.85
CA SER A 25 -5.88 -6.80 0.01
C SER A 25 -5.87 -6.34 -1.45
N ASN A 26 -6.23 -5.09 -1.66
CA ASN A 26 -6.01 -4.44 -2.94
C ASN A 26 -4.62 -3.83 -2.94
N ILE A 27 -4.11 -3.63 -1.73
CA ILE A 27 -2.72 -3.22 -1.54
C ILE A 27 -1.84 -4.42 -1.82
N THR A 28 -0.65 -4.21 -2.35
CA THR A 28 0.23 -5.32 -2.66
C THR A 28 1.69 -4.93 -2.54
N LEU A 29 2.44 -5.75 -1.82
CA LEU A 29 3.87 -5.51 -1.64
C LEU A 29 4.61 -5.98 -2.88
N GLU A 30 5.01 -5.03 -3.71
CA GLU A 30 5.66 -5.31 -4.97
C GLU A 30 7.11 -4.84 -4.90
N ASP A 31 7.91 -5.28 -5.87
CA ASP A 31 9.31 -4.86 -5.99
C ASP A 31 10.13 -5.38 -4.80
N ASP A 32 9.94 -6.66 -4.49
CA ASP A 32 10.63 -7.30 -3.37
C ASP A 32 12.14 -7.35 -3.63
N GLN A 33 12.87 -6.43 -3.03
CA GLN A 33 14.32 -6.44 -3.11
C GLN A 33 14.90 -6.31 -1.70
N GLY A 34 14.53 -7.25 -0.84
CA GLY A 34 14.99 -7.22 0.53
C GLY A 34 14.28 -6.14 1.34
N SER A 35 15.02 -5.12 1.75
CA SER A 35 14.45 -4.00 2.48
C SER A 35 13.94 -2.94 1.50
N HIS A 36 14.14 -3.19 0.22
CA HIS A 36 13.63 -2.32 -0.83
C HIS A 36 12.37 -2.92 -1.42
N PHE A 37 11.29 -2.15 -1.42
CA PHE A 37 10.03 -2.60 -1.99
C PHE A 37 9.01 -1.46 -1.99
N ARG A 38 7.89 -1.66 -2.66
CA ARG A 38 6.84 -0.65 -2.68
C ARG A 38 5.45 -1.28 -2.70
N LEU A 39 4.51 -0.62 -2.05
CA LEU A 39 3.14 -1.08 -2.02
C LEU A 39 2.36 -0.47 -3.17
N VAL A 40 1.99 -1.31 -4.11
CA VAL A 40 1.13 -0.90 -5.20
C VAL A 40 -0.32 -1.13 -4.80
N VAL A 41 -1.07 -0.05 -4.68
CA VAL A 41 -2.46 -0.13 -4.30
C VAL A 41 -3.31 -0.21 -5.56
N ARG A 42 -3.87 -1.39 -5.79
CA ARG A 42 -4.68 -1.63 -6.96
C ARG A 42 -6.15 -1.44 -6.62
N ASP A 43 -7.00 -1.42 -7.63
CA ASP A 43 -8.43 -1.26 -7.41
C ASP A 43 -9.11 -2.62 -7.39
N THR A 44 -10.43 -2.60 -7.38
CA THR A 44 -11.23 -3.80 -7.30
C THR A 44 -11.06 -4.68 -8.54
N GLU A 45 -10.59 -4.08 -9.63
CA GLU A 45 -10.33 -4.81 -10.86
C GLU A 45 -8.89 -5.31 -10.89
N GLY A 46 -8.01 -4.58 -10.21
CA GLY A 46 -6.62 -4.97 -10.16
C GLY A 46 -5.71 -3.97 -10.86
N ARG A 47 -6.24 -2.81 -11.19
CA ARG A 47 -5.47 -1.78 -11.84
C ARG A 47 -4.64 -1.03 -10.81
N MET A 48 -3.38 -0.74 -11.13
CA MET A 48 -2.50 -0.04 -10.21
C MET A 48 -2.83 1.44 -10.18
N VAL A 49 -3.62 1.83 -9.19
CA VAL A 49 -4.07 3.21 -9.06
C VAL A 49 -3.02 4.05 -8.35
N TRP A 50 -2.28 3.42 -7.45
CA TRP A 50 -1.27 4.11 -6.68
C TRP A 50 -0.14 3.15 -6.30
N ARG A 51 1.02 3.69 -5.98
CA ARG A 51 2.17 2.91 -5.57
C ARG A 51 3.13 3.78 -4.78
N ALA A 52 3.58 3.29 -3.63
CA ALA A 52 4.50 4.02 -2.79
C ALA A 52 5.53 3.09 -2.18
N TRP A 53 6.78 3.54 -2.10
CA TRP A 53 7.84 2.74 -1.56
C TRP A 53 7.78 2.70 -0.05
N ASN A 54 8.79 2.10 0.52
CA ASN A 54 8.88 1.94 1.97
C ASN A 54 9.70 3.08 2.56
N PHE A 55 10.59 3.63 1.74
CA PHE A 55 11.54 4.64 2.20
C PHE A 55 11.06 6.05 1.88
N GLU A 56 9.85 6.17 1.34
CA GLU A 56 9.30 7.48 1.03
C GLU A 56 8.84 8.19 2.31
N PRO A 57 9.26 9.45 2.50
CA PRO A 57 8.99 10.21 3.72
C PRO A 57 7.50 10.39 4.00
N ASP A 58 6.68 10.22 2.96
CA ASP A 58 5.25 10.35 3.10
C ASP A 58 4.54 9.19 2.40
N ALA A 59 5.12 8.00 2.51
CA ALA A 59 4.56 6.81 1.88
C ALA A 59 3.12 6.60 2.30
N GLY A 60 2.89 6.63 3.61
CA GLY A 60 1.55 6.44 4.14
C GLY A 60 0.59 7.53 3.71
N GLU A 61 1.12 8.73 3.50
CA GLU A 61 0.30 9.87 3.11
C GLU A 61 -0.39 9.58 1.78
N GLY A 62 0.34 9.00 0.84
CA GLY A 62 -0.23 8.68 -0.45
C GLY A 62 -1.11 7.45 -0.39
N LEU A 63 -0.69 6.46 0.38
CA LEU A 63 -1.46 5.22 0.54
C LEU A 63 -2.81 5.51 1.18
N ASN A 64 -2.79 6.20 2.32
CA ASN A 64 -4.01 6.58 3.02
C ASN A 64 -4.86 7.50 2.16
N ARG A 65 -4.20 8.30 1.33
CA ARG A 65 -4.87 9.21 0.40
C ARG A 65 -5.85 8.43 -0.48
N TYR A 66 -5.40 7.31 -1.02
CA TYR A 66 -6.26 6.47 -1.84
C TYR A 66 -7.26 5.70 -0.99
N ILE A 67 -6.78 5.13 0.12
CA ILE A 67 -7.62 4.35 1.02
C ILE A 67 -8.86 5.13 1.43
N ARG A 68 -8.65 6.39 1.77
CA ARG A 68 -9.70 7.27 2.26
C ARG A 68 -10.84 7.43 1.25
N THR A 69 -10.56 7.21 -0.03
CA THR A 69 -11.57 7.42 -1.05
C THR A 69 -11.89 6.13 -1.80
N SER A 70 -11.61 5.00 -1.17
CA SER A 70 -11.90 3.71 -1.77
C SER A 70 -12.33 2.68 -0.72
N GLY A 71 -11.48 2.51 0.28
CA GLY A 71 -11.72 1.53 1.34
C GLY A 71 -12.17 0.19 0.81
N ILE A 72 -11.24 -0.62 0.30
CA ILE A 72 -11.61 -1.88 -0.35
C ILE A 72 -12.05 -2.93 0.68
N ARG A 73 -11.66 -2.74 1.94
CA ARG A 73 -11.95 -3.71 2.98
C ARG A 73 -13.44 -3.85 3.21
N THR A 74 -14.10 -2.72 3.37
CA THR A 74 -15.53 -2.69 3.62
C THR A 74 -16.27 -2.85 2.30
N ASP A 75 -15.53 -3.34 1.30
CA ASP A 75 -16.03 -3.55 -0.04
C ASP A 75 -16.29 -2.23 -0.77
N GLY A 10 4.44 9.14 7.73
CA GLY A 10 5.34 9.21 6.58
C GLY A 10 5.67 7.85 5.98
N PRO A 11 6.95 7.41 6.06
CA PRO A 11 7.38 6.13 5.53
C PRO A 11 6.89 4.97 6.40
N PHE A 12 6.96 3.77 5.85
CA PHE A 12 6.44 2.59 6.57
C PHE A 12 7.42 1.45 6.55
N THR A 13 7.11 0.45 7.35
CA THR A 13 7.96 -0.70 7.53
C THR A 13 7.29 -1.95 6.95
N ARG A 14 8.04 -3.03 6.78
CA ARG A 14 7.52 -4.24 6.15
C ARG A 14 6.37 -4.83 6.96
N ARG A 15 6.58 -4.94 8.27
CA ARG A 15 5.52 -5.37 9.18
C ARG A 15 4.26 -4.52 9.00
N GLN A 16 4.45 -3.21 8.95
CA GLN A 16 3.35 -2.28 8.76
C GLN A 16 2.65 -2.54 7.45
N ALA A 17 3.45 -2.68 6.38
CA ALA A 17 2.90 -2.94 5.05
C ALA A 17 2.02 -4.18 5.05
N GLN A 18 2.51 -5.26 5.64
CA GLN A 18 1.78 -6.52 5.70
C GLN A 18 0.44 -6.35 6.42
N ALA A 19 0.40 -5.52 7.44
CA ALA A 19 -0.81 -5.31 8.23
C ALA A 19 -1.89 -4.61 7.41
N VAL A 20 -1.47 -3.79 6.46
CA VAL A 20 -2.41 -2.95 5.74
C VAL A 20 -2.89 -3.72 4.54
N THR A 21 -2.03 -4.61 4.11
CA THR A 21 -2.30 -5.44 2.96
C THR A 21 -3.13 -6.66 3.36
N THR A 22 -3.00 -7.10 4.60
CA THR A 22 -3.88 -8.14 5.12
C THR A 22 -5.26 -7.56 5.35
N THR A 23 -5.31 -6.27 5.69
CA THR A 23 -6.58 -5.57 5.81
C THR A 23 -7.15 -5.22 4.43
N TYR A 24 -6.33 -4.68 3.54
CA TYR A 24 -6.78 -4.36 2.20
C TYR A 24 -6.03 -5.23 1.20
N SER A 25 -6.64 -6.33 0.79
CA SER A 25 -6.04 -7.25 -0.15
C SER A 25 -5.84 -6.61 -1.53
N ASN A 26 -6.38 -5.41 -1.71
CA ASN A 26 -6.21 -4.66 -2.95
C ASN A 26 -4.83 -4.01 -2.99
N ILE A 27 -4.15 -4.01 -1.86
CA ILE A 27 -2.78 -3.53 -1.79
C ILE A 27 -1.86 -4.66 -2.24
N THR A 28 -0.76 -4.33 -2.89
CA THR A 28 0.13 -5.37 -3.38
C THR A 28 1.58 -5.04 -3.03
N LEU A 29 2.21 -5.93 -2.28
CA LEU A 29 3.58 -5.73 -1.86
C LEU A 29 4.53 -6.31 -2.92
N GLU A 30 5.14 -5.41 -3.68
CA GLU A 30 6.00 -5.80 -4.78
C GLU A 30 7.42 -5.34 -4.50
N ASP A 31 8.37 -5.94 -5.21
CA ASP A 31 9.80 -5.65 -5.03
C ASP A 31 10.25 -6.00 -3.62
N ASP A 32 9.60 -6.99 -3.05
CA ASP A 32 9.89 -7.42 -1.68
C ASP A 32 11.21 -8.18 -1.61
N GLN A 33 12.27 -7.47 -1.28
CA GLN A 33 13.59 -8.09 -1.14
C GLN A 33 14.07 -8.02 0.30
N GLY A 34 13.23 -7.46 1.18
CA GLY A 34 13.59 -7.34 2.58
C GLY A 34 13.61 -5.90 3.05
N SER A 35 14.75 -5.23 2.84
CA SER A 35 14.91 -3.85 3.27
C SER A 35 14.45 -2.89 2.17
N HIS A 36 14.03 -3.46 1.04
CA HIS A 36 13.44 -2.69 -0.04
C HIS A 36 12.16 -3.37 -0.50
N PHE A 37 11.12 -2.58 -0.70
CA PHE A 37 9.83 -3.08 -1.18
C PHE A 37 8.88 -1.91 -1.43
N ARG A 38 7.90 -2.11 -2.27
CA ARG A 38 6.89 -1.07 -2.52
C ARG A 38 5.48 -1.65 -2.54
N LEU A 39 4.50 -0.81 -2.22
CA LEU A 39 3.10 -1.23 -2.25
C LEU A 39 2.39 -0.56 -3.40
N VAL A 40 1.77 -1.36 -4.23
CA VAL A 40 0.89 -0.88 -5.27
C VAL A 40 -0.55 -1.02 -4.82
N VAL A 41 -1.23 0.11 -4.64
CA VAL A 41 -2.62 0.09 -4.23
C VAL A 41 -3.52 -0.01 -5.45
N ARG A 42 -4.23 -1.11 -5.58
CA ARG A 42 -5.06 -1.33 -6.74
C ARG A 42 -6.52 -1.03 -6.45
N ASP A 43 -7.26 -0.82 -7.52
CA ASP A 43 -8.67 -0.50 -7.45
C ASP A 43 -9.50 -1.78 -7.53
N THR A 44 -10.82 -1.63 -7.44
CA THR A 44 -11.75 -2.75 -7.48
C THR A 44 -11.62 -3.56 -8.79
N GLU A 45 -11.08 -2.91 -9.82
CA GLU A 45 -10.87 -3.56 -11.10
C GLU A 45 -9.47 -4.16 -11.19
N GLY A 46 -8.65 -3.91 -10.16
CA GLY A 46 -7.28 -4.38 -10.17
C GLY A 46 -6.35 -3.37 -10.79
N ARG A 47 -6.88 -2.18 -11.05
CA ARG A 47 -6.11 -1.10 -11.63
C ARG A 47 -5.09 -0.56 -10.63
N MET A 48 -3.85 -0.43 -11.05
CA MET A 48 -2.83 0.17 -10.19
C MET A 48 -3.01 1.67 -10.11
N VAL A 49 -3.80 2.09 -9.13
CA VAL A 49 -4.13 3.49 -8.97
C VAL A 49 -2.94 4.25 -8.39
N TRP A 50 -2.23 3.62 -7.47
CA TRP A 50 -1.14 4.28 -6.78
C TRP A 50 -0.09 3.26 -6.38
N ARG A 51 1.16 3.71 -6.27
CA ARG A 51 2.26 2.86 -5.84
C ARG A 51 3.30 3.71 -5.12
N ALA A 52 3.80 3.21 -4.02
CA ALA A 52 4.81 3.93 -3.26
C ALA A 52 5.79 2.97 -2.62
N TRP A 53 7.05 3.40 -2.51
CA TRP A 53 8.05 2.62 -1.84
C TRP A 53 7.92 2.80 -0.35
N ASN A 54 8.89 2.29 0.36
CA ASN A 54 8.86 2.32 1.81
C ASN A 54 9.74 3.45 2.35
N PHE A 55 10.66 3.90 1.52
CA PHE A 55 11.64 4.90 1.92
C PHE A 55 11.26 6.29 1.44
N GLU A 56 10.03 6.45 0.95
CA GLU A 56 9.57 7.75 0.47
C GLU A 56 9.13 8.62 1.64
N PRO A 57 9.54 9.90 1.62
CA PRO A 57 9.35 10.87 2.72
C PRO A 57 8.02 10.73 3.46
N ASP A 58 6.95 10.62 2.72
CA ASP A 58 5.64 10.40 3.33
C ASP A 58 4.81 9.49 2.43
N ALA A 59 5.28 8.27 2.25
CA ALA A 59 4.58 7.29 1.42
C ALA A 59 3.17 7.04 1.95
N GLY A 60 3.02 7.15 3.26
CA GLY A 60 1.73 6.92 3.89
C GLY A 60 0.65 7.87 3.44
N GLU A 61 1.02 9.11 3.15
CA GLU A 61 0.04 10.12 2.75
C GLU A 61 -0.74 9.65 1.53
N GLY A 62 -0.01 9.22 0.49
CA GLY A 62 -0.66 8.79 -0.73
C GLY A 62 -1.47 7.53 -0.55
N LEU A 63 -0.90 6.58 0.17
CA LEU A 63 -1.57 5.32 0.45
C LEU A 63 -2.86 5.58 1.22
N ASN A 64 -2.75 6.26 2.35
CA ASN A 64 -3.91 6.56 3.20
C ASN A 64 -4.92 7.43 2.46
N ARG A 65 -4.41 8.28 1.57
CA ARG A 65 -5.25 9.14 0.74
C ARG A 65 -6.29 8.30 0.02
N TYR A 66 -5.84 7.18 -0.55
CA TYR A 66 -6.73 6.28 -1.24
C TYR A 66 -7.44 5.34 -0.25
N ILE A 67 -6.68 4.85 0.75
CA ILE A 67 -7.22 3.92 1.74
C ILE A 67 -8.46 4.49 2.45
N ARG A 68 -8.35 5.73 2.92
CA ARG A 68 -9.43 6.34 3.67
C ARG A 68 -10.69 6.49 2.82
N THR A 69 -10.52 7.04 1.63
CA THR A 69 -11.64 7.38 0.78
C THR A 69 -12.21 6.17 0.07
N SER A 70 -11.32 5.31 -0.42
CA SER A 70 -11.72 4.26 -1.36
C SER A 70 -11.26 2.88 -0.92
N GLY A 71 -10.98 2.71 0.37
CA GLY A 71 -10.55 1.40 0.89
C GLY A 71 -11.45 0.25 0.46
N ILE A 72 -10.81 -0.83 0.04
CA ILE A 72 -11.49 -2.02 -0.48
C ILE A 72 -11.81 -3.00 0.67
N ARG A 73 -11.57 -2.52 1.90
CA ARG A 73 -11.66 -3.32 3.15
C ARG A 73 -12.95 -4.14 3.30
N THR A 74 -13.90 -3.97 2.41
CA THR A 74 -15.09 -4.81 2.39
C THR A 74 -14.74 -6.24 1.99
N ASP A 75 -13.44 -6.50 1.84
CA ASP A 75 -12.95 -7.83 1.55
C ASP A 75 -12.81 -8.62 2.82
N GLY A 10 4.19 8.63 8.18
CA GLY A 10 4.93 8.82 6.93
C GLY A 10 5.34 7.50 6.29
N PRO A 11 6.65 7.15 6.37
CA PRO A 11 7.15 5.88 5.85
C PRO A 11 6.61 4.69 6.64
N PHE A 12 6.83 3.49 6.12
CA PHE A 12 6.35 2.29 6.78
C PHE A 12 7.37 1.16 6.69
N THR A 13 7.17 0.14 7.50
CA THR A 13 8.07 -0.98 7.56
C THR A 13 7.47 -2.18 6.83
N ARG A 14 8.24 -3.27 6.77
CA ARG A 14 7.78 -4.50 6.15
C ARG A 14 6.54 -5.02 6.85
N ARG A 15 6.66 -5.20 8.15
CA ARG A 15 5.57 -5.74 8.95
C ARG A 15 4.36 -4.82 8.94
N GLN A 16 4.59 -3.51 8.94
CA GLN A 16 3.52 -2.53 8.87
C GLN A 16 2.76 -2.67 7.55
N ALA A 17 3.51 -2.64 6.45
CA ALA A 17 2.93 -2.80 5.12
C ALA A 17 2.08 -4.06 5.03
N GLN A 18 2.62 -5.15 5.56
CA GLN A 18 1.94 -6.45 5.53
C GLN A 18 0.58 -6.39 6.21
N ALA A 19 0.49 -5.66 7.31
CA ALA A 19 -0.75 -5.51 8.05
C ALA A 19 -1.78 -4.69 7.26
N VAL A 20 -1.28 -3.81 6.40
CA VAL A 20 -2.15 -2.98 5.61
C VAL A 20 -2.74 -3.80 4.47
N THR A 21 -2.04 -4.84 4.06
CA THR A 21 -2.55 -5.76 3.05
C THR A 21 -3.52 -6.77 3.63
N THR A 22 -3.37 -7.10 4.91
CA THR A 22 -4.33 -7.93 5.58
C THR A 22 -5.58 -7.11 5.90
N THR A 23 -5.44 -5.80 5.80
CA THR A 23 -6.59 -4.92 5.88
C THR A 23 -7.15 -4.62 4.48
N TYR A 24 -6.29 -4.23 3.54
CA TYR A 24 -6.71 -3.98 2.17
C TYR A 24 -5.97 -4.94 1.23
N SER A 25 -6.66 -5.95 0.74
CA SER A 25 -6.06 -6.92 -0.16
C SER A 25 -5.92 -6.35 -1.56
N ASN A 26 -6.38 -5.12 -1.75
CA ASN A 26 -6.23 -4.43 -3.02
C ASN A 26 -4.85 -3.82 -3.11
N ILE A 27 -4.13 -3.85 -1.99
CA ILE A 27 -2.74 -3.42 -1.97
C ILE A 27 -1.86 -4.60 -2.36
N THR A 28 -0.67 -4.34 -2.87
CA THR A 28 0.23 -5.41 -3.29
C THR A 28 1.68 -5.08 -2.96
N LEU A 29 2.32 -5.95 -2.19
CA LEU A 29 3.71 -5.76 -1.84
C LEU A 29 4.59 -6.40 -2.90
N GLU A 30 5.20 -5.56 -3.71
CA GLU A 30 6.10 -6.03 -4.77
C GLU A 30 7.44 -5.33 -4.65
N ASP A 31 8.42 -5.81 -5.40
CA ASP A 31 9.77 -5.23 -5.39
C ASP A 31 10.43 -5.42 -4.04
N ASP A 32 10.18 -6.57 -3.44
CA ASP A 32 10.77 -6.90 -2.14
C ASP A 32 12.28 -7.06 -2.27
N GLN A 33 13.00 -6.04 -1.85
CA GLN A 33 14.46 -6.01 -1.94
C GLN A 33 15.05 -5.95 -0.54
N GLY A 34 14.34 -6.55 0.41
CA GLY A 34 14.79 -6.56 1.78
C GLY A 34 14.15 -5.45 2.59
N SER A 35 14.94 -4.42 2.89
CA SER A 35 14.45 -3.29 3.67
C SER A 35 13.70 -2.31 2.77
N HIS A 36 13.64 -2.61 1.48
CA HIS A 36 12.96 -1.75 0.53
C HIS A 36 12.00 -2.56 -0.32
N PHE A 37 10.86 -1.96 -0.64
CA PHE A 37 9.80 -2.59 -1.42
C PHE A 37 8.73 -1.55 -1.69
N ARG A 38 7.78 -1.87 -2.55
CA ARG A 38 6.71 -0.94 -2.85
C ARG A 38 5.35 -1.60 -2.66
N LEU A 39 4.36 -0.76 -2.35
CA LEU A 39 2.98 -1.22 -2.27
C LEU A 39 2.18 -0.62 -3.40
N VAL A 40 1.69 -1.48 -4.26
CA VAL A 40 0.87 -1.05 -5.37
C VAL A 40 -0.59 -1.11 -4.97
N VAL A 41 -1.21 0.04 -4.89
CA VAL A 41 -2.62 0.11 -4.52
C VAL A 41 -3.49 -0.06 -5.75
N ARG A 42 -4.19 -1.17 -5.82
CA ARG A 42 -5.03 -1.48 -6.95
C ARG A 42 -6.49 -1.17 -6.62
N ASP A 43 -7.32 -1.09 -7.66
CA ASP A 43 -8.72 -0.72 -7.49
C ASP A 43 -9.58 -1.97 -7.44
N THR A 44 -10.89 -1.79 -7.52
CA THR A 44 -11.83 -2.89 -7.47
C THR A 44 -11.71 -3.77 -8.71
N GLU A 45 -11.17 -3.18 -9.77
CA GLU A 45 -10.98 -3.90 -11.02
C GLU A 45 -9.67 -4.67 -10.96
N GLY A 46 -8.89 -4.38 -9.94
CA GLY A 46 -7.60 -5.02 -9.76
C GLY A 46 -6.49 -4.33 -10.51
N ARG A 47 -6.81 -3.21 -11.17
CA ARG A 47 -5.80 -2.45 -11.87
C ARG A 47 -5.07 -1.53 -10.90
N MET A 48 -3.79 -1.28 -11.17
CA MET A 48 -2.99 -0.42 -10.29
C MET A 48 -3.35 1.04 -10.49
N VAL A 49 -3.74 1.68 -9.40
CA VAL A 49 -4.16 3.08 -9.43
C VAL A 49 -3.05 3.96 -8.89
N TRP A 50 -2.32 3.44 -7.91
CA TRP A 50 -1.25 4.18 -7.27
C TRP A 50 -0.20 3.20 -6.75
N ARG A 51 1.04 3.64 -6.66
CA ARG A 51 2.11 2.81 -6.15
C ARG A 51 3.18 3.68 -5.50
N ALA A 52 3.71 3.21 -4.37
CA ALA A 52 4.74 3.94 -3.67
C ALA A 52 5.64 2.96 -2.92
N TRP A 53 6.86 3.39 -2.61
CA TRP A 53 7.79 2.55 -1.90
C TRP A 53 7.61 2.71 -0.39
N ASN A 54 8.59 2.25 0.34
CA ASN A 54 8.51 2.25 1.80
C ASN A 54 9.35 3.37 2.41
N PHE A 55 10.34 3.85 1.66
CA PHE A 55 11.32 4.77 2.20
C PHE A 55 10.96 6.23 1.93
N GLU A 56 9.84 6.46 1.27
CA GLU A 56 9.41 7.80 0.93
C GLU A 56 8.89 8.53 2.17
N PRO A 57 9.20 9.84 2.28
CA PRO A 57 8.91 10.66 3.48
C PRO A 57 7.51 10.47 4.04
N ASP A 58 6.53 10.34 3.17
CA ASP A 58 5.16 10.11 3.59
C ASP A 58 4.53 9.03 2.73
N ALA A 59 5.25 7.92 2.56
CA ALA A 59 4.83 6.85 1.68
C ALA A 59 3.45 6.32 2.06
N GLY A 60 3.27 6.05 3.35
CA GLY A 60 2.02 5.52 3.82
C GLY A 60 0.91 6.54 3.79
N GLU A 61 1.27 7.81 3.86
CA GLU A 61 0.29 8.87 3.89
C GLU A 61 -0.35 9.03 2.52
N GLY A 62 0.43 8.79 1.47
CA GLY A 62 -0.11 8.83 0.12
C GLY A 62 -1.01 7.64 -0.15
N LEU A 63 -0.59 6.48 0.34
CA LEU A 63 -1.40 5.28 0.24
C LEU A 63 -2.75 5.50 0.94
N ASN A 64 -2.69 6.10 2.12
CA ASN A 64 -3.88 6.39 2.89
C ASN A 64 -4.69 7.53 2.28
N ARG A 65 -4.06 8.33 1.43
CA ARG A 65 -4.78 9.34 0.67
C ARG A 65 -5.81 8.67 -0.22
N TYR A 66 -5.40 7.63 -0.93
CA TYR A 66 -6.34 6.87 -1.74
C TYR A 66 -7.32 6.11 -0.85
N ILE A 67 -6.79 5.43 0.15
CA ILE A 67 -7.59 4.61 1.06
C ILE A 67 -8.68 5.41 1.78
N ARG A 68 -8.36 6.62 2.21
CA ARG A 68 -9.32 7.46 2.90
C ARG A 68 -10.60 7.62 2.09
N THR A 69 -10.46 7.84 0.79
CA THR A 69 -11.61 8.06 -0.07
C THR A 69 -12.02 6.79 -0.82
N SER A 70 -11.17 5.77 -0.75
CA SER A 70 -11.43 4.53 -1.46
C SER A 70 -10.64 3.36 -0.85
N GLY A 71 -11.00 2.99 0.37
CA GLY A 71 -10.47 1.80 0.98
C GLY A 71 -11.32 0.58 0.65
N ILE A 72 -10.71 -0.47 0.13
CA ILE A 72 -11.46 -1.62 -0.36
C ILE A 72 -11.81 -2.58 0.80
N ARG A 73 -11.37 -2.23 2.00
CA ARG A 73 -11.57 -3.10 3.18
C ARG A 73 -13.04 -3.29 3.52
N THR A 74 -13.92 -2.56 2.85
CA THR A 74 -15.36 -2.78 3.00
C THR A 74 -15.68 -4.22 2.59
N ASP A 75 -14.69 -4.86 2.01
CA ASP A 75 -14.74 -6.29 1.72
C ASP A 75 -13.32 -6.85 1.71
N GLY A 10 3.97 8.83 8.15
CA GLY A 10 4.87 8.95 7.00
C GLY A 10 5.14 7.62 6.32
N PRO A 11 6.35 7.06 6.47
CA PRO A 11 6.70 5.77 5.89
C PRO A 11 6.06 4.61 6.65
N PHE A 12 6.23 3.41 6.14
CA PHE A 12 5.68 2.23 6.76
C PHE A 12 6.75 1.17 6.96
N THR A 13 6.49 0.22 7.84
CA THR A 13 7.42 -0.86 8.09
C THR A 13 6.95 -2.11 7.38
N ARG A 14 7.80 -3.12 7.34
CA ARG A 14 7.44 -4.41 6.77
C ARG A 14 6.24 -4.99 7.51
N ARG A 15 6.27 -4.89 8.83
CA ARG A 15 5.18 -5.39 9.68
C ARG A 15 3.90 -4.59 9.45
N GLN A 16 4.02 -3.27 9.40
CA GLN A 16 2.86 -2.41 9.16
C GLN A 16 2.24 -2.69 7.80
N ALA A 17 3.08 -2.75 6.77
CA ALA A 17 2.61 -3.02 5.40
C ALA A 17 1.75 -4.27 5.34
N GLN A 18 2.28 -5.37 5.87
CA GLN A 18 1.61 -6.66 5.83
C GLN A 18 0.23 -6.59 6.48
N ALA A 19 0.15 -5.92 7.61
CA ALA A 19 -1.09 -5.78 8.35
C ALA A 19 -2.15 -5.04 7.53
N VAL A 20 -1.71 -4.17 6.65
CA VAL A 20 -2.65 -3.31 5.95
C VAL A 20 -3.06 -4.00 4.68
N THR A 21 -2.31 -5.02 4.31
CA THR A 21 -2.68 -5.85 3.19
C THR A 21 -3.73 -6.87 3.59
N THR A 22 -3.70 -7.25 4.87
CA THR A 22 -4.75 -8.10 5.41
C THR A 22 -5.97 -7.24 5.75
N THR A 23 -5.76 -5.93 5.81
CA THR A 23 -6.87 -4.99 5.94
C THR A 23 -7.46 -4.64 4.56
N TYR A 24 -6.61 -4.17 3.64
CA TYR A 24 -7.03 -3.91 2.27
C TYR A 24 -6.24 -4.80 1.34
N SER A 25 -6.86 -5.84 0.82
CA SER A 25 -6.16 -6.79 -0.02
C SER A 25 -5.91 -6.23 -1.42
N ASN A 26 -6.40 -5.02 -1.67
CA ASN A 26 -6.13 -4.34 -2.94
C ASN A 26 -4.70 -3.80 -2.91
N ILE A 27 -4.15 -3.72 -1.71
CA ILE A 27 -2.76 -3.34 -1.54
C ILE A 27 -1.89 -4.54 -1.91
N THR A 28 -0.70 -4.30 -2.43
CA THR A 28 0.18 -5.39 -2.83
C THR A 28 1.64 -5.04 -2.56
N LEU A 29 2.36 -5.95 -1.93
CA LEU A 29 3.77 -5.75 -1.68
C LEU A 29 4.56 -6.23 -2.90
N GLU A 30 5.07 -5.28 -3.66
CA GLU A 30 5.80 -5.57 -4.88
C GLU A 30 7.22 -5.05 -4.77
N ASP A 31 8.08 -5.54 -5.65
CA ASP A 31 9.45 -5.07 -5.76
C ASP A 31 10.23 -5.36 -4.49
N ASP A 32 9.84 -6.44 -3.82
CA ASP A 32 10.47 -6.86 -2.58
C ASP A 32 11.92 -7.25 -2.81
N GLN A 33 12.81 -6.39 -2.35
CA GLN A 33 14.24 -6.61 -2.46
C GLN A 33 14.87 -6.43 -1.08
N GLY A 34 14.13 -6.84 -0.05
CA GLY A 34 14.60 -6.69 1.31
C GLY A 34 14.28 -5.32 1.86
N SER A 35 15.25 -4.41 1.78
CA SER A 35 15.06 -3.04 2.24
C SER A 35 14.31 -2.22 1.19
N HIS A 36 14.50 -2.58 -0.06
CA HIS A 36 13.81 -1.93 -1.16
C HIS A 36 12.52 -2.68 -1.49
N PHE A 37 11.39 -2.00 -1.40
CA PHE A 37 10.11 -2.59 -1.76
C PHE A 37 9.04 -1.50 -1.80
N ARG A 38 7.97 -1.73 -2.53
CA ARG A 38 6.89 -0.74 -2.60
C ARG A 38 5.52 -1.40 -2.58
N LEU A 39 4.55 -0.68 -2.03
CA LEU A 39 3.19 -1.16 -2.00
C LEU A 39 2.39 -0.55 -3.13
N VAL A 40 1.81 -1.42 -3.94
CA VAL A 40 0.97 -0.98 -5.05
C VAL A 40 -0.49 -1.12 -4.67
N VAL A 41 -1.21 -0.02 -4.72
CA VAL A 41 -2.62 -0.03 -4.37
C VAL A 41 -3.46 -0.07 -5.63
N ARG A 42 -4.19 -1.17 -5.80
CA ARG A 42 -5.04 -1.34 -6.95
C ARG A 42 -6.49 -1.04 -6.59
N ASP A 43 -7.33 -0.91 -7.60
CA ASP A 43 -8.73 -0.58 -7.37
C ASP A 43 -9.55 -1.85 -7.19
N THR A 44 -10.87 -1.70 -7.19
CA THR A 44 -11.79 -2.80 -7.00
C THR A 44 -11.66 -3.85 -8.09
N GLU A 45 -11.21 -3.43 -9.26
CA GLU A 45 -11.02 -4.34 -10.39
C GLU A 45 -9.64 -4.99 -10.31
N GLY A 46 -8.68 -4.26 -9.78
CA GLY A 46 -7.31 -4.74 -9.74
C GLY A 46 -6.38 -3.95 -10.62
N ARG A 47 -6.79 -2.73 -10.94
CA ARG A 47 -5.96 -1.83 -11.72
C ARG A 47 -5.04 -1.04 -10.81
N MET A 48 -3.76 -1.03 -11.11
CA MET A 48 -2.80 -0.24 -10.35
C MET A 48 -3.11 1.25 -10.44
N VAL A 49 -3.51 1.82 -9.33
CA VAL A 49 -3.82 3.23 -9.28
C VAL A 49 -2.67 4.03 -8.69
N TRP A 50 -1.98 3.44 -7.71
CA TRP A 50 -0.93 4.16 -7.01
C TRP A 50 0.06 3.20 -6.36
N ARG A 51 1.27 3.67 -6.12
CA ARG A 51 2.32 2.85 -5.52
C ARG A 51 3.35 3.74 -4.83
N ALA A 52 3.86 3.28 -3.70
CA ALA A 52 4.87 4.03 -2.95
C ALA A 52 5.85 3.08 -2.27
N TRP A 53 7.12 3.48 -2.22
CA TRP A 53 8.16 2.65 -1.65
C TRP A 53 8.21 2.76 -0.13
N ASN A 54 9.28 2.23 0.42
CA ASN A 54 9.52 2.24 1.86
C ASN A 54 10.35 3.45 2.27
N PHE A 55 11.28 3.83 1.40
CA PHE A 55 12.17 4.95 1.68
C PHE A 55 11.52 6.29 1.34
N GLU A 56 10.23 6.26 1.09
CA GLU A 56 9.46 7.46 0.79
C GLU A 56 9.08 8.18 2.09
N PRO A 57 9.46 9.46 2.20
CA PRO A 57 9.27 10.29 3.40
C PRO A 57 7.87 10.15 4.01
N ASP A 58 6.86 10.32 3.18
CA ASP A 58 5.48 10.14 3.63
C ASP A 58 4.76 9.16 2.71
N ALA A 59 5.33 7.96 2.59
CA ALA A 59 4.77 6.92 1.72
C ALA A 59 3.31 6.65 2.05
N GLY A 60 3.03 6.54 3.33
CA GLY A 60 1.69 6.23 3.78
C GLY A 60 0.69 7.30 3.41
N GLU A 61 1.13 8.55 3.38
CA GLU A 61 0.23 9.67 3.10
C GLU A 61 -0.43 9.50 1.74
N GLY A 62 0.34 9.08 0.75
CA GLY A 62 -0.20 8.88 -0.58
C GLY A 62 -1.08 7.65 -0.66
N LEU A 63 -0.60 6.56 -0.06
CA LEU A 63 -1.33 5.30 -0.07
C LEU A 63 -2.64 5.43 0.71
N ASN A 64 -2.56 6.01 1.91
CA ASN A 64 -3.74 6.22 2.74
C ASN A 64 -4.69 7.21 2.08
N ARG A 65 -4.15 8.08 1.23
CA ARG A 65 -4.97 9.04 0.52
C ARG A 65 -5.93 8.32 -0.43
N TYR A 66 -5.42 7.33 -1.15
CA TYR A 66 -6.26 6.51 -2.01
C TYR A 66 -7.18 5.63 -1.16
N ILE A 67 -6.62 5.05 -0.11
CA ILE A 67 -7.37 4.23 0.83
C ILE A 67 -8.56 5.01 1.39
N ARG A 68 -8.33 6.30 1.62
CA ARG A 68 -9.35 7.18 2.18
C ARG A 68 -10.59 7.27 1.27
N THR A 69 -10.36 7.44 -0.02
CA THR A 69 -11.44 7.69 -0.95
C THR A 69 -12.05 6.41 -1.49
N SER A 70 -11.33 5.31 -1.36
CA SER A 70 -11.79 4.05 -1.92
C SER A 70 -12.23 3.09 -0.82
N GLY A 71 -11.37 2.91 0.17
CA GLY A 71 -11.61 1.92 1.22
C GLY A 71 -12.02 0.56 0.69
N ILE A 72 -11.06 -0.25 0.27
CA ILE A 72 -11.36 -1.52 -0.39
C ILE A 72 -11.45 -2.64 0.65
N ARG A 73 -11.38 -2.25 1.93
CA ARG A 73 -11.46 -3.19 3.06
C ARG A 73 -12.82 -3.88 3.12
N THR A 74 -13.71 -3.51 2.20
CA THR A 74 -15.01 -4.13 2.12
C THR A 74 -14.91 -5.55 1.61
N ASP A 75 -13.68 -6.04 1.45
CA ASP A 75 -13.48 -7.40 0.99
C ASP A 75 -13.26 -8.33 2.17
N GLY A 10 4.57 8.86 8.34
CA GLY A 10 5.32 8.98 7.08
C GLY A 10 5.73 7.63 6.49
N PRO A 11 7.03 7.31 6.50
CA PRO A 11 7.53 6.03 6.02
C PRO A 11 7.10 4.87 6.92
N PHE A 12 6.79 3.75 6.29
CA PHE A 12 6.26 2.60 7.01
C PHE A 12 7.28 1.46 7.09
N THR A 13 6.83 0.31 7.57
CA THR A 13 7.63 -0.90 7.58
C THR A 13 6.85 -2.01 6.88
N ARG A 14 7.46 -3.18 6.70
CA ARG A 14 6.74 -4.30 6.15
C ARG A 14 5.64 -4.75 7.09
N ARG A 15 5.96 -4.81 8.38
CA ARG A 15 4.98 -5.20 9.39
C ARG A 15 3.75 -4.29 9.30
N GLN A 16 4.00 -2.99 9.29
CA GLN A 16 2.92 -2.02 9.20
C GLN A 16 2.15 -2.21 7.90
N ALA A 17 2.87 -2.23 6.79
CA ALA A 17 2.26 -2.38 5.46
C ALA A 17 1.44 -3.67 5.36
N GLN A 18 2.01 -4.77 5.82
CA GLN A 18 1.37 -6.07 5.72
C GLN A 18 0.02 -6.08 6.42
N ALA A 19 -0.07 -5.41 7.56
CA ALA A 19 -1.31 -5.33 8.31
C ALA A 19 -2.40 -4.59 7.52
N VAL A 20 -1.98 -3.72 6.63
CA VAL A 20 -2.92 -2.90 5.89
C VAL A 20 -3.36 -3.71 4.71
N THR A 21 -2.52 -4.64 4.37
CA THR A 21 -2.71 -5.51 3.24
C THR A 21 -3.57 -6.71 3.63
N THR A 22 -3.41 -7.16 4.87
CA THR A 22 -4.28 -8.21 5.39
C THR A 22 -5.70 -7.66 5.54
N THR A 23 -5.79 -6.36 5.78
CA THR A 23 -7.08 -5.69 5.80
C THR A 23 -7.56 -5.37 4.38
N TYR A 24 -6.73 -4.69 3.58
CA TYR A 24 -7.07 -4.37 2.22
C TYR A 24 -6.26 -5.25 1.27
N SER A 25 -6.90 -6.31 0.78
CA SER A 25 -6.24 -7.28 -0.10
C SER A 25 -5.95 -6.68 -1.48
N ASN A 26 -6.38 -5.45 -1.70
CA ASN A 26 -6.09 -4.76 -2.95
C ASN A 26 -4.70 -4.14 -2.88
N ILE A 27 -4.15 -4.07 -1.68
CA ILE A 27 -2.77 -3.63 -1.49
C ILE A 27 -1.85 -4.82 -1.79
N THR A 28 -0.69 -4.55 -2.35
CA THR A 28 0.24 -5.63 -2.67
C THR A 28 1.68 -5.19 -2.45
N LEU A 29 2.46 -6.06 -1.85
CA LEU A 29 3.88 -5.80 -1.63
C LEU A 29 4.67 -6.43 -2.76
N GLU A 30 5.15 -5.60 -3.67
CA GLU A 30 5.91 -6.08 -4.81
C GLU A 30 7.34 -5.56 -4.75
N ASP A 31 8.20 -6.14 -5.59
CA ASP A 31 9.61 -5.72 -5.69
C ASP A 31 10.33 -5.88 -4.36
N ASP A 32 9.93 -6.88 -3.60
CA ASP A 32 10.52 -7.15 -2.31
C ASP A 32 11.93 -7.71 -2.47
N GLN A 33 12.90 -6.84 -2.24
CA GLN A 33 14.30 -7.22 -2.25
C GLN A 33 14.77 -7.38 -0.81
N GLY A 34 14.18 -6.60 0.08
CA GLY A 34 14.60 -6.59 1.46
C GLY A 34 14.44 -5.21 2.05
N SER A 35 15.39 -4.33 1.76
CA SER A 35 15.27 -2.94 2.14
C SER A 35 14.42 -2.22 1.10
N HIS A 36 14.52 -2.69 -0.14
CA HIS A 36 13.75 -2.15 -1.23
C HIS A 36 12.50 -2.99 -1.47
N PHE A 37 11.37 -2.32 -1.46
CA PHE A 37 10.09 -2.96 -1.72
C PHE A 37 9.04 -1.88 -1.93
N ARG A 38 8.06 -2.16 -2.78
CA ARG A 38 7.04 -1.17 -3.10
C ARG A 38 5.65 -1.76 -2.96
N LEU A 39 4.69 -0.92 -2.59
CA LEU A 39 3.32 -1.38 -2.46
C LEU A 39 2.49 -0.87 -3.62
N VAL A 40 1.55 -1.69 -4.04
CA VAL A 40 0.61 -1.31 -5.06
C VAL A 40 -0.82 -1.46 -4.54
N VAL A 41 -1.49 -0.34 -4.33
CA VAL A 41 -2.90 -0.37 -3.97
C VAL A 41 -3.72 -0.35 -5.25
N ARG A 42 -4.28 -1.49 -5.60
CA ARG A 42 -5.05 -1.60 -6.83
C ARG A 42 -6.53 -1.41 -6.53
N ASP A 43 -7.32 -1.32 -7.58
CA ASP A 43 -8.76 -1.23 -7.43
C ASP A 43 -9.38 -2.60 -7.61
N THR A 44 -10.70 -2.63 -7.72
CA THR A 44 -11.43 -3.89 -7.80
C THR A 44 -11.21 -4.57 -9.15
N GLU A 45 -10.72 -3.82 -10.13
CA GLU A 45 -10.40 -4.39 -11.44
C GLU A 45 -8.95 -4.88 -11.42
N GLY A 46 -8.15 -4.30 -10.56
CA GLY A 46 -6.77 -4.70 -10.44
C GLY A 46 -5.82 -3.70 -11.06
N ARG A 47 -6.30 -2.48 -11.28
CA ARG A 47 -5.48 -1.43 -11.82
C ARG A 47 -4.71 -0.75 -10.70
N MET A 48 -3.46 -0.37 -10.96
CA MET A 48 -2.65 0.29 -9.95
C MET A 48 -3.04 1.76 -9.81
N VAL A 49 -3.74 2.07 -8.74
CA VAL A 49 -4.13 3.44 -8.44
C VAL A 49 -3.03 4.12 -7.65
N TRP A 50 -2.40 3.37 -6.77
CA TRP A 50 -1.29 3.85 -5.97
C TRP A 50 -0.21 2.79 -5.94
N ARG A 51 0.98 3.15 -6.36
CA ARG A 51 2.12 2.26 -6.23
C ARG A 51 3.39 3.07 -6.05
N ALA A 52 4.04 2.84 -4.93
CA ALA A 52 5.22 3.60 -4.53
C ALA A 52 6.06 2.76 -3.59
N TRP A 53 7.23 3.26 -3.23
CA TRP A 53 8.17 2.50 -2.44
C TRP A 53 7.99 2.81 -0.95
N ASN A 54 9.03 2.54 -0.18
CA ASN A 54 8.98 2.69 1.27
C ASN A 54 9.84 3.86 1.73
N PHE A 55 10.93 4.09 1.02
CA PHE A 55 11.91 5.11 1.40
C PHE A 55 11.45 6.51 1.01
N GLU A 56 10.16 6.75 1.08
CA GLU A 56 9.59 8.05 0.76
C GLU A 56 9.05 8.73 2.01
N PRO A 57 9.36 10.03 2.17
CA PRO A 57 9.11 10.79 3.42
C PRO A 57 7.69 10.67 3.95
N ASP A 58 6.71 10.54 3.07
CA ASP A 58 5.32 10.42 3.49
C ASP A 58 4.62 9.33 2.68
N ALA A 59 5.30 8.20 2.52
CA ALA A 59 4.75 7.10 1.75
C ALA A 59 3.43 6.62 2.34
N GLY A 60 3.38 6.54 3.67
CA GLY A 60 2.17 6.12 4.34
C GLY A 60 1.06 7.14 4.23
N GLU A 61 1.43 8.41 4.07
CA GLU A 61 0.45 9.47 3.94
C GLU A 61 -0.20 9.42 2.56
N GLY A 62 0.59 9.02 1.57
CA GLY A 62 0.05 8.80 0.23
C GLY A 62 -0.96 7.67 0.23
N LEU A 63 -0.64 6.61 0.96
CA LEU A 63 -1.55 5.49 1.13
C LEU A 63 -2.80 5.94 1.89
N ASN A 64 -2.61 6.77 2.90
CA ASN A 64 -3.71 7.39 3.63
C ASN A 64 -4.62 8.15 2.66
N ARG A 65 -4.01 8.72 1.64
CA ARG A 65 -4.74 9.48 0.64
C ARG A 65 -5.57 8.55 -0.26
N TYR A 66 -5.13 7.31 -0.43
CA TYR A 66 -5.95 6.33 -1.12
C TYR A 66 -7.05 5.83 -0.18
N ILE A 67 -6.65 5.42 1.01
CA ILE A 67 -7.58 4.89 2.01
C ILE A 67 -8.61 5.95 2.43
N ARG A 68 -8.34 7.20 2.06
CA ARG A 68 -9.28 8.30 2.24
C ARG A 68 -10.68 7.95 1.71
N THR A 69 -10.73 7.14 0.66
CA THR A 69 -11.99 6.76 0.03
C THR A 69 -12.53 5.46 0.63
N SER A 70 -12.18 5.24 1.90
CA SER A 70 -12.65 4.08 2.69
C SER A 70 -11.84 2.82 2.35
N GLY A 71 -11.31 2.76 1.15
CA GLY A 71 -10.58 1.59 0.74
C GLY A 71 -11.50 0.50 0.22
N ILE A 72 -10.94 -0.67 -0.03
CA ILE A 72 -11.68 -1.77 -0.62
C ILE A 72 -12.10 -2.79 0.45
N ARG A 73 -11.85 -2.42 1.71
CA ARG A 73 -12.19 -3.26 2.88
C ARG A 73 -13.65 -3.74 2.84
N THR A 74 -14.49 -3.04 2.08
CA THR A 74 -15.89 -3.44 1.92
C THR A 74 -15.97 -4.80 1.21
N ASP A 75 -14.81 -5.35 0.86
CA ASP A 75 -14.74 -6.67 0.23
C ASP A 75 -15.26 -7.74 1.18
N GLY A 10 4.38 8.91 8.44
CA GLY A 10 5.21 9.04 7.26
C GLY A 10 5.48 7.70 6.59
N PRO A 11 6.74 7.25 6.57
CA PRO A 11 7.11 5.95 6.00
C PRO A 11 6.65 4.80 6.90
N PHE A 12 6.72 3.59 6.36
CA PHE A 12 6.25 2.41 7.07
C PHE A 12 7.33 1.34 7.17
N THR A 13 6.94 0.17 7.63
CA THR A 13 7.83 -0.96 7.75
C THR A 13 7.27 -2.16 7.00
N ARG A 14 8.07 -3.23 6.92
CA ARG A 14 7.61 -4.50 6.36
C ARG A 14 6.41 -5.00 7.18
N ARG A 15 6.55 -4.88 8.49
CA ARG A 15 5.51 -5.27 9.42
C ARG A 15 4.22 -4.47 9.19
N GLN A 16 4.34 -3.14 9.20
CA GLN A 16 3.19 -2.27 8.99
C GLN A 16 2.51 -2.58 7.66
N ALA A 17 3.32 -2.64 6.61
CA ALA A 17 2.80 -2.94 5.27
C ALA A 17 1.89 -4.16 5.27
N GLN A 18 2.38 -5.26 5.83
CA GLN A 18 1.62 -6.50 5.86
C GLN A 18 0.28 -6.33 6.57
N ALA A 19 0.25 -5.55 7.63
CA ALA A 19 -0.97 -5.33 8.41
C ALA A 19 -1.99 -4.54 7.61
N VAL A 20 -1.52 -3.70 6.70
CA VAL A 20 -2.41 -2.78 6.01
C VAL A 20 -2.93 -3.47 4.78
N THR A 21 -2.22 -4.51 4.41
CA THR A 21 -2.51 -5.25 3.22
C THR A 21 -3.41 -6.41 3.59
N THR A 22 -3.20 -6.88 4.81
CA THR A 22 -4.10 -7.80 5.42
C THR A 22 -5.48 -7.14 5.57
N THR A 23 -5.47 -5.85 5.84
CA THR A 23 -6.71 -5.09 5.95
C THR A 23 -7.26 -4.72 4.56
N TYR A 24 -6.43 -4.13 3.71
CA TYR A 24 -6.84 -3.81 2.37
C TYR A 24 -6.06 -4.66 1.40
N SER A 25 -6.63 -5.78 1.00
CA SER A 25 -5.92 -6.71 0.12
C SER A 25 -5.84 -6.17 -1.31
N ASN A 26 -6.37 -4.97 -1.50
CA ASN A 26 -6.23 -4.25 -2.76
C ASN A 26 -4.85 -3.62 -2.81
N ILE A 27 -4.22 -3.50 -1.64
CA ILE A 27 -2.83 -3.11 -1.56
C ILE A 27 -1.98 -4.32 -1.86
N THR A 28 -0.79 -4.13 -2.39
CA THR A 28 0.06 -5.26 -2.73
C THR A 28 1.51 -4.96 -2.40
N LEU A 29 2.12 -5.82 -1.59
CA LEU A 29 3.52 -5.69 -1.27
C LEU A 29 4.32 -6.35 -2.36
N GLU A 30 4.76 -5.54 -3.30
CA GLU A 30 5.44 -6.03 -4.47
C GLU A 30 6.87 -5.53 -4.46
N ASP A 31 7.68 -6.04 -5.39
CA ASP A 31 9.07 -5.63 -5.54
C ASP A 31 9.89 -6.03 -4.32
N ASP A 32 9.36 -6.98 -3.55
CA ASP A 32 10.04 -7.46 -2.36
C ASP A 32 11.34 -8.15 -2.72
N GLN A 33 12.42 -7.40 -2.65
CA GLN A 33 13.75 -7.90 -2.97
C GLN A 33 14.70 -7.60 -1.84
N GLY A 34 14.21 -7.85 -0.63
CA GLY A 34 15.02 -7.69 0.55
C GLY A 34 15.06 -6.26 1.03
N SER A 35 16.00 -5.49 0.51
CA SER A 35 16.23 -4.14 0.99
C SER A 35 15.26 -3.13 0.37
N HIS A 36 14.55 -3.52 -0.69
CA HIS A 36 13.55 -2.62 -1.26
C HIS A 36 12.29 -3.38 -1.61
N PHE A 37 11.18 -2.66 -1.50
CA PHE A 37 9.85 -3.18 -1.82
C PHE A 37 8.87 -2.02 -1.84
N ARG A 38 7.72 -2.22 -2.45
CA ARG A 38 6.72 -1.16 -2.54
C ARG A 38 5.30 -1.68 -2.44
N LEU A 39 4.39 -0.83 -2.01
CA LEU A 39 2.99 -1.18 -1.94
C LEU A 39 2.22 -0.55 -3.10
N VAL A 40 1.75 -1.40 -3.98
CA VAL A 40 0.94 -0.96 -5.09
C VAL A 40 -0.54 -1.08 -4.73
N VAL A 41 -1.25 0.04 -4.80
CA VAL A 41 -2.67 0.05 -4.52
C VAL A 41 -3.44 -0.21 -5.80
N ARG A 42 -4.15 -1.33 -5.85
CA ARG A 42 -4.89 -1.73 -7.04
C ARG A 42 -6.39 -1.61 -6.80
N ASP A 43 -7.15 -1.57 -7.88
CA ASP A 43 -8.60 -1.42 -7.80
C ASP A 43 -9.27 -2.79 -7.88
N THR A 44 -10.58 -2.81 -8.11
CA THR A 44 -11.36 -4.04 -8.15
C THR A 44 -10.90 -4.94 -9.29
N GLU A 45 -10.36 -4.34 -10.35
CA GLU A 45 -9.84 -5.09 -11.48
C GLU A 45 -8.42 -5.56 -11.18
N GLY A 46 -7.69 -4.74 -10.43
CA GLY A 46 -6.30 -5.02 -10.16
C GLY A 46 -5.39 -4.05 -10.88
N ARG A 47 -5.93 -2.92 -11.29
CA ARG A 47 -5.17 -1.90 -11.96
C ARG A 47 -4.40 -1.06 -10.95
N MET A 48 -3.21 -0.61 -11.33
CA MET A 48 -2.41 0.24 -10.46
C MET A 48 -3.03 1.63 -10.41
N VAL A 49 -3.62 1.96 -9.27
CA VAL A 49 -4.19 3.30 -9.07
C VAL A 49 -3.17 4.19 -8.38
N TRP A 50 -2.35 3.56 -7.54
CA TRP A 50 -1.34 4.27 -6.76
C TRP A 50 -0.26 3.28 -6.33
N ARG A 51 0.93 3.79 -6.02
CA ARG A 51 2.03 2.95 -5.58
C ARG A 51 3.06 3.79 -4.85
N ALA A 52 3.58 3.27 -3.76
CA ALA A 52 4.61 3.95 -2.98
C ALA A 52 5.60 2.95 -2.45
N TRP A 53 6.86 3.37 -2.36
CA TRP A 53 7.89 2.53 -1.80
C TRP A 53 7.89 2.68 -0.29
N ASN A 54 9.00 2.31 0.33
CA ASN A 54 9.08 2.31 1.79
C ASN A 54 9.95 3.47 2.30
N PHE A 55 10.47 4.27 1.37
CA PHE A 55 11.42 5.30 1.74
C PHE A 55 10.90 6.71 1.44
N GLU A 56 9.68 6.83 0.96
CA GLU A 56 9.06 8.14 0.79
C GLU A 56 8.84 8.79 2.15
N PRO A 57 9.24 10.07 2.29
CA PRO A 57 9.16 10.83 3.54
C PRO A 57 7.83 10.69 4.26
N ASP A 58 6.76 10.55 3.47
CA ASP A 58 5.44 10.29 4.04
C ASP A 58 4.66 9.40 3.08
N ALA A 59 5.16 8.18 2.88
CA ALA A 59 4.52 7.22 1.96
C ALA A 59 3.08 6.94 2.41
N GLY A 60 2.88 6.92 3.71
CA GLY A 60 1.58 6.67 4.28
C GLY A 60 0.53 7.66 3.84
N GLU A 61 0.90 8.93 3.72
CA GLU A 61 -0.06 9.97 3.41
C GLU A 61 -0.74 9.71 2.07
N GLY A 62 0.03 9.23 1.09
CA GLY A 62 -0.54 8.93 -0.22
C GLY A 62 -1.42 7.69 -0.20
N LEU A 63 -0.94 6.65 0.48
CA LEU A 63 -1.68 5.41 0.63
C LEU A 63 -2.98 5.66 1.39
N ASN A 64 -2.87 6.33 2.53
CA ASN A 64 -4.02 6.66 3.37
C ASN A 64 -4.98 7.58 2.64
N ARG A 65 -4.43 8.39 1.74
CA ARG A 65 -5.25 9.26 0.89
C ARG A 65 -6.26 8.43 0.12
N TYR A 66 -5.78 7.38 -0.54
CA TYR A 66 -6.66 6.53 -1.32
C TYR A 66 -7.51 5.67 -0.40
N ILE A 67 -6.92 5.20 0.70
CA ILE A 67 -7.64 4.39 1.69
C ILE A 67 -8.85 5.15 2.23
N ARG A 68 -8.64 6.43 2.53
CA ARG A 68 -9.69 7.27 3.07
C ARG A 68 -10.82 7.50 2.06
N THR A 69 -10.46 7.71 0.79
CA THR A 69 -11.45 8.01 -0.22
C THR A 69 -12.15 6.73 -0.72
N SER A 70 -11.37 5.69 -0.96
CA SER A 70 -11.91 4.47 -1.56
C SER A 70 -11.17 3.23 -1.07
N GLY A 71 -11.13 3.04 0.25
CA GLY A 71 -10.58 1.81 0.80
C GLY A 71 -11.40 0.59 0.40
N ILE A 72 -10.72 -0.45 -0.11
CA ILE A 72 -11.40 -1.62 -0.63
C ILE A 72 -11.81 -2.58 0.51
N ARG A 73 -11.54 -2.18 1.75
CA ARG A 73 -11.92 -2.99 2.91
C ARG A 73 -13.44 -3.25 2.95
N THR A 74 -14.20 -2.45 2.20
CA THR A 74 -15.61 -2.68 2.02
C THR A 74 -15.86 -4.10 1.47
N ASP A 75 -14.80 -4.71 0.98
CA ASP A 75 -14.86 -6.06 0.45
C ASP A 75 -13.54 -6.76 0.63
N GLY A 10 4.28 9.18 7.95
CA GLY A 10 5.16 9.24 6.78
C GLY A 10 5.52 7.89 6.23
N PRO A 11 6.81 7.51 6.27
CA PRO A 11 7.27 6.20 5.79
C PRO A 11 6.81 5.08 6.71
N PHE A 12 6.68 3.89 6.16
CA PHE A 12 6.14 2.76 6.90
C PHE A 12 7.16 1.65 7.07
N THR A 13 6.71 0.57 7.65
CA THR A 13 7.55 -0.57 7.88
C THR A 13 6.88 -1.81 7.30
N ARG A 14 7.66 -2.86 7.03
CA ARG A 14 7.12 -4.09 6.45
C ARG A 14 6.02 -4.65 7.35
N ARG A 15 6.33 -4.73 8.63
CA ARG A 15 5.36 -5.16 9.64
C ARG A 15 4.02 -4.44 9.46
N GLN A 16 4.06 -3.11 9.45
CA GLN A 16 2.86 -2.31 9.26
C GLN A 16 2.23 -2.58 7.90
N ALA A 17 3.05 -2.53 6.86
CA ALA A 17 2.55 -2.72 5.49
C ALA A 17 1.77 -4.02 5.35
N GLN A 18 2.34 -5.11 5.84
CA GLN A 18 1.72 -6.41 5.76
C GLN A 18 0.35 -6.42 6.44
N ALA A 19 0.26 -5.75 7.59
CA ALA A 19 -0.98 -5.66 8.33
C ALA A 19 -2.05 -4.87 7.58
N VAL A 20 -1.63 -3.99 6.68
CA VAL A 20 -2.55 -3.11 6.00
C VAL A 20 -3.03 -3.83 4.77
N THR A 21 -2.22 -4.77 4.36
CA THR A 21 -2.47 -5.55 3.17
C THR A 21 -3.33 -6.76 3.50
N THR A 22 -3.20 -7.27 4.73
CA THR A 22 -4.12 -8.27 5.20
C THR A 22 -5.49 -7.63 5.40
N THR A 23 -5.47 -6.34 5.75
CA THR A 23 -6.69 -5.58 5.85
C THR A 23 -7.24 -5.21 4.46
N TYR A 24 -6.39 -4.63 3.59
CA TYR A 24 -6.82 -4.31 2.25
C TYR A 24 -6.06 -5.17 1.24
N SER A 25 -6.74 -6.20 0.73
CA SER A 25 -6.16 -7.12 -0.23
C SER A 25 -5.87 -6.45 -1.57
N ASN A 26 -6.34 -5.22 -1.73
CA ASN A 26 -6.08 -4.47 -2.95
C ASN A 26 -4.68 -3.88 -2.92
N ILE A 27 -4.05 -3.93 -1.74
CA ILE A 27 -2.67 -3.53 -1.60
C ILE A 27 -1.79 -4.71 -1.97
N THR A 28 -0.64 -4.46 -2.55
CA THR A 28 0.25 -5.54 -2.95
C THR A 28 1.69 -5.22 -2.65
N LEU A 29 2.36 -6.13 -1.96
CA LEU A 29 3.77 -5.98 -1.65
C LEU A 29 4.59 -6.46 -2.84
N GLU A 30 5.09 -5.51 -3.60
CA GLU A 30 5.82 -5.80 -4.81
C GLU A 30 7.27 -5.42 -4.68
N ASP A 31 8.10 -6.02 -5.53
CA ASP A 31 9.54 -5.78 -5.53
C ASP A 31 10.14 -6.15 -4.18
N ASP A 32 9.76 -7.33 -3.71
CA ASP A 32 10.15 -7.79 -2.39
C ASP A 32 11.63 -8.17 -2.36
N GLN A 33 12.45 -7.23 -1.91
CA GLN A 33 13.87 -7.45 -1.74
C GLN A 33 14.23 -7.41 -0.26
N GLY A 34 13.24 -7.69 0.57
CA GLY A 34 13.46 -7.70 2.01
C GLY A 34 13.50 -6.31 2.59
N SER A 35 14.65 -5.65 2.44
CA SER A 35 14.83 -4.29 2.95
C SER A 35 14.29 -3.28 1.94
N HIS A 36 14.08 -3.71 0.72
CA HIS A 36 13.45 -2.87 -0.29
C HIS A 36 12.17 -3.51 -0.77
N PHE A 37 11.14 -2.70 -0.94
CA PHE A 37 9.85 -3.17 -1.44
C PHE A 37 8.95 -1.99 -1.73
N ARG A 38 7.98 -2.19 -2.61
CA ARG A 38 7.00 -1.15 -2.91
C ARG A 38 5.59 -1.71 -2.78
N LEU A 39 4.64 -0.86 -2.48
CA LEU A 39 3.26 -1.29 -2.37
C LEU A 39 2.44 -0.73 -3.50
N VAL A 40 1.66 -1.59 -4.11
CA VAL A 40 0.76 -1.20 -5.17
C VAL A 40 -0.69 -1.26 -4.70
N VAL A 41 -1.30 -0.10 -4.53
CA VAL A 41 -2.72 -0.03 -4.23
C VAL A 41 -3.51 -0.08 -5.52
N ARG A 42 -4.34 -1.09 -5.67
CA ARG A 42 -5.11 -1.27 -6.88
C ARG A 42 -6.59 -1.08 -6.58
N ASP A 43 -7.38 -0.78 -7.60
CA ASP A 43 -8.82 -0.64 -7.41
C ASP A 43 -9.49 -1.99 -7.62
N THR A 44 -10.81 -1.98 -7.71
CA THR A 44 -11.57 -3.22 -7.86
C THR A 44 -11.38 -3.82 -9.26
N GLU A 45 -10.83 -3.02 -10.17
CA GLU A 45 -10.53 -3.49 -11.52
C GLU A 45 -9.09 -3.99 -11.58
N GLY A 46 -8.31 -3.61 -10.58
CA GLY A 46 -6.94 -4.07 -10.50
C GLY A 46 -5.95 -3.07 -11.08
N ARG A 47 -6.41 -1.85 -11.33
CA ARG A 47 -5.55 -0.81 -11.85
C ARG A 47 -4.71 -0.22 -10.74
N MET A 48 -3.40 -0.16 -10.96
CA MET A 48 -2.47 0.38 -9.98
C MET A 48 -2.62 1.89 -9.86
N VAL A 49 -3.28 2.31 -8.80
CA VAL A 49 -3.52 3.72 -8.57
C VAL A 49 -2.35 4.34 -7.80
N TRP A 50 -1.82 3.59 -6.85
CA TRP A 50 -0.72 4.05 -6.02
C TRP A 50 0.29 2.94 -5.88
N ARG A 51 1.41 3.07 -6.56
CA ARG A 51 2.51 2.14 -6.40
C ARG A 51 3.79 2.92 -6.18
N ALA A 52 4.30 2.86 -4.96
CA ALA A 52 5.48 3.58 -4.59
C ALA A 52 6.24 2.82 -3.52
N TRP A 53 7.47 3.21 -3.27
CA TRP A 53 8.34 2.51 -2.36
C TRP A 53 8.12 2.97 -0.93
N ASN A 54 9.07 2.65 -0.08
CA ASN A 54 8.98 2.95 1.34
C ASN A 54 9.86 4.14 1.71
N PHE A 55 10.85 4.42 0.87
CA PHE A 55 11.78 5.50 1.15
C PHE A 55 11.22 6.86 0.70
N GLU A 56 9.93 6.88 0.45
CA GLU A 56 9.22 8.11 0.13
C GLU A 56 8.91 8.87 1.43
N PRO A 57 9.27 10.16 1.48
CA PRO A 57 9.20 10.99 2.70
C PRO A 57 7.90 10.82 3.48
N ASP A 58 6.78 10.71 2.77
CA ASP A 58 5.50 10.50 3.41
C ASP A 58 4.66 9.53 2.58
N ALA A 59 5.20 8.33 2.38
CA ALA A 59 4.51 7.30 1.60
C ALA A 59 3.11 7.01 2.16
N GLY A 60 3.01 7.09 3.48
CA GLY A 60 1.76 6.78 4.15
C GLY A 60 0.64 7.73 3.76
N GLU A 61 0.95 9.01 3.58
CA GLU A 61 -0.07 10.01 3.30
C GLU A 61 -0.82 9.66 2.02
N GLY A 62 -0.07 9.40 0.95
CA GLY A 62 -0.68 9.01 -0.31
C GLY A 62 -1.52 7.76 -0.19
N LEU A 63 -0.99 6.78 0.52
CA LEU A 63 -1.71 5.53 0.79
C LEU A 63 -3.01 5.79 1.53
N ASN A 64 -2.94 6.59 2.59
CA ASN A 64 -4.12 6.90 3.39
C ASN A 64 -5.13 7.69 2.57
N ARG A 65 -4.62 8.54 1.69
CA ARG A 65 -5.46 9.37 0.87
C ARG A 65 -6.32 8.52 -0.08
N TYR A 66 -5.78 7.38 -0.52
CA TYR A 66 -6.57 6.49 -1.35
C TYR A 66 -7.47 5.61 -0.48
N ILE A 67 -6.90 5.06 0.58
CA ILE A 67 -7.64 4.17 1.48
C ILE A 67 -8.89 4.85 2.01
N ARG A 68 -8.76 6.11 2.38
CA ARG A 68 -9.88 6.88 2.93
C ARG A 68 -11.08 6.88 1.99
N THR A 69 -10.82 6.94 0.69
CA THR A 69 -11.88 7.07 -0.29
C THR A 69 -12.14 5.76 -1.02
N SER A 70 -11.82 4.64 -0.39
CA SER A 70 -12.10 3.34 -0.97
C SER A 70 -12.36 2.30 0.10
N GLY A 71 -11.41 2.16 1.01
CA GLY A 71 -11.48 1.13 2.05
C GLY A 71 -11.88 -0.24 1.50
N ILE A 72 -10.96 -0.92 0.83
CA ILE A 72 -11.29 -2.17 0.15
C ILE A 72 -11.34 -3.35 1.14
N ARG A 73 -11.22 -3.04 2.42
CA ARG A 73 -11.27 -4.06 3.48
C ARG A 73 -12.68 -4.63 3.62
N THR A 74 -13.61 -4.10 2.83
CA THR A 74 -14.96 -4.61 2.79
C THR A 74 -14.99 -5.96 2.07
N ASP A 75 -13.81 -6.50 1.79
CA ASP A 75 -13.70 -7.75 1.06
C ASP A 75 -13.45 -8.91 2.01
N GLY A 10 3.59 9.21 8.00
CA GLY A 10 4.35 9.27 6.76
C GLY A 10 4.82 7.91 6.26
N PRO A 11 6.12 7.64 6.30
CA PRO A 11 6.68 6.34 5.88
C PRO A 11 6.25 5.20 6.80
N PHE A 12 6.56 3.98 6.38
CA PHE A 12 6.18 2.79 7.12
C PHE A 12 7.33 1.80 7.18
N THR A 13 7.04 0.62 7.72
CA THR A 13 8.00 -0.45 7.77
C THR A 13 7.43 -1.67 7.06
N ARG A 14 8.21 -2.75 6.99
CA ARG A 14 7.72 -3.98 6.39
C ARG A 14 6.56 -4.51 7.21
N ARG A 15 6.75 -4.52 8.52
CA ARG A 15 5.73 -4.97 9.47
C ARG A 15 4.45 -4.15 9.32
N GLN A 16 4.59 -2.83 9.28
CA GLN A 16 3.44 -1.95 9.10
C GLN A 16 2.76 -2.25 7.78
N ALA A 17 3.56 -2.37 6.73
CA ALA A 17 3.05 -2.71 5.41
C ALA A 17 2.19 -3.97 5.44
N GLN A 18 2.70 -5.00 6.11
CA GLN A 18 2.02 -6.29 6.20
C GLN A 18 0.60 -6.12 6.75
N ALA A 19 0.48 -5.38 7.85
CA ALA A 19 -0.80 -5.22 8.54
C ALA A 19 -1.85 -4.53 7.65
N VAL A 20 -1.40 -3.70 6.72
CA VAL A 20 -2.33 -2.88 5.97
C VAL A 20 -2.78 -3.68 4.78
N THR A 21 -1.92 -4.60 4.41
CA THR A 21 -2.14 -5.45 3.27
C THR A 21 -2.96 -6.68 3.65
N THR A 22 -2.82 -7.14 4.89
CA THR A 22 -3.68 -8.20 5.39
C THR A 22 -5.09 -7.65 5.57
N THR A 23 -5.18 -6.36 5.83
CA THR A 23 -6.45 -5.69 5.85
C THR A 23 -6.95 -5.40 4.43
N TYR A 24 -6.15 -4.70 3.62
CA TYR A 24 -6.53 -4.38 2.26
C TYR A 24 -5.75 -5.26 1.28
N SER A 25 -6.38 -6.33 0.83
CA SER A 25 -5.76 -7.23 -0.12
C SER A 25 -5.62 -6.59 -1.51
N ASN A 26 -6.05 -5.34 -1.63
CA ASN A 26 -5.85 -4.59 -2.86
C ASN A 26 -4.46 -3.98 -2.87
N ILE A 27 -3.80 -4.05 -1.72
CA ILE A 27 -2.41 -3.65 -1.62
C ILE A 27 -1.55 -4.84 -2.03
N THR A 28 -0.51 -4.59 -2.80
CA THR A 28 0.31 -5.68 -3.29
C THR A 28 1.79 -5.41 -3.04
N LEU A 29 2.45 -6.35 -2.41
CA LEU A 29 3.87 -6.21 -2.12
C LEU A 29 4.68 -6.82 -3.25
N GLU A 30 5.30 -5.97 -4.04
CA GLU A 30 6.13 -6.43 -5.15
C GLU A 30 7.55 -5.89 -5.01
N ASP A 31 8.44 -6.45 -5.82
CA ASP A 31 9.86 -6.10 -5.81
C ASP A 31 10.49 -6.45 -4.47
N ASP A 32 10.57 -7.74 -4.18
CA ASP A 32 11.05 -8.24 -2.91
C ASP A 32 12.57 -8.25 -2.84
N GLN A 33 13.14 -7.25 -2.20
CA GLN A 33 14.58 -7.21 -1.96
C GLN A 33 14.85 -7.31 -0.46
N GLY A 34 13.80 -7.55 0.29
CA GLY A 34 13.92 -7.65 1.73
C GLY A 34 13.70 -6.33 2.42
N SER A 35 14.72 -5.49 2.42
CA SER A 35 14.64 -4.18 3.04
C SER A 35 14.06 -3.15 2.06
N HIS A 36 14.10 -3.50 0.78
CA HIS A 36 13.45 -2.70 -0.25
C HIS A 36 12.32 -3.48 -0.88
N PHE A 37 11.17 -2.84 -1.00
CA PHE A 37 9.99 -3.45 -1.60
C PHE A 37 9.00 -2.36 -1.92
N ARG A 38 8.10 -2.60 -2.85
CA ARG A 38 7.09 -1.59 -3.16
C ARG A 38 5.69 -2.15 -3.02
N LEU A 39 4.79 -1.32 -2.51
CA LEU A 39 3.40 -1.69 -2.40
C LEU A 39 2.60 -0.99 -3.49
N VAL A 40 1.74 -1.75 -4.12
CA VAL A 40 0.84 -1.19 -5.12
C VAL A 40 -0.60 -1.25 -4.64
N VAL A 41 -1.19 -0.10 -4.46
CA VAL A 41 -2.61 0.02 -4.14
C VAL A 41 -3.41 0.01 -5.42
N ARG A 42 -4.10 -1.08 -5.67
CA ARG A 42 -4.94 -1.21 -6.85
C ARG A 42 -6.38 -0.98 -6.44
N ASP A 43 -7.20 -0.59 -7.40
CA ASP A 43 -8.59 -0.26 -7.12
C ASP A 43 -9.48 -1.48 -7.23
N THR A 44 -10.79 -1.26 -7.18
CA THR A 44 -11.77 -2.33 -7.21
C THR A 44 -11.72 -3.09 -8.55
N GLU A 45 -11.19 -2.43 -9.58
CA GLU A 45 -11.06 -3.05 -10.88
C GLU A 45 -9.72 -3.80 -10.96
N GLY A 46 -8.73 -3.29 -10.24
CA GLY A 46 -7.42 -3.91 -10.25
C GLY A 46 -6.38 -3.03 -10.91
N ARG A 47 -6.71 -1.76 -11.10
CA ARG A 47 -5.79 -0.81 -11.70
C ARG A 47 -4.98 -0.12 -10.61
N MET A 48 -3.70 0.12 -10.87
CA MET A 48 -2.82 0.72 -9.88
C MET A 48 -3.09 2.21 -9.73
N VAL A 49 -3.48 2.59 -8.51
CA VAL A 49 -3.78 3.98 -8.21
C VAL A 49 -2.61 4.62 -7.45
N TRP A 50 -1.94 3.79 -6.67
CA TRP A 50 -0.80 4.21 -5.87
C TRP A 50 0.20 3.06 -5.82
N ARG A 51 1.46 3.38 -5.98
CA ARG A 51 2.51 2.38 -5.84
C ARG A 51 3.84 3.04 -5.53
N ALA A 52 4.39 2.69 -4.40
CA ALA A 52 5.64 3.26 -3.94
C ALA A 52 6.36 2.26 -3.06
N TRP A 53 7.60 2.55 -2.70
CA TRP A 53 8.43 1.60 -2.00
C TRP A 53 8.12 1.54 -0.52
N ASN A 54 8.86 2.28 0.27
CA ASN A 54 8.72 2.26 1.72
C ASN A 54 9.36 3.50 2.35
N PHE A 55 10.47 3.93 1.76
CA PHE A 55 11.23 5.06 2.29
C PHE A 55 10.67 6.39 1.79
N GLU A 56 9.45 6.34 1.25
CA GLU A 56 8.80 7.52 0.71
C GLU A 56 8.51 8.53 1.82
N PRO A 57 8.94 9.79 1.64
CA PRO A 57 8.81 10.87 2.63
C PRO A 57 7.49 10.82 3.41
N ASP A 58 6.39 10.72 2.69
CA ASP A 58 5.10 10.50 3.34
C ASP A 58 4.29 9.49 2.53
N ALA A 59 4.74 8.23 2.55
CA ALA A 59 4.06 7.16 1.82
C ALA A 59 2.62 7.04 2.27
N GLY A 60 2.40 7.30 3.56
CA GLY A 60 1.07 7.24 4.13
C GLY A 60 0.08 8.12 3.41
N GLU A 61 0.50 9.33 3.04
CA GLU A 61 -0.37 10.28 2.36
C GLU A 61 -1.09 9.63 1.19
N GLY A 62 -0.34 9.03 0.28
CA GLY A 62 -0.94 8.42 -0.89
C GLY A 62 -1.83 7.24 -0.54
N LEU A 63 -1.36 6.42 0.40
CA LEU A 63 -2.11 5.25 0.83
C LEU A 63 -3.44 5.65 1.46
N ASN A 64 -3.39 6.58 2.41
CA ASN A 64 -4.60 7.06 3.08
C ASN A 64 -5.46 7.87 2.12
N ARG A 65 -4.80 8.43 1.12
CA ARG A 65 -5.48 9.19 0.08
C ARG A 65 -6.46 8.30 -0.67
N TYR A 66 -6.07 7.03 -0.88
CA TYR A 66 -6.95 6.08 -1.52
C TYR A 66 -7.93 5.48 -0.51
N ILE A 67 -7.41 5.04 0.64
CA ILE A 67 -8.25 4.46 1.69
C ILE A 67 -9.36 5.41 2.13
N ARG A 68 -9.16 6.69 1.86
CA ARG A 68 -10.16 7.73 2.12
C ARG A 68 -11.52 7.35 1.52
N THR A 69 -11.50 6.67 0.38
CA THR A 69 -12.72 6.26 -0.26
C THR A 69 -12.95 4.77 0.00
N SER A 70 -13.10 4.46 1.30
CA SER A 70 -13.48 3.13 1.77
C SER A 70 -12.32 2.14 1.76
N GLY A 71 -11.65 2.01 0.63
CA GLY A 71 -10.64 0.99 0.45
C GLY A 71 -11.26 -0.34 0.05
N ILE A 72 -10.44 -1.34 -0.23
CA ILE A 72 -10.94 -2.63 -0.69
C ILE A 72 -11.37 -3.51 0.49
N ARG A 73 -11.12 -3.01 1.70
CA ARG A 73 -11.56 -3.69 2.92
C ARG A 73 -13.08 -3.85 2.92
N THR A 74 -13.73 -3.01 2.12
CA THR A 74 -15.17 -3.04 1.96
C THR A 74 -15.59 -4.32 1.22
N ASP A 75 -14.59 -5.11 0.84
CA ASP A 75 -14.84 -6.38 0.18
C ASP A 75 -14.47 -7.51 1.12
N GLY A 10 4.92 8.85 7.11
CA GLY A 10 5.23 8.80 5.70
C GLY A 10 5.79 7.47 5.28
N PRO A 11 7.02 7.14 5.68
CA PRO A 11 7.58 5.83 5.39
C PRO A 11 7.07 4.78 6.35
N PHE A 12 6.68 3.65 5.79
CA PHE A 12 6.12 2.56 6.58
C PHE A 12 7.16 1.47 6.83
N THR A 13 6.71 0.34 7.37
CA THR A 13 7.58 -0.79 7.59
C THR A 13 7.00 -2.03 6.94
N ARG A 14 7.78 -3.10 6.91
CA ARG A 14 7.31 -4.40 6.43
C ARG A 14 6.13 -4.86 7.29
N ARG A 15 6.33 -4.80 8.59
CA ARG A 15 5.30 -5.13 9.58
C ARG A 15 4.01 -4.36 9.30
N GLN A 16 4.13 -3.03 9.19
CA GLN A 16 2.98 -2.17 8.95
C GLN A 16 2.29 -2.57 7.64
N ALA A 17 3.09 -2.74 6.59
CA ALA A 17 2.58 -3.13 5.28
C ALA A 17 1.70 -4.37 5.37
N GLN A 18 2.19 -5.40 6.06
CA GLN A 18 1.46 -6.66 6.22
C GLN A 18 0.08 -6.43 6.79
N ALA A 19 0.00 -5.65 7.86
CA ALA A 19 -1.28 -5.38 8.52
C ALA A 19 -2.25 -4.68 7.58
N VAL A 20 -1.71 -3.82 6.72
CA VAL A 20 -2.54 -3.02 5.84
C VAL A 20 -2.95 -3.81 4.59
N THR A 21 -2.32 -4.95 4.37
CA THR A 21 -2.71 -5.82 3.26
C THR A 21 -3.72 -6.81 3.74
N THR A 22 -3.53 -7.23 4.98
CA THR A 22 -4.53 -7.96 5.71
C THR A 22 -5.83 -7.16 5.75
N THR A 23 -5.70 -5.84 5.74
CA THR A 23 -6.84 -4.97 5.73
C THR A 23 -7.31 -4.64 4.30
N TYR A 24 -6.38 -4.29 3.40
CA TYR A 24 -6.75 -4.02 2.02
C TYR A 24 -5.95 -4.94 1.10
N SER A 25 -6.61 -5.95 0.57
CA SER A 25 -5.95 -6.93 -0.28
C SER A 25 -5.70 -6.40 -1.68
N ASN A 26 -6.22 -5.20 -1.97
CA ASN A 26 -5.93 -4.52 -3.23
C ASN A 26 -4.48 -4.04 -3.22
N ILE A 27 -3.94 -3.94 -2.01
CA ILE A 27 -2.56 -3.54 -1.85
C ILE A 27 -1.67 -4.73 -2.18
N THR A 28 -0.57 -4.48 -2.87
CA THR A 28 0.30 -5.55 -3.31
C THR A 28 1.75 -5.18 -3.11
N LEU A 29 2.58 -6.17 -2.79
CA LEU A 29 3.97 -5.90 -2.50
C LEU A 29 4.84 -6.21 -3.71
N GLU A 30 5.59 -5.22 -4.15
CA GLU A 30 6.54 -5.38 -5.24
C GLU A 30 7.95 -5.14 -4.75
N ASP A 31 8.91 -5.72 -5.46
CA ASP A 31 10.32 -5.46 -5.25
C ASP A 31 10.75 -5.80 -3.84
N ASP A 32 10.43 -7.03 -3.43
CA ASP A 32 10.78 -7.54 -2.11
C ASP A 32 12.30 -7.58 -1.94
N GLN A 33 12.91 -6.47 -1.57
CA GLN A 33 14.35 -6.42 -1.42
C GLN A 33 14.76 -6.07 0.00
N GLY A 34 14.54 -7.03 0.89
CA GLY A 34 14.98 -6.90 2.27
C GLY A 34 14.24 -5.80 3.01
N SER A 35 14.93 -4.70 3.26
CA SER A 35 14.38 -3.62 4.04
C SER A 35 13.54 -2.66 3.19
N HIS A 36 13.67 -2.75 1.86
CA HIS A 36 12.94 -1.84 1.00
C HIS A 36 12.18 -2.59 -0.08
N PHE A 37 10.99 -2.08 -0.39
CA PHE A 37 10.12 -2.63 -1.41
C PHE A 37 9.07 -1.58 -1.75
N ARG A 38 8.17 -1.87 -2.68
CA ARG A 38 7.10 -0.93 -2.98
C ARG A 38 5.74 -1.61 -2.90
N LEU A 39 4.71 -0.83 -2.62
CA LEU A 39 3.35 -1.35 -2.56
C LEU A 39 2.49 -0.75 -3.65
N VAL A 40 1.71 -1.58 -4.30
CA VAL A 40 0.80 -1.15 -5.34
C VAL A 40 -0.63 -1.19 -4.85
N VAL A 41 -1.28 -0.04 -4.87
CA VAL A 41 -2.70 0.06 -4.58
C VAL A 41 -3.48 -0.13 -5.87
N ARG A 42 -4.37 -1.11 -5.89
CA ARG A 42 -5.17 -1.38 -7.08
C ARG A 42 -6.62 -1.04 -6.86
N ASP A 43 -7.34 -0.84 -7.94
CA ASP A 43 -8.76 -0.53 -7.88
C ASP A 43 -9.57 -1.83 -7.94
N THR A 44 -10.88 -1.73 -7.83
CA THR A 44 -11.73 -2.91 -7.83
C THR A 44 -11.75 -3.59 -9.20
N GLU A 45 -11.29 -2.87 -10.21
CA GLU A 45 -11.11 -3.44 -11.54
C GLU A 45 -9.76 -4.15 -11.60
N GLY A 46 -8.90 -3.83 -10.65
CA GLY A 46 -7.58 -4.38 -10.60
C GLY A 46 -6.55 -3.54 -11.34
N ARG A 47 -6.96 -2.34 -11.73
CA ARG A 47 -6.05 -1.41 -12.36
C ARG A 47 -5.22 -0.70 -11.30
N MET A 48 -3.94 -0.53 -11.58
CA MET A 48 -3.06 0.18 -10.66
C MET A 48 -3.52 1.63 -10.46
N VAL A 49 -3.69 2.02 -9.21
CA VAL A 49 -4.08 3.37 -8.89
C VAL A 49 -2.87 4.16 -8.42
N TRP A 50 -2.02 3.50 -7.63
CA TRP A 50 -0.87 4.17 -7.03
C TRP A 50 0.11 3.15 -6.47
N ARG A 51 1.36 3.19 -6.94
CA ARG A 51 2.42 2.34 -6.40
C ARG A 51 3.55 3.22 -5.87
N ALA A 52 3.89 3.03 -4.61
CA ALA A 52 4.92 3.84 -3.96
C ALA A 52 5.87 2.96 -3.18
N TRP A 53 7.07 3.47 -2.93
CA TRP A 53 8.08 2.69 -2.24
C TRP A 53 7.95 2.79 -0.73
N ASN A 54 8.92 2.20 -0.09
CA ASN A 54 8.95 2.11 1.38
C ASN A 54 9.80 3.23 1.95
N PHE A 55 10.85 3.61 1.23
CA PHE A 55 11.81 4.59 1.71
C PHE A 55 11.36 6.01 1.41
N GLU A 56 10.11 6.16 0.98
CA GLU A 56 9.60 7.48 0.64
C GLU A 56 9.00 8.16 1.88
N PRO A 57 9.42 9.40 2.18
CA PRO A 57 9.07 10.11 3.42
C PRO A 57 7.57 10.41 3.56
N ASP A 58 6.79 10.12 2.53
CA ASP A 58 5.37 10.38 2.55
C ASP A 58 4.59 9.26 1.88
N ALA A 59 5.16 8.07 1.88
CA ALA A 59 4.56 6.92 1.22
C ALA A 59 3.16 6.66 1.76
N GLY A 60 3.03 6.67 3.07
CA GLY A 60 1.77 6.36 3.71
C GLY A 60 0.76 7.46 3.60
N GLU A 61 1.21 8.68 3.36
CA GLU A 61 0.30 9.81 3.30
C GLU A 61 -0.55 9.73 2.03
N GLY A 62 0.06 9.20 0.97
CA GLY A 62 -0.67 9.00 -0.27
C GLY A 62 -1.51 7.74 -0.19
N LEU A 63 -0.96 6.72 0.44
CA LEU A 63 -1.68 5.48 0.65
C LEU A 63 -2.92 5.73 1.50
N ASN A 64 -2.76 6.52 2.58
CA ASN A 64 -3.88 6.88 3.43
C ASN A 64 -4.92 7.70 2.68
N ARG A 65 -4.46 8.51 1.72
CA ARG A 65 -5.37 9.23 0.83
C ARG A 65 -6.33 8.26 0.14
N TYR A 66 -5.82 7.10 -0.27
CA TYR A 66 -6.68 6.07 -0.83
C TYR A 66 -7.43 5.33 0.28
N ILE A 67 -6.68 4.93 1.31
CA ILE A 67 -7.23 4.11 2.41
C ILE A 67 -8.47 4.72 3.05
N ARG A 68 -8.38 5.96 3.52
CA ARG A 68 -9.43 6.55 4.35
C ARG A 68 -10.67 6.86 3.53
N THR A 69 -10.48 7.23 2.27
CA THR A 69 -11.60 7.64 1.43
C THR A 69 -11.93 6.61 0.35
N SER A 70 -11.66 5.35 0.66
CA SER A 70 -12.08 4.25 -0.20
C SER A 70 -12.35 3.01 0.65
N GLY A 71 -11.35 2.64 1.45
CA GLY A 71 -11.48 1.52 2.38
C GLY A 71 -11.93 0.22 1.75
N ILE A 72 -10.97 -0.57 1.28
CA ILE A 72 -11.27 -1.87 0.68
C ILE A 72 -11.37 -2.95 1.77
N ARG A 73 -11.32 -2.50 3.02
CA ARG A 73 -11.37 -3.40 4.18
C ARG A 73 -12.70 -4.14 4.26
N THR A 74 -13.68 -3.68 3.49
CA THR A 74 -14.96 -4.37 3.40
C THR A 74 -14.79 -5.62 2.53
N ASP A 75 -13.53 -5.87 2.16
CA ASP A 75 -13.11 -7.04 1.38
C ASP A 75 -13.66 -7.04 -0.04
N GLY A 10 4.06 9.34 7.84
CA GLY A 10 5.15 9.33 6.86
C GLY A 10 5.57 7.95 6.39
N PRO A 11 6.81 7.53 6.71
CA PRO A 11 7.34 6.23 6.31
C PRO A 11 6.85 5.09 7.19
N PHE A 12 6.58 3.95 6.58
CA PHE A 12 6.09 2.78 7.29
C PHE A 12 7.14 1.68 7.33
N THR A 13 6.73 0.50 7.80
CA THR A 13 7.63 -0.64 7.86
C THR A 13 7.02 -1.82 7.12
N ARG A 14 7.74 -2.94 7.11
CA ARG A 14 7.31 -4.11 6.44
C ARG A 14 6.07 -4.69 7.10
N ARG A 15 6.15 -4.91 8.40
CA ARG A 15 5.03 -5.44 9.17
C ARG A 15 3.84 -4.48 9.13
N GLN A 16 4.12 -3.18 9.15
CA GLN A 16 3.05 -2.19 9.04
C GLN A 16 2.35 -2.34 7.70
N ALA A 17 3.14 -2.43 6.63
CA ALA A 17 2.62 -2.67 5.29
C ALA A 17 1.77 -3.94 5.26
N GLN A 18 2.30 -5.01 5.83
CA GLN A 18 1.60 -6.29 5.89
C GLN A 18 0.25 -6.16 6.57
N ALA A 19 0.22 -5.42 7.67
CA ALA A 19 -1.03 -5.19 8.40
C ALA A 19 -2.04 -4.43 7.54
N VAL A 20 -1.54 -3.54 6.69
CA VAL A 20 -2.42 -2.74 5.85
C VAL A 20 -2.89 -3.56 4.63
N THR A 21 -2.21 -4.67 4.36
CA THR A 21 -2.61 -5.54 3.26
C THR A 21 -3.54 -6.59 3.82
N THR A 22 -3.35 -6.84 5.09
CA THR A 22 -4.28 -7.61 5.88
C THR A 22 -5.63 -6.91 5.89
N THR A 23 -5.58 -5.58 5.86
CA THR A 23 -6.79 -4.78 5.85
C THR A 23 -7.29 -4.57 4.41
N TYR A 24 -6.39 -4.13 3.52
CA TYR A 24 -6.76 -3.88 2.15
C TYR A 24 -5.97 -4.82 1.24
N SER A 25 -6.63 -5.87 0.78
CA SER A 25 -5.97 -6.87 -0.04
C SER A 25 -5.88 -6.42 -1.49
N ASN A 26 -6.30 -5.18 -1.75
CA ASN A 26 -6.11 -4.57 -3.06
C ASN A 26 -4.71 -3.99 -3.14
N ILE A 27 -4.09 -3.81 -1.97
CA ILE A 27 -2.71 -3.40 -1.91
C ILE A 27 -1.83 -4.61 -2.19
N THR A 28 -0.67 -4.40 -2.80
CA THR A 28 0.19 -5.52 -3.13
C THR A 28 1.66 -5.18 -2.91
N LEU A 29 2.38 -6.09 -2.29
CA LEU A 29 3.80 -5.88 -2.02
C LEU A 29 4.61 -6.38 -3.21
N GLU A 30 5.04 -5.45 -4.04
CA GLU A 30 5.74 -5.77 -5.27
C GLU A 30 7.17 -5.24 -5.21
N ASP A 31 8.01 -5.69 -6.14
CA ASP A 31 9.35 -5.15 -6.32
C ASP A 31 10.21 -5.32 -5.06
N ASP A 32 10.03 -6.45 -4.38
CA ASP A 32 10.71 -6.68 -3.12
C ASP A 32 12.18 -7.00 -3.33
N GLN A 33 13.02 -6.22 -2.67
CA GLN A 33 14.45 -6.47 -2.63
C GLN A 33 14.93 -6.50 -1.18
N GLY A 34 14.00 -6.85 -0.29
CA GLY A 34 14.31 -6.89 1.11
C GLY A 34 14.02 -5.56 1.79
N SER A 35 15.03 -4.69 1.83
CA SER A 35 14.90 -3.38 2.47
C SER A 35 14.15 -2.41 1.56
N HIS A 36 13.88 -2.83 0.34
CA HIS A 36 13.16 -2.00 -0.62
C HIS A 36 12.04 -2.80 -1.26
N PHE A 37 10.90 -2.16 -1.43
CA PHE A 37 9.74 -2.79 -2.06
C PHE A 37 8.70 -1.72 -2.34
N ARG A 38 7.71 -2.03 -3.16
CA ARG A 38 6.67 -1.07 -3.48
C ARG A 38 5.30 -1.68 -3.24
N LEU A 39 4.44 -0.94 -2.58
CA LEU A 39 3.08 -1.37 -2.39
C LEU A 39 2.20 -0.75 -3.46
N VAL A 40 1.78 -1.57 -4.40
CA VAL A 40 0.90 -1.14 -5.46
C VAL A 40 -0.55 -1.29 -5.03
N VAL A 41 -1.26 -0.18 -4.94
CA VAL A 41 -2.66 -0.22 -4.59
C VAL A 41 -3.50 -0.36 -5.85
N ARG A 42 -4.12 -1.51 -6.00
CA ARG A 42 -4.94 -1.80 -7.17
C ARG A 42 -6.41 -1.55 -6.89
N ASP A 43 -7.23 -1.60 -7.92
CA ASP A 43 -8.65 -1.35 -7.78
C ASP A 43 -9.44 -2.66 -7.83
N THR A 44 -10.76 -2.53 -7.94
CA THR A 44 -11.66 -3.68 -7.98
C THR A 44 -11.40 -4.57 -9.21
N GLU A 45 -10.80 -4.00 -10.25
CA GLU A 45 -10.48 -4.75 -11.45
C GLU A 45 -9.08 -5.36 -11.32
N GLY A 46 -8.23 -4.70 -10.56
CA GLY A 46 -6.87 -5.16 -10.41
C GLY A 46 -5.87 -4.29 -11.15
N ARG A 47 -6.29 -3.08 -11.46
CA ARG A 47 -5.44 -2.12 -12.13
C ARG A 47 -4.68 -1.29 -11.12
N MET A 48 -3.42 -0.96 -11.43
CA MET A 48 -2.62 -0.15 -10.55
C MET A 48 -3.12 1.29 -10.52
N VAL A 49 -3.63 1.69 -9.37
CA VAL A 49 -4.12 3.05 -9.18
C VAL A 49 -3.06 3.91 -8.49
N TRP A 50 -2.29 3.28 -7.62
CA TRP A 50 -1.29 3.99 -6.83
C TRP A 50 -0.16 3.03 -6.45
N ARG A 51 1.00 3.59 -6.14
CA ARG A 51 2.14 2.79 -5.72
C ARG A 51 3.11 3.66 -4.92
N ALA A 52 3.76 3.04 -3.95
CA ALA A 52 4.76 3.71 -3.13
C ALA A 52 5.75 2.67 -2.61
N TRP A 53 6.97 3.09 -2.32
CA TRP A 53 7.97 2.15 -1.84
C TRP A 53 7.75 1.82 -0.36
N ASN A 54 8.42 2.58 0.50
CA ASN A 54 8.35 2.37 1.94
C ASN A 54 9.13 3.44 2.69
N PHE A 55 10.26 3.84 2.14
CA PHE A 55 11.21 4.69 2.86
C PHE A 55 10.87 6.18 2.73
N GLU A 56 10.02 6.53 1.78
CA GLU A 56 9.65 7.92 1.57
C GLU A 56 8.95 8.48 2.82
N PRO A 57 9.31 9.71 3.22
CA PRO A 57 8.74 10.35 4.42
C PRO A 57 7.26 10.69 4.28
N ASP A 58 6.67 10.29 3.16
CA ASP A 58 5.26 10.51 2.91
C ASP A 58 4.62 9.28 2.29
N ALA A 59 5.35 8.15 2.29
CA ALA A 59 4.89 6.96 1.58
C ALA A 59 3.57 6.46 2.14
N GLY A 60 3.49 6.44 3.46
CA GLY A 60 2.29 6.01 4.12
C GLY A 60 1.13 6.97 3.90
N GLU A 61 1.44 8.25 3.73
CA GLU A 61 0.39 9.24 3.55
C GLU A 61 -0.24 9.07 2.16
N GLY A 62 0.55 8.60 1.22
CA GLY A 62 0.04 8.34 -0.12
C GLY A 62 -0.92 7.19 -0.11
N LEU A 63 -0.57 6.15 0.63
CA LEU A 63 -1.44 4.99 0.80
C LEU A 63 -2.71 5.39 1.53
N ASN A 64 -2.56 6.13 2.63
CA ASN A 64 -3.69 6.64 3.39
C ASN A 64 -4.54 7.59 2.55
N ARG A 65 -3.90 8.25 1.59
CA ARG A 65 -4.58 9.18 0.71
C ARG A 65 -5.57 8.42 -0.18
N TYR A 66 -5.17 7.23 -0.62
CA TYR A 66 -6.07 6.36 -1.36
C TYR A 66 -7.15 5.82 -0.44
N ILE A 67 -6.73 5.29 0.70
CA ILE A 67 -7.62 4.74 1.72
C ILE A 67 -8.69 5.75 2.15
N ARG A 68 -8.30 7.01 2.19
CA ARG A 68 -9.16 8.11 2.65
C ARG A 68 -10.54 8.11 1.98
N THR A 69 -10.59 7.66 0.73
CA THR A 69 -11.83 7.63 -0.03
C THR A 69 -12.90 6.83 0.71
N SER A 70 -12.46 5.74 1.32
CA SER A 70 -13.32 4.78 1.99
C SER A 70 -12.52 3.52 2.31
N GLY A 71 -11.64 3.16 1.38
CA GLY A 71 -10.84 1.97 1.55
C GLY A 71 -11.56 0.71 1.10
N ILE A 72 -10.81 -0.25 0.58
CA ILE A 72 -11.40 -1.49 0.09
C ILE A 72 -11.61 -2.47 1.26
N ARG A 73 -11.36 -1.99 2.48
CA ARG A 73 -11.57 -2.78 3.68
C ARG A 73 -13.03 -3.18 3.84
N THR A 74 -13.91 -2.38 3.24
CA THR A 74 -15.32 -2.69 3.19
C THR A 74 -15.53 -4.01 2.46
N ASP A 75 -14.51 -4.36 1.66
CA ASP A 75 -14.50 -5.53 0.79
C ASP A 75 -15.62 -5.51 -0.23
N GLY A 10 4.19 8.61 7.86
CA GLY A 10 5.04 8.72 6.68
C GLY A 10 5.55 7.37 6.20
N PRO A 11 6.85 7.08 6.36
CA PRO A 11 7.42 5.80 5.96
C PRO A 11 6.91 4.64 6.83
N PHE A 12 6.94 3.45 6.26
CA PHE A 12 6.43 2.27 6.94
C PHE A 12 7.46 1.15 6.99
N THR A 13 7.02 -0.03 7.44
CA THR A 13 7.84 -1.23 7.40
C THR A 13 7.06 -2.33 6.68
N ARG A 14 7.68 -3.49 6.47
CA ARG A 14 6.96 -4.62 5.90
C ARG A 14 5.88 -5.08 6.87
N ARG A 15 6.22 -5.17 8.15
CA ARG A 15 5.27 -5.58 9.16
C ARG A 15 4.03 -4.68 9.15
N GLN A 16 4.27 -3.37 9.12
CA GLN A 16 3.18 -2.41 9.08
C GLN A 16 2.39 -2.57 7.79
N ALA A 17 3.11 -2.59 6.67
CA ALA A 17 2.50 -2.75 5.36
C ALA A 17 1.65 -4.02 5.28
N GLN A 18 2.23 -5.14 5.71
CA GLN A 18 1.58 -6.44 5.67
C GLN A 18 0.23 -6.40 6.40
N ALA A 19 0.19 -5.68 7.52
CA ALA A 19 -1.04 -5.55 8.29
C ALA A 19 -2.11 -4.76 7.53
N VAL A 20 -1.68 -3.90 6.61
CA VAL A 20 -2.60 -3.00 5.93
C VAL A 20 -3.07 -3.69 4.68
N THR A 21 -2.32 -4.70 4.31
CA THR A 21 -2.57 -5.45 3.12
C THR A 21 -3.43 -6.64 3.50
N THR A 22 -3.27 -7.02 4.74
CA THR A 22 -4.20 -7.91 5.39
C THR A 22 -5.55 -7.22 5.52
N THR A 23 -5.49 -5.92 5.75
CA THR A 23 -6.69 -5.10 5.83
C THR A 23 -7.28 -4.87 4.44
N TYR A 24 -6.49 -4.34 3.51
CA TYR A 24 -6.96 -4.10 2.17
C TYR A 24 -6.19 -4.99 1.20
N SER A 25 -6.84 -6.06 0.75
CA SER A 25 -6.23 -7.00 -0.19
C SER A 25 -6.04 -6.39 -1.57
N ASN A 26 -6.56 -5.18 -1.74
CA ASN A 26 -6.36 -4.43 -2.97
C ASN A 26 -4.98 -3.78 -2.97
N ILE A 27 -4.31 -3.85 -1.83
CA ILE A 27 -2.92 -3.42 -1.73
C ILE A 27 -2.02 -4.61 -2.08
N THR A 28 -0.79 -4.34 -2.49
CA THR A 28 0.11 -5.42 -2.84
C THR A 28 1.57 -5.01 -2.64
N LEU A 29 2.33 -5.85 -1.96
CA LEU A 29 3.73 -5.57 -1.68
C LEU A 29 4.61 -6.11 -2.80
N GLU A 30 5.20 -5.21 -3.57
CA GLU A 30 6.04 -5.60 -4.69
C GLU A 30 7.43 -5.00 -4.58
N ASP A 31 8.33 -5.46 -5.45
CA ASP A 31 9.73 -5.02 -5.46
C ASP A 31 10.41 -5.40 -4.15
N ASP A 32 9.93 -6.50 -3.55
CA ASP A 32 10.45 -6.96 -2.27
C ASP A 32 11.93 -7.35 -2.37
N GLN A 33 12.78 -6.44 -1.93
CA GLN A 33 14.20 -6.66 -1.88
C GLN A 33 14.66 -6.70 -0.42
N GLY A 34 13.72 -6.39 0.47
CA GLY A 34 14.02 -6.32 1.89
C GLY A 34 13.54 -5.01 2.49
N SER A 35 14.46 -4.10 2.72
CA SER A 35 14.10 -2.75 3.12
C SER A 35 13.66 -1.96 1.90
N HIS A 36 14.05 -2.44 0.73
CA HIS A 36 13.59 -1.88 -0.52
C HIS A 36 12.36 -2.64 -1.01
N PHE A 37 11.26 -1.93 -1.16
CA PHE A 37 10.03 -2.48 -1.69
C PHE A 37 9.01 -1.37 -1.86
N ARG A 38 7.94 -1.64 -2.59
CA ARG A 38 6.91 -0.64 -2.82
C ARG A 38 5.53 -1.29 -2.82
N LEU A 39 4.56 -0.58 -2.26
CA LEU A 39 3.20 -1.09 -2.21
C LEU A 39 2.39 -0.57 -3.37
N VAL A 40 1.88 -1.49 -4.15
CA VAL A 40 1.04 -1.16 -5.29
C VAL A 40 -0.42 -1.31 -4.90
N VAL A 41 -1.14 -0.20 -4.91
CA VAL A 41 -2.54 -0.19 -4.51
C VAL A 41 -3.43 -0.27 -5.74
N ARG A 42 -4.21 -1.32 -5.81
CA ARG A 42 -5.09 -1.56 -6.94
C ARG A 42 -6.53 -1.20 -6.58
N ASP A 43 -7.38 -1.15 -7.58
CA ASP A 43 -8.79 -0.87 -7.37
C ASP A 43 -9.58 -2.16 -7.29
N THR A 44 -10.90 -2.04 -7.34
CA THR A 44 -11.79 -3.19 -7.24
C THR A 44 -11.62 -4.16 -8.41
N GLU A 45 -11.15 -3.67 -9.56
CA GLU A 45 -11.02 -4.52 -10.72
C GLU A 45 -9.59 -5.05 -10.85
N GLY A 46 -8.69 -4.47 -10.07
CA GLY A 46 -7.30 -4.91 -10.09
C GLY A 46 -6.40 -3.95 -10.84
N ARG A 47 -6.90 -2.75 -11.08
CA ARG A 47 -6.14 -1.71 -11.75
C ARG A 47 -5.15 -1.09 -10.79
N MET A 48 -3.88 -1.02 -11.17
CA MET A 48 -2.89 -0.38 -10.31
C MET A 48 -3.09 1.12 -10.37
N VAL A 49 -3.73 1.66 -9.36
CA VAL A 49 -4.08 3.07 -9.34
C VAL A 49 -2.95 3.89 -8.76
N TRP A 50 -2.23 3.31 -7.81
CA TRP A 50 -1.21 4.05 -7.08
C TRP A 50 -0.15 3.09 -6.56
N ARG A 51 1.08 3.58 -6.43
CA ARG A 51 2.15 2.81 -5.83
C ARG A 51 3.22 3.75 -5.28
N ALA A 52 3.77 3.39 -4.13
CA ALA A 52 4.79 4.21 -3.49
C ALA A 52 5.84 3.34 -2.83
N TRP A 53 7.04 3.88 -2.69
CA TRP A 53 8.15 3.15 -2.08
C TRP A 53 8.00 3.08 -0.56
N ASN A 54 9.07 2.68 0.07
CA ASN A 54 9.11 2.50 1.51
C ASN A 54 9.86 3.64 2.20
N PHE A 55 10.96 4.04 1.58
CA PHE A 55 11.85 5.05 2.16
C PHE A 55 11.37 6.47 1.89
N GLU A 56 10.15 6.60 1.38
CA GLU A 56 9.58 7.91 1.13
C GLU A 56 9.08 8.52 2.43
N PRO A 57 9.43 9.79 2.69
CA PRO A 57 9.10 10.48 3.94
C PRO A 57 7.60 10.49 4.25
N ASP A 58 6.78 10.29 3.24
CA ASP A 58 5.34 10.21 3.43
C ASP A 58 4.74 9.07 2.62
N ALA A 59 5.47 7.94 2.55
CA ALA A 59 5.09 6.82 1.71
C ALA A 59 3.67 6.36 2.03
N GLY A 60 3.43 6.10 3.30
CA GLY A 60 2.14 5.60 3.72
C GLY A 60 1.05 6.63 3.56
N GLU A 61 1.40 7.91 3.65
CA GLU A 61 0.40 8.96 3.59
C GLU A 61 -0.21 9.03 2.18
N GLY A 62 0.61 8.79 1.17
CA GLY A 62 0.11 8.72 -0.19
C GLY A 62 -0.78 7.50 -0.40
N LEU A 63 -0.34 6.38 0.15
CA LEU A 63 -1.12 5.15 0.11
C LEU A 63 -2.45 5.37 0.84
N ASN A 64 -2.38 5.94 2.03
CA ASN A 64 -3.58 6.25 2.82
C ASN A 64 -4.45 7.26 2.10
N ARG A 65 -3.82 8.12 1.30
CA ARG A 65 -4.54 9.11 0.52
C ARG A 65 -5.53 8.43 -0.41
N TYR A 66 -5.11 7.31 -0.99
CA TYR A 66 -6.00 6.48 -1.79
C TYR A 66 -6.94 5.67 -0.90
N ILE A 67 -6.37 5.04 0.13
CA ILE A 67 -7.12 4.20 1.06
C ILE A 67 -8.32 4.93 1.65
N ARG A 68 -8.10 6.16 2.08
CA ARG A 68 -9.12 6.97 2.74
C ARG A 68 -10.34 7.16 1.85
N THR A 69 -10.13 7.30 0.55
CA THR A 69 -11.21 7.57 -0.37
C THR A 69 -11.58 6.34 -1.19
N SER A 70 -11.22 5.17 -0.70
CA SER A 70 -11.57 3.93 -1.39
C SER A 70 -12.00 2.86 -0.40
N GLY A 71 -11.10 2.56 0.54
CA GLY A 71 -11.31 1.50 1.52
C GLY A 71 -11.95 0.24 0.92
N ILE A 72 -11.17 -0.56 0.22
CA ILE A 72 -11.73 -1.69 -0.55
C ILE A 72 -11.97 -2.91 0.36
N ARG A 73 -11.76 -2.74 1.66
CA ARG A 73 -11.94 -3.83 2.61
C ARG A 73 -13.41 -4.10 2.89
N THR A 74 -14.06 -3.12 3.52
CA THR A 74 -15.46 -3.20 3.89
C THR A 74 -16.34 -3.26 2.65
N ASP A 75 -15.68 -3.04 1.51
CA ASP A 75 -16.34 -2.86 0.23
C ASP A 75 -17.18 -1.59 0.20
#